data_8P33
# 
_entry.id   8P33 
# 
_audit_conform.dict_name       mmcif_pdbx.dic 
_audit_conform.dict_version    5.381 
_audit_conform.dict_location   http://mmcif.pdb.org/dictionaries/ascii/mmcif_pdbx.dic 
# 
loop_
_database_2.database_id 
_database_2.database_code 
_database_2.pdbx_database_accession 
_database_2.pdbx_DOI 
PDB   8P33         pdb_00008p33 10.2210/pdb8p33/pdb 
WWPDB D_1292130574 ?            ?                   
# 
_pdbx_database_status.status_code                     REL 
_pdbx_database_status.status_code_sf                  REL 
_pdbx_database_status.status_code_mr                  ? 
_pdbx_database_status.entry_id                        8P33 
_pdbx_database_status.recvd_initial_deposition_date   2023-05-16 
_pdbx_database_status.SG_entry                        N 
_pdbx_database_status.deposit_site                    PDBE 
_pdbx_database_status.process_site                    PDBE 
_pdbx_database_status.status_code_cs                  ? 
_pdbx_database_status.status_code_nmr_data            ? 
_pdbx_database_status.methods_development_category    ? 
_pdbx_database_status.pdb_format_compatible           Y 
# 
loop_
_audit_author.name 
_audit_author.pdbx_ordinal 
_audit_author.identifier_ORCID 
'Brangulis, K.'  1  0000-0003-0757-7462 
'Foor, S.D.'     2  ?                   
'Shakya, A.K.'   3  ?                   
'Rana, V.S.'     4  ?                   
'Bista, S.'      5  ?                   
'Kitsou, C.'     6  ?                   
'Ronzetti, M.'   7  ?                   
'Linden, S.B.'   8  ?                   
'Altieri, A.S.'  9  ?                   
'Akopjana, I.'   10 ?                   
'Baljinnyam, B.' 11 ?                   
'Nelson, D.C.'   12 ?                   
'Simeonov, A.'   13 ?                   
'Herzberg, O.'   14 ?                   
'Caimano, M.J.'  15 ?                   
'Pal, U.'        16 ?                   
# 
_citation.abstract                  ? 
_citation.abstract_id_CAS           ? 
_citation.book_id_ISBN              ? 
_citation.book_publisher            ? 
_citation.book_publisher_city       ? 
_citation.book_title                ? 
_citation.coordinate_linkage        ? 
_citation.country                   US 
_citation.database_id_Medline       ? 
_citation.details                   ? 
_citation.id                        primary 
_citation.journal_abbrev            Mbio 
_citation.journal_id_ASTM           ? 
_citation.journal_id_CSD            ? 
_citation.journal_id_ISSN           2150-7511 
_citation.journal_full              ? 
_citation.journal_issue             ? 
_citation.journal_volume            14 
_citation.language                  ? 
_citation.page_first                e0213523 
_citation.page_last                 e0213523 
_citation.title                     'A unique borrelial protein facilitates microbial immune evasion.' 
_citation.year                      2023 
_citation.database_id_CSD           ? 
_citation.pdbx_database_id_DOI      10.1128/mbio.02135-23 
_citation.pdbx_database_id_PubMed   37830812 
_citation.pdbx_database_id_patent   ? 
_citation.unpublished_flag          ? 
# 
loop_
_citation_author.citation_id 
_citation_author.name 
_citation_author.ordinal 
_citation_author.identifier_ORCID 
primary 'Foor, S.D.'     1  ?                   
primary 'Brangulis, K.'  2  ?                   
primary 'Shakya, A.K.'   3  ?                   
primary 'Rana, V.S.'     4  ?                   
primary 'Bista, S.'      5  ?                   
primary 'Kitsou, C.'     6  ?                   
primary 'Ronzetti, M.'   7  ?                   
primary 'Alreja, A.B.'   8  ?                   
primary 'Linden, S.B.'   9  ?                   
primary 'Altieri, A.S.'  10 ?                   
primary 'Baljinnyam, B.' 11 ?                   
primary 'Akopjana, I.'   12 ?                   
primary 'Nelson, D.C.'   13 0000-0003-3248-4831 
primary 'Simeonov, A.'   14 ?                   
primary 'Herzberg, O.'   15 0000-0003-2823-7627 
primary 'Caimano, M.J.'  16 0000-0003-1170-4102 
primary 'Pal, U.'        17 0000-0002-7504-4628 
# 
_cell.angle_alpha                  90.000 
_cell.angle_alpha_esd              ? 
_cell.angle_beta                   90.000 
_cell.angle_beta_esd               ? 
_cell.angle_gamma                  90.000 
_cell.angle_gamma_esd              ? 
_cell.entry_id                     8P33 
_cell.details                      ? 
_cell.formula_units_Z              ? 
_cell.length_a                     55.549 
_cell.length_a_esd                 ? 
_cell.length_b                     55.549 
_cell.length_b_esd                 ? 
_cell.length_c                     95.164 
_cell.length_c_esd                 ? 
_cell.volume                       ? 
_cell.volume_esd                   ? 
_cell.Z_PDB                        8 
_cell.reciprocal_angle_alpha       ? 
_cell.reciprocal_angle_beta        ? 
_cell.reciprocal_angle_gamma       ? 
_cell.reciprocal_angle_alpha_esd   ? 
_cell.reciprocal_angle_beta_esd    ? 
_cell.reciprocal_angle_gamma_esd   ? 
_cell.reciprocal_length_a          ? 
_cell.reciprocal_length_b          ? 
_cell.reciprocal_length_c          ? 
_cell.reciprocal_length_a_esd      ? 
_cell.reciprocal_length_b_esd      ? 
_cell.reciprocal_length_c_esd      ? 
_cell.pdbx_unique_axis             ? 
_cell.pdbx_esd_method              ? 
# 
_symmetry.entry_id                         8P33 
_symmetry.cell_setting                     ? 
_symmetry.Int_Tables_number                96 
_symmetry.space_group_name_Hall            ? 
_symmetry.space_group_name_H-M             'P 43 21 2' 
_symmetry.pdbx_full_space_group_name_H-M   ? 
# 
loop_
_entity.id 
_entity.type 
_entity.src_method 
_entity.pdbx_description 
_entity.formula_weight 
_entity.pdbx_number_of_molecules 
_entity.pdbx_ec 
_entity.pdbx_mutation 
_entity.pdbx_fragment 
_entity.details 
1 polymer man BB0238 16368.254 1  ? ? ? 
'First 4 residues (GAMG) are remnants from the expression tag after TEV protease cleavage.' 
2 water   nat water  18.015    30 ? ? ? ? 
# 
_entity_poly.entity_id                      1 
_entity_poly.type                           'polypeptide(L)' 
_entity_poly.nstd_linkage                   no 
_entity_poly.nstd_monomer                   no 
_entity_poly.pdbx_seq_one_letter_code       
;GAMGAPKIEYIAQRERSKNQDKIIKFQFGKFARALISRNFDLFDSVIADKVNVMGQFESKNDFISTLSSASSKADADELE
YLSVDDYYDLKSLKISKSNDTSFAVNVNAKKNDVTKNFPFWKERQTLIFTTEDDNNWFLSSIN
;
_entity_poly.pdbx_seq_one_letter_code_can   
;GAMGAPKIEYIAQRERSKNQDKIIKFQFGKFARALISRNFDLFDSVIADKVNVMGQFESKNDFISTLSSASSKADADELE
YLSVDDYYDLKSLKISKSNDTSFAVNVNAKKNDVTKNFPFWKERQTLIFTTEDDNNWFLSSIN
;
_entity_poly.pdbx_strand_id                 D 
_entity_poly.pdbx_target_identifier         ? 
# 
loop_
_entity_poly_seq.entity_id 
_entity_poly_seq.num 
_entity_poly_seq.mon_id 
_entity_poly_seq.hetero 
1 1   GLY n 
1 2   ALA n 
1 3   MET n 
1 4   GLY n 
1 5   ALA n 
1 6   PRO n 
1 7   LYS n 
1 8   ILE n 
1 9   GLU n 
1 10  TYR n 
1 11  ILE n 
1 12  ALA n 
1 13  GLN n 
1 14  ARG n 
1 15  GLU n 
1 16  ARG n 
1 17  SER n 
1 18  LYS n 
1 19  ASN n 
1 20  GLN n 
1 21  ASP n 
1 22  LYS n 
1 23  ILE n 
1 24  ILE n 
1 25  LYS n 
1 26  PHE n 
1 27  GLN n 
1 28  PHE n 
1 29  GLY n 
1 30  LYS n 
1 31  PHE n 
1 32  ALA n 
1 33  ARG n 
1 34  ALA n 
1 35  LEU n 
1 36  ILE n 
1 37  SER n 
1 38  ARG n 
1 39  ASN n 
1 40  PHE n 
1 41  ASP n 
1 42  LEU n 
1 43  PHE n 
1 44  ASP n 
1 45  SER n 
1 46  VAL n 
1 47  ILE n 
1 48  ALA n 
1 49  ASP n 
1 50  LYS n 
1 51  VAL n 
1 52  ASN n 
1 53  VAL n 
1 54  MET n 
1 55  GLY n 
1 56  GLN n 
1 57  PHE n 
1 58  GLU n 
1 59  SER n 
1 60  LYS n 
1 61  ASN n 
1 62  ASP n 
1 63  PHE n 
1 64  ILE n 
1 65  SER n 
1 66  THR n 
1 67  LEU n 
1 68  SER n 
1 69  SER n 
1 70  ALA n 
1 71  SER n 
1 72  SER n 
1 73  LYS n 
1 74  ALA n 
1 75  ASP n 
1 76  ALA n 
1 77  ASP n 
1 78  GLU n 
1 79  LEU n 
1 80  GLU n 
1 81  TYR n 
1 82  LEU n 
1 83  SER n 
1 84  VAL n 
1 85  ASP n 
1 86  ASP n 
1 87  TYR n 
1 88  TYR n 
1 89  ASP n 
1 90  LEU n 
1 91  LYS n 
1 92  SER n 
1 93  LEU n 
1 94  LYS n 
1 95  ILE n 
1 96  SER n 
1 97  LYS n 
1 98  SER n 
1 99  ASN n 
1 100 ASP n 
1 101 THR n 
1 102 SER n 
1 103 PHE n 
1 104 ALA n 
1 105 VAL n 
1 106 ASN n 
1 107 VAL n 
1 108 ASN n 
1 109 ALA n 
1 110 LYS n 
1 111 LYS n 
1 112 ASN n 
1 113 ASP n 
1 114 VAL n 
1 115 THR n 
1 116 LYS n 
1 117 ASN n 
1 118 PHE n 
1 119 PRO n 
1 120 PHE n 
1 121 TRP n 
1 122 LYS n 
1 123 GLU n 
1 124 ARG n 
1 125 GLN n 
1 126 THR n 
1 127 LEU n 
1 128 ILE n 
1 129 PHE n 
1 130 THR n 
1 131 THR n 
1 132 GLU n 
1 133 ASP n 
1 134 ASP n 
1 135 ASN n 
1 136 ASN n 
1 137 TRP n 
1 138 PHE n 
1 139 LEU n 
1 140 SER n 
1 141 SER n 
1 142 ILE n 
1 143 ASN n 
# 
_entity_src_gen.entity_id                          1 
_entity_src_gen.pdbx_src_id                        1 
_entity_src_gen.pdbx_alt_source_flag               sample 
_entity_src_gen.pdbx_seq_type                      'Biological sequence' 
_entity_src_gen.pdbx_beg_seq_num                   1 
_entity_src_gen.pdbx_end_seq_num                   143 
_entity_src_gen.gene_src_common_name               ? 
_entity_src_gen.gene_src_genus                     ? 
_entity_src_gen.pdbx_gene_src_gene                 BB_0238 
_entity_src_gen.gene_src_species                   ? 
_entity_src_gen.gene_src_strain                    'ATCC 35210 / B31 / CIP 102532 / DSM 4680' 
_entity_src_gen.gene_src_tissue                    ? 
_entity_src_gen.gene_src_tissue_fraction           ? 
_entity_src_gen.gene_src_details                   ? 
_entity_src_gen.pdbx_gene_src_fragment             ? 
_entity_src_gen.pdbx_gene_src_scientific_name      'Borreliella burgdorferi B31' 
_entity_src_gen.pdbx_gene_src_ncbi_taxonomy_id     224326 
_entity_src_gen.pdbx_gene_src_variant              ? 
_entity_src_gen.pdbx_gene_src_cell_line            ? 
_entity_src_gen.pdbx_gene_src_atcc                 ? 
_entity_src_gen.pdbx_gene_src_organ                ? 
_entity_src_gen.pdbx_gene_src_organelle            ? 
_entity_src_gen.pdbx_gene_src_cell                 ? 
_entity_src_gen.pdbx_gene_src_cellular_location    ? 
_entity_src_gen.host_org_common_name               ? 
_entity_src_gen.pdbx_host_org_scientific_name      'Escherichia coli BL21(DE3)' 
_entity_src_gen.pdbx_host_org_ncbi_taxonomy_id     469008 
_entity_src_gen.host_org_genus                     ? 
_entity_src_gen.pdbx_host_org_gene                 ? 
_entity_src_gen.pdbx_host_org_organ                ? 
_entity_src_gen.host_org_species                   ? 
_entity_src_gen.pdbx_host_org_tissue               ? 
_entity_src_gen.pdbx_host_org_tissue_fraction      ? 
_entity_src_gen.pdbx_host_org_strain               ? 
_entity_src_gen.pdbx_host_org_variant              ? 
_entity_src_gen.pdbx_host_org_cell_line            ? 
_entity_src_gen.pdbx_host_org_atcc                 ? 
_entity_src_gen.pdbx_host_org_culture_collection   ? 
_entity_src_gen.pdbx_host_org_cell                 ? 
_entity_src_gen.pdbx_host_org_organelle            ? 
_entity_src_gen.pdbx_host_org_cellular_location    ? 
_entity_src_gen.pdbx_host_org_vector_type          ? 
_entity_src_gen.pdbx_host_org_vector               ? 
_entity_src_gen.host_org_details                   ? 
_entity_src_gen.expression_system_id               ? 
_entity_src_gen.plasmid_name                       ? 
_entity_src_gen.plasmid_details                    ? 
_entity_src_gen.pdbx_description                   ? 
# 
_struct_ref.id                         1 
_struct_ref.db_name                    UNP 
_struct_ref.db_code                    O51254_BORBU 
_struct_ref.pdbx_db_accession          O51254 
_struct_ref.pdbx_db_isoform            ? 
_struct_ref.entity_id                  1 
_struct_ref.pdbx_seq_one_letter_code   
;APKIEYIAQRERSKNQDKIIKFQFGKFARALISRNFDLFDSVIADKVNVMGQFESKNDFISTLSSASSKADADELEYLSV
DDYYDLKSLKISKSNDTSFAVNVNAKKNDVTKNFPFWKERQTLIFTTEDDNNWFLSSIN
;
_struct_ref.pdbx_align_begin           118 
# 
_struct_ref_seq.align_id                      1 
_struct_ref_seq.ref_id                        1 
_struct_ref_seq.pdbx_PDB_id_code              8P33 
_struct_ref_seq.pdbx_strand_id                D 
_struct_ref_seq.seq_align_beg                 5 
_struct_ref_seq.pdbx_seq_align_beg_ins_code   ? 
_struct_ref_seq.seq_align_end                 143 
_struct_ref_seq.pdbx_seq_align_end_ins_code   ? 
_struct_ref_seq.pdbx_db_accession             O51254 
_struct_ref_seq.db_align_beg                  118 
_struct_ref_seq.pdbx_db_align_beg_ins_code    ? 
_struct_ref_seq.db_align_end                  256 
_struct_ref_seq.pdbx_db_align_end_ins_code    ? 
_struct_ref_seq.pdbx_auth_seq_align_beg       118 
_struct_ref_seq.pdbx_auth_seq_align_end       256 
# 
loop_
_struct_ref_seq_dif.align_id 
_struct_ref_seq_dif.pdbx_pdb_id_code 
_struct_ref_seq_dif.mon_id 
_struct_ref_seq_dif.pdbx_pdb_strand_id 
_struct_ref_seq_dif.seq_num 
_struct_ref_seq_dif.pdbx_pdb_ins_code 
_struct_ref_seq_dif.pdbx_seq_db_name 
_struct_ref_seq_dif.pdbx_seq_db_accession_code 
_struct_ref_seq_dif.db_mon_id 
_struct_ref_seq_dif.pdbx_seq_db_seq_num 
_struct_ref_seq_dif.details 
_struct_ref_seq_dif.pdbx_auth_seq_num 
_struct_ref_seq_dif.pdbx_ordinal 
1 8P33 GLY D 1 ? UNP O51254 ? ? 'expression tag' 114 1 
1 8P33 ALA D 2 ? UNP O51254 ? ? 'expression tag' 115 2 
1 8P33 MET D 3 ? UNP O51254 ? ? 'expression tag' 116 3 
1 8P33 GLY D 4 ? UNP O51254 ? ? 'expression tag' 117 4 
# 
loop_
_chem_comp.id 
_chem_comp.type 
_chem_comp.mon_nstd_flag 
_chem_comp.name 
_chem_comp.pdbx_synonyms 
_chem_comp.formula 
_chem_comp.formula_weight 
ALA 'L-peptide linking' y ALANINE         ? 'C3 H7 N O2'     89.093  
ARG 'L-peptide linking' y ARGININE        ? 'C6 H15 N4 O2 1' 175.209 
ASN 'L-peptide linking' y ASPARAGINE      ? 'C4 H8 N2 O3'    132.118 
ASP 'L-peptide linking' y 'ASPARTIC ACID' ? 'C4 H7 N O4'     133.103 
GLN 'L-peptide linking' y GLUTAMINE       ? 'C5 H10 N2 O3'   146.144 
GLU 'L-peptide linking' y 'GLUTAMIC ACID' ? 'C5 H9 N O4'     147.129 
GLY 'peptide linking'   y GLYCINE         ? 'C2 H5 N O2'     75.067  
HOH non-polymer         . WATER           ? 'H2 O'           18.015  
ILE 'L-peptide linking' y ISOLEUCINE      ? 'C6 H13 N O2'    131.173 
LEU 'L-peptide linking' y LEUCINE         ? 'C6 H13 N O2'    131.173 
LYS 'L-peptide linking' y LYSINE          ? 'C6 H15 N2 O2 1' 147.195 
MET 'L-peptide linking' y METHIONINE      ? 'C5 H11 N O2 S'  149.211 
PHE 'L-peptide linking' y PHENYLALANINE   ? 'C9 H11 N O2'    165.189 
PRO 'L-peptide linking' y PROLINE         ? 'C5 H9 N O2'     115.130 
SER 'L-peptide linking' y SERINE          ? 'C3 H7 N O3'     105.093 
THR 'L-peptide linking' y THREONINE       ? 'C4 H9 N O3'     119.119 
TRP 'L-peptide linking' y TRYPTOPHAN      ? 'C11 H12 N2 O2'  204.225 
TYR 'L-peptide linking' y TYROSINE        ? 'C9 H11 N O3'    181.189 
VAL 'L-peptide linking' y VALINE          ? 'C5 H11 N O2'    117.146 
# 
_exptl.absorpt_coefficient_mu     ? 
_exptl.absorpt_correction_T_max   ? 
_exptl.absorpt_correction_T_min   ? 
_exptl.absorpt_correction_type    ? 
_exptl.absorpt_process_details    ? 
_exptl.entry_id                   8P33 
_exptl.crystals_number            1 
_exptl.details                    ? 
_exptl.method                     'X-RAY DIFFRACTION' 
_exptl.method_details             ? 
# 
_exptl_crystal.colour                       ? 
_exptl_crystal.density_diffrn               ? 
_exptl_crystal.density_Matthews             2.25 
_exptl_crystal.density_method               ? 
_exptl_crystal.density_percent_sol          45.38 
_exptl_crystal.description                  ? 
_exptl_crystal.F_000                        ? 
_exptl_crystal.id                           1 
_exptl_crystal.preparation                  ? 
_exptl_crystal.size_max                     ? 
_exptl_crystal.size_mid                     ? 
_exptl_crystal.size_min                     ? 
_exptl_crystal.size_rad                     ? 
_exptl_crystal.colour_lustre                ? 
_exptl_crystal.colour_modifier              ? 
_exptl_crystal.colour_primary               ? 
_exptl_crystal.density_meas                 ? 
_exptl_crystal.density_meas_esd             ? 
_exptl_crystal.density_meas_gt              ? 
_exptl_crystal.density_meas_lt              ? 
_exptl_crystal.density_meas_temp            ? 
_exptl_crystal.density_meas_temp_esd        ? 
_exptl_crystal.density_meas_temp_gt         ? 
_exptl_crystal.density_meas_temp_lt         ? 
_exptl_crystal.pdbx_crystal_image_url       ? 
_exptl_crystal.pdbx_crystal_image_format    ? 
_exptl_crystal.pdbx_mosaicity               ? 
_exptl_crystal.pdbx_mosaicity_esd           ? 
_exptl_crystal.pdbx_mosaic_method           ? 
_exptl_crystal.pdbx_mosaic_block_size       ? 
_exptl_crystal.pdbx_mosaic_block_size_esd   ? 
# 
_exptl_crystal_grow.apparatus       ? 
_exptl_crystal_grow.atmosphere      ? 
_exptl_crystal_grow.crystal_id      1 
_exptl_crystal_grow.details         ? 
_exptl_crystal_grow.method          'VAPOR DIFFUSION, SITTING DROP' 
_exptl_crystal_grow.method_ref      ? 
_exptl_crystal_grow.pH              7.0 
_exptl_crystal_grow.pressure        ? 
_exptl_crystal_grow.pressure_esd    ? 
_exptl_crystal_grow.seeding         ? 
_exptl_crystal_grow.seeding_ref     ? 
_exptl_crystal_grow.temp_details    ? 
_exptl_crystal_grow.temp_esd        ? 
_exptl_crystal_grow.time            ? 
_exptl_crystal_grow.pdbx_details    '1.8 M D,L-malic acid pH 7.0' 
_exptl_crystal_grow.pdbx_pH_range   ? 
_exptl_crystal_grow.temp            294 
# 
_diffrn.ambient_environment              ? 
_diffrn.ambient_temp                     100 
_diffrn.ambient_temp_details             ? 
_diffrn.ambient_temp_esd                 ? 
_diffrn.crystal_id                       1 
_diffrn.crystal_support                  ? 
_diffrn.crystal_treatment                ? 
_diffrn.details                          ? 
_diffrn.id                               1 
_diffrn.ambient_pressure                 ? 
_diffrn.ambient_pressure_esd             ? 
_diffrn.ambient_pressure_gt              ? 
_diffrn.ambient_pressure_lt              ? 
_diffrn.ambient_temp_gt                  ? 
_diffrn.ambient_temp_lt                  ? 
_diffrn.pdbx_serial_crystal_experiment   N 
# 
_diffrn_detector.details                      ? 
_diffrn_detector.detector                     PIXEL 
_diffrn_detector.diffrn_id                    1 
_diffrn_detector.type                         'DECTRIS PILATUS3 S 6M' 
_diffrn_detector.area_resol_mean              ? 
_diffrn_detector.dtime                        ? 
_diffrn_detector.pdbx_frames_total            ? 
_diffrn_detector.pdbx_collection_time_total   ? 
_diffrn_detector.pdbx_collection_date         2021-06-17 
_diffrn_detector.pdbx_frequency               ? 
_diffrn_detector.id                           ? 
_diffrn_detector.number_of_axes               ? 
# 
_diffrn_radiation.collimation                      ? 
_diffrn_radiation.diffrn_id                        1 
_diffrn_radiation.filter_edge                      ? 
_diffrn_radiation.inhomogeneity                    ? 
_diffrn_radiation.monochromator                    ? 
_diffrn_radiation.polarisn_norm                    ? 
_diffrn_radiation.polarisn_ratio                   ? 
_diffrn_radiation.probe                            ? 
_diffrn_radiation.type                             ? 
_diffrn_radiation.xray_symbol                      ? 
_diffrn_radiation.wavelength_id                    1 
_diffrn_radiation.pdbx_monochromatic_or_laue_m_l   M 
_diffrn_radiation.pdbx_wavelength_list             ? 
_diffrn_radiation.pdbx_wavelength                  ? 
_diffrn_radiation.pdbx_diffrn_protocol             'SINGLE WAVELENGTH' 
_diffrn_radiation.pdbx_analyzer                    ? 
_diffrn_radiation.pdbx_scattering_type             x-ray 
# 
_diffrn_radiation_wavelength.id           1 
_diffrn_radiation_wavelength.wavelength   0.9184 
_diffrn_radiation_wavelength.wt           1.0 
# 
_diffrn_source.current                     ? 
_diffrn_source.details                     ? 
_diffrn_source.diffrn_id                   1 
_diffrn_source.power                       ? 
_diffrn_source.size                        ? 
_diffrn_source.source                      SYNCHROTRON 
_diffrn_source.target                      ? 
_diffrn_source.type                        'BESSY BEAMLINE 14.1' 
_diffrn_source.voltage                     ? 
_diffrn_source.take-off_angle              ? 
_diffrn_source.pdbx_wavelength_list        0.9184 
_diffrn_source.pdbx_wavelength             ? 
_diffrn_source.pdbx_synchrotron_beamline   14.1 
_diffrn_source.pdbx_synchrotron_site       BESSY 
# 
_reflns.B_iso_Wilson_estimate                          ? 
_reflns.entry_id                                       8P33 
_reflns.data_reduction_details                         ? 
_reflns.data_reduction_method                          ? 
_reflns.d_resolution_high                              2.10 
_reflns.d_resolution_low                               47.97 
_reflns.details                                        ? 
_reflns.limit_h_max                                    ? 
_reflns.limit_h_min                                    ? 
_reflns.limit_k_max                                    ? 
_reflns.limit_k_min                                    ? 
_reflns.limit_l_max                                    ? 
_reflns.limit_l_min                                    ? 
_reflns.number_all                                     ? 
_reflns.number_obs                                     9268 
_reflns.observed_criterion                             ? 
_reflns.observed_criterion_F_max                       ? 
_reflns.observed_criterion_F_min                       ? 
_reflns.observed_criterion_I_max                       ? 
_reflns.observed_criterion_I_min                       ? 
_reflns.observed_criterion_sigma_F                     ? 
_reflns.observed_criterion_sigma_I                     ? 
_reflns.percent_possible_obs                           100 
_reflns.R_free_details                                 ? 
_reflns.Rmerge_F_all                                   ? 
_reflns.Rmerge_F_obs                                   ? 
_reflns.Friedel_coverage                               ? 
_reflns.number_gt                                      ? 
_reflns.threshold_expression                           ? 
_reflns.pdbx_redundancy                                7.0 
_reflns.pdbx_netI_over_av_sigmaI                       ? 
_reflns.pdbx_netI_over_sigmaI                          28.8 
_reflns.pdbx_res_netI_over_av_sigmaI_2                 ? 
_reflns.pdbx_res_netI_over_sigmaI_2                    ? 
_reflns.pdbx_chi_squared                               ? 
_reflns.pdbx_scaling_rejects                           ? 
_reflns.pdbx_d_res_high_opt                            ? 
_reflns.pdbx_d_res_low_opt                             ? 
_reflns.pdbx_d_res_opt_method                          ? 
_reflns.phase_calculation_details                      ? 
_reflns.pdbx_Rrim_I_all                                ? 
_reflns.pdbx_Rpim_I_all                                ? 
_reflns.pdbx_d_opt                                     ? 
_reflns.pdbx_number_measured_all                       ? 
_reflns.pdbx_diffrn_id                                 1 
_reflns.pdbx_ordinal                                   1 
_reflns.pdbx_CC_half                                   1.000 
_reflns.pdbx_CC_star                                   ? 
_reflns.pdbx_R_split                                   ? 
_reflns.pdbx_Rmerge_I_obs                              0.027 
_reflns.pdbx_Rmerge_I_all                              ? 
_reflns.pdbx_Rsym_value                                ? 
_reflns.pdbx_CC_split_method                           ? 
_reflns.pdbx_aniso_diffraction_limit_axis_1_ortho[1]   ? 
_reflns.pdbx_aniso_diffraction_limit_axis_1_ortho[2]   ? 
_reflns.pdbx_aniso_diffraction_limit_axis_1_ortho[3]   ? 
_reflns.pdbx_aniso_diffraction_limit_axis_2_ortho[1]   ? 
_reflns.pdbx_aniso_diffraction_limit_axis_2_ortho[2]   ? 
_reflns.pdbx_aniso_diffraction_limit_axis_2_ortho[3]   ? 
_reflns.pdbx_aniso_diffraction_limit_axis_3_ortho[1]   ? 
_reflns.pdbx_aniso_diffraction_limit_axis_3_ortho[2]   ? 
_reflns.pdbx_aniso_diffraction_limit_axis_3_ortho[3]   ? 
_reflns.pdbx_aniso_diffraction_limit_1                 ? 
_reflns.pdbx_aniso_diffraction_limit_2                 ? 
_reflns.pdbx_aniso_diffraction_limit_3                 ? 
_reflns.pdbx_aniso_B_tensor_eigenvector_1_ortho[1]     ? 
_reflns.pdbx_aniso_B_tensor_eigenvector_1_ortho[2]     ? 
_reflns.pdbx_aniso_B_tensor_eigenvector_1_ortho[3]     ? 
_reflns.pdbx_aniso_B_tensor_eigenvector_2_ortho[1]     ? 
_reflns.pdbx_aniso_B_tensor_eigenvector_2_ortho[2]     ? 
_reflns.pdbx_aniso_B_tensor_eigenvector_2_ortho[3]     ? 
_reflns.pdbx_aniso_B_tensor_eigenvector_3_ortho[1]     ? 
_reflns.pdbx_aniso_B_tensor_eigenvector_3_ortho[2]     ? 
_reflns.pdbx_aniso_B_tensor_eigenvector_3_ortho[3]     ? 
_reflns.pdbx_aniso_B_tensor_eigenvalue_1               ? 
_reflns.pdbx_aniso_B_tensor_eigenvalue_2               ? 
_reflns.pdbx_aniso_B_tensor_eigenvalue_3               ? 
_reflns.pdbx_orthogonalization_convention              ? 
_reflns.pdbx_percent_possible_ellipsoidal              ? 
_reflns.pdbx_percent_possible_spherical                ? 
_reflns.pdbx_percent_possible_ellipsoidal_anomalous    ? 
_reflns.pdbx_percent_possible_spherical_anomalous      ? 
_reflns.pdbx_redundancy_anomalous                      ? 
_reflns.pdbx_CC_half_anomalous                         ? 
_reflns.pdbx_absDiff_over_sigma_anomalous              ? 
_reflns.pdbx_percent_possible_anomalous                ? 
_reflns.pdbx_observed_signal_threshold                 ? 
_reflns.pdbx_signal_type                               ? 
_reflns.pdbx_signal_details                            ? 
_reflns.pdbx_signal_software_id                        ? 
# 
_reflns_shell.d_res_high                                    2.10 
_reflns_shell.d_res_low                                     2.16 
_reflns_shell.meanI_over_sigI_all                           ? 
_reflns_shell.meanI_over_sigI_obs                           3.8 
_reflns_shell.number_measured_all                           ? 
_reflns_shell.number_measured_obs                           ? 
_reflns_shell.number_possible                               ? 
_reflns_shell.number_unique_all                             ? 
_reflns_shell.number_unique_obs                             752 
_reflns_shell.percent_possible_obs                          ? 
_reflns_shell.Rmerge_F_all                                  ? 
_reflns_shell.Rmerge_F_obs                                  ? 
_reflns_shell.meanI_over_sigI_gt                            ? 
_reflns_shell.meanI_over_uI_all                             ? 
_reflns_shell.meanI_over_uI_gt                              ? 
_reflns_shell.number_measured_gt                            ? 
_reflns_shell.number_unique_gt                              ? 
_reflns_shell.percent_possible_gt                           ? 
_reflns_shell.Rmerge_F_gt                                   ? 
_reflns_shell.Rmerge_I_gt                                   ? 
_reflns_shell.pdbx_redundancy                               ? 
_reflns_shell.pdbx_chi_squared                              ? 
_reflns_shell.pdbx_netI_over_sigmaI_all                     ? 
_reflns_shell.pdbx_netI_over_sigmaI_obs                     ? 
_reflns_shell.pdbx_Rrim_I_all                               ? 
_reflns_shell.pdbx_Rpim_I_all                               ? 
_reflns_shell.pdbx_rejects                                  ? 
_reflns_shell.pdbx_ordinal                                  1 
_reflns_shell.pdbx_diffrn_id                                1 
_reflns_shell.pdbx_CC_half                                  0.957 
_reflns_shell.pdbx_CC_star                                  ? 
_reflns_shell.pdbx_R_split                                  ? 
_reflns_shell.percent_possible_all                          ? 
_reflns_shell.Rmerge_I_all                                  ? 
_reflns_shell.Rmerge_I_obs                                  0.322 
_reflns_shell.pdbx_Rsym_value                               ? 
_reflns_shell.pdbx_percent_possible_ellipsoidal             ? 
_reflns_shell.pdbx_percent_possible_spherical               ? 
_reflns_shell.pdbx_percent_possible_ellipsoidal_anomalous   ? 
_reflns_shell.pdbx_percent_possible_spherical_anomalous     ? 
_reflns_shell.pdbx_redundancy_anomalous                     ? 
_reflns_shell.pdbx_CC_half_anomalous                        ? 
_reflns_shell.pdbx_absDiff_over_sigma_anomalous             ? 
_reflns_shell.pdbx_percent_possible_anomalous               ? 
# 
_refine.aniso_B[1][1]                            0.0000 
_refine.aniso_B[1][2]                            -0.0000 
_refine.aniso_B[1][3]                            -0.0000 
_refine.aniso_B[2][2]                            0.0000 
_refine.aniso_B[2][3]                            -0.0000 
_refine.aniso_B[3][3]                            -0.0100 
_refine.B_iso_max                                110.900 
_refine.B_iso_mean                               54.2010 
_refine.B_iso_min                                34.360 
_refine.correlation_coeff_Fo_to_Fc               0.9650 
_refine.correlation_coeff_Fo_to_Fc_free          0.9160 
_refine.details                                  
'HYDROGENS HAVE BEEN ADDED IN THE RIDING POSITIONS U VALUES      : REFINED INDIVIDUALLY' 
_refine.diff_density_max                         ? 
_refine.diff_density_max_esd                     ? 
_refine.diff_density_min                         ? 
_refine.diff_density_min_esd                     ? 
_refine.diff_density_rms                         ? 
_refine.diff_density_rms_esd                     ? 
_refine.entry_id                                 8P33 
_refine.pdbx_refine_id                           'X-RAY DIFFRACTION' 
_refine.ls_abs_structure_details                 ? 
_refine.ls_abs_structure_Flack                   ? 
_refine.ls_abs_structure_Flack_esd               ? 
_refine.ls_abs_structure_Rogers                  ? 
_refine.ls_abs_structure_Rogers_esd              ? 
_refine.ls_d_res_high                            2.1000 
_refine.ls_d_res_low                             39.3100 
_refine.ls_extinction_coef                       ? 
_refine.ls_extinction_coef_esd                   ? 
_refine.ls_extinction_expression                 ? 
_refine.ls_extinction_method                     ? 
_refine.ls_goodness_of_fit_all                   ? 
_refine.ls_goodness_of_fit_all_esd               ? 
_refine.ls_goodness_of_fit_obs                   ? 
_refine.ls_goodness_of_fit_obs_esd               ? 
_refine.ls_hydrogen_treatment                    ? 
_refine.ls_matrix_type                           ? 
_refine.ls_number_constraints                    ? 
_refine.ls_number_parameters                     ? 
_refine.ls_number_reflns_all                     ? 
_refine.ls_number_reflns_obs                     8783 
_refine.ls_number_reflns_R_free                  444 
_refine.ls_number_reflns_R_work                  ? 
_refine.ls_number_restraints                     ? 
_refine.ls_percent_reflns_obs                    99.9200 
_refine.ls_percent_reflns_R_free                 4.8000 
_refine.ls_R_factor_all                          ? 
_refine.ls_R_factor_obs                          0.2124 
_refine.ls_R_factor_R_free                       0.2974 
_refine.ls_R_factor_R_free_error                 ? 
_refine.ls_R_factor_R_free_error_details         ? 
_refine.ls_R_factor_R_work                       0.2083 
_refine.ls_R_Fsqd_factor_obs                     ? 
_refine.ls_R_I_factor_obs                        ? 
_refine.ls_redundancy_reflns_all                 ? 
_refine.ls_redundancy_reflns_obs                 ? 
_refine.ls_restrained_S_all                      ? 
_refine.ls_restrained_S_obs                      ? 
_refine.ls_shift_over_esd_max                    ? 
_refine.ls_shift_over_esd_mean                   ? 
_refine.ls_structure_factor_coef                 ? 
_refine.ls_weighting_details                     ? 
_refine.ls_weighting_scheme                      ? 
_refine.ls_wR_factor_all                         ? 
_refine.ls_wR_factor_obs                         ? 
_refine.ls_wR_factor_R_free                      ? 
_refine.ls_wR_factor_R_work                      ? 
_refine.occupancy_max                            ? 
_refine.occupancy_min                            ? 
_refine.solvent_model_details                    MASK 
_refine.solvent_model_param_bsol                 ? 
_refine.solvent_model_param_ksol                 ? 
_refine.pdbx_R_complete                          ? 
_refine.ls_R_factor_gt                           ? 
_refine.ls_goodness_of_fit_gt                    ? 
_refine.ls_goodness_of_fit_ref                   ? 
_refine.ls_shift_over_su_max                     ? 
_refine.ls_shift_over_su_max_lt                  ? 
_refine.ls_shift_over_su_mean                    ? 
_refine.ls_shift_over_su_mean_lt                 ? 
_refine.pdbx_ls_sigma_I                          ? 
_refine.pdbx_ls_sigma_F                          0.000 
_refine.pdbx_ls_sigma_Fsqd                       ? 
_refine.pdbx_data_cutoff_high_absF               ? 
_refine.pdbx_data_cutoff_high_rms_absF           ? 
_refine.pdbx_data_cutoff_low_absF                ? 
_refine.pdbx_isotropic_thermal_model             ? 
_refine.pdbx_ls_cross_valid_method               THROUGHOUT 
_refine.pdbx_method_to_determine_struct          'MOLECULAR REPLACEMENT' 
_refine.pdbx_starting_model                      7ZXH 
_refine.pdbx_stereochemistry_target_values       'MAXIMUM LIKELIHOOD' 
_refine.pdbx_R_Free_selection_details            RANDOM 
_refine.pdbx_stereochem_target_val_spec_case     ? 
_refine.pdbx_overall_ESU_R                       0.2120 
_refine.pdbx_overall_ESU_R_Free                  0.2190 
_refine.pdbx_solvent_vdw_probe_radii             1.2000 
_refine.pdbx_solvent_ion_probe_radii             0.8000 
_refine.pdbx_solvent_shrinkage_radii             0.8000 
_refine.pdbx_real_space_R                        ? 
_refine.pdbx_density_correlation                 ? 
_refine.pdbx_pd_number_of_powder_patterns        ? 
_refine.pdbx_pd_number_of_points                 ? 
_refine.pdbx_pd_meas_number_of_points            ? 
_refine.pdbx_pd_proc_ls_prof_R_factor            ? 
_refine.pdbx_pd_proc_ls_prof_wR_factor           ? 
_refine.pdbx_pd_Marquardt_correlation_coeff      ? 
_refine.pdbx_pd_Fsqrd_R_factor                   ? 
_refine.pdbx_pd_ls_matrix_band_width             ? 
_refine.pdbx_overall_phase_error                 ? 
_refine.pdbx_overall_SU_R_free_Cruickshank_DPI   ? 
_refine.pdbx_overall_SU_R_free_Blow_DPI          ? 
_refine.pdbx_overall_SU_R_Blow_DPI               ? 
_refine.pdbx_TLS_residual_ADP_flag               ? 
_refine.pdbx_diffrn_id                           1 
_refine.overall_SU_B                             6.3420 
_refine.overall_SU_ML                            0.1660 
_refine.overall_SU_R_Cruickshank_DPI             ? 
_refine.overall_SU_R_free                        ? 
_refine.overall_FOM_free_R_set                   ? 
_refine.overall_FOM_work_R_set                   ? 
_refine.pdbx_average_fsc_overall                 ? 
_refine.pdbx_average_fsc_work                    ? 
_refine.pdbx_average_fsc_free                    ? 
# 
_refine_hist.pdbx_refine_id                   'X-RAY DIFFRACTION' 
_refine_hist.cycle_id                         final 
_refine_hist.details                          ? 
_refine_hist.d_res_high                       2.1000 
_refine_hist.d_res_low                        39.3100 
_refine_hist.number_atoms_solvent             30 
_refine_hist.number_atoms_total               1045 
_refine_hist.number_reflns_all                ? 
_refine_hist.number_reflns_obs                ? 
_refine_hist.number_reflns_R_free             ? 
_refine_hist.number_reflns_R_work             ? 
_refine_hist.R_factor_all                     ? 
_refine_hist.R_factor_obs                     ? 
_refine_hist.R_factor_R_free                  ? 
_refine_hist.R_factor_R_work                  ? 
_refine_hist.pdbx_number_residues_total       125 
_refine_hist.pdbx_B_iso_mean_ligand           ? 
_refine_hist.pdbx_B_iso_mean_solvent          58.18 
_refine_hist.pdbx_number_atoms_protein        1015 
_refine_hist.pdbx_number_atoms_nucleic_acid   0 
_refine_hist.pdbx_number_atoms_ligand         0 
_refine_hist.pdbx_number_atoms_lipid          ? 
_refine_hist.pdbx_number_atoms_carb           ? 
_refine_hist.pdbx_pseudo_atom_details         ? 
# 
loop_
_refine_ls_restr.pdbx_refine_id 
_refine_ls_restr.criterion 
_refine_ls_restr.dev_ideal 
_refine_ls_restr.dev_ideal_target 
_refine_ls_restr.number 
_refine_ls_restr.rejects 
_refine_ls_restr.type 
_refine_ls_restr.weight 
_refine_ls_restr.pdbx_restraint_function 
'X-RAY DIFFRACTION' ? 0.008  0.013  1034 ? r_bond_refined_d       ? ? 
'X-RAY DIFFRACTION' ? 0.001  0.016  960  ? r_bond_other_d         ? ? 
'X-RAY DIFFRACTION' ? 1.517  1.629  1393 ? r_angle_refined_deg    ? ? 
'X-RAY DIFFRACTION' ? 1.296  1.599  2212 ? r_angle_other_deg      ? ? 
'X-RAY DIFFRACTION' ? 6.788  5.000  124  ? r_dihedral_angle_1_deg ? ? 
'X-RAY DIFFRACTION' ? 39.827 25.000 58   ? r_dihedral_angle_2_deg ? ? 
'X-RAY DIFFRACTION' ? 16.777 15.000 187  ? r_dihedral_angle_3_deg ? ? 
'X-RAY DIFFRACTION' ? 13.511 15.000 3    ? r_dihedral_angle_4_deg ? ? 
'X-RAY DIFFRACTION' ? 0.063  0.200  137  ? r_chiral_restr         ? ? 
'X-RAY DIFFRACTION' ? 0.008  0.020  1184 ? r_gen_planes_refined   ? ? 
'X-RAY DIFFRACTION' ? 0.001  0.020  254  ? r_gen_planes_other     ? ? 
# 
_refine_ls_shell.pdbx_refine_id                   'X-RAY DIFFRACTION' 
_refine_ls_shell.d_res_high                       2.1000 
_refine_ls_shell.d_res_low                        2.1550 
_refine_ls_shell.number_reflns_all                668 
_refine_ls_shell.number_reflns_obs                ? 
_refine_ls_shell.number_reflns_R_free             41 
_refine_ls_shell.number_reflns_R_work             627 
_refine_ls_shell.percent_reflns_obs               99.8500 
_refine_ls_shell.percent_reflns_R_free            ? 
_refine_ls_shell.R_factor_all                     ? 
_refine_ls_shell.R_factor_obs                     ? 
_refine_ls_shell.R_factor_R_free_error            0.0000 
_refine_ls_shell.R_factor_R_work                  0.2500 
_refine_ls_shell.redundancy_reflns_all            ? 
_refine_ls_shell.redundancy_reflns_obs            ? 
_refine_ls_shell.wR_factor_all                    ? 
_refine_ls_shell.wR_factor_obs                    ? 
_refine_ls_shell.wR_factor_R_free                 ? 
_refine_ls_shell.wR_factor_R_work                 ? 
_refine_ls_shell.pdbx_R_complete                  ? 
_refine_ls_shell.pdbx_total_number_of_bins_used   20 
_refine_ls_shell.pdbx_phase_error                 ? 
_refine_ls_shell.pdbx_fsc_work                    ? 
_refine_ls_shell.pdbx_fsc_free                    ? 
_refine_ls_shell.R_factor_R_free                  0.2980 
# 
_struct.entry_id                     8P33 
_struct.title                        'BB0238 from Borrelia burgdorferi' 
_struct.pdbx_model_details           ? 
_struct.pdbx_formula_weight          ? 
_struct.pdbx_formula_weight_method   ? 
_struct.pdbx_model_type_details      ? 
_struct.pdbx_CASP_flag               N 
# 
_struct_keywords.entry_id        8P33 
_struct_keywords.text            'Lyme disease, borreliosis, outer surface protein, immune evasion, MEMBRANE PROTEIN' 
_struct_keywords.pdbx_keywords   'MEMBRANE PROTEIN' 
# 
loop_
_struct_asym.id 
_struct_asym.pdbx_blank_PDB_chainid_flag 
_struct_asym.pdbx_modified 
_struct_asym.entity_id 
_struct_asym.details 
A N N 1 ? 
B N N 2 ? 
# 
loop_
_struct_conf.conf_type_id 
_struct_conf.id 
_struct_conf.pdbx_PDB_helix_id 
_struct_conf.beg_label_comp_id 
_struct_conf.beg_label_asym_id 
_struct_conf.beg_label_seq_id 
_struct_conf.pdbx_beg_PDB_ins_code 
_struct_conf.end_label_comp_id 
_struct_conf.end_label_asym_id 
_struct_conf.end_label_seq_id 
_struct_conf.pdbx_end_PDB_ins_code 
_struct_conf.beg_auth_comp_id 
_struct_conf.beg_auth_asym_id 
_struct_conf.beg_auth_seq_id 
_struct_conf.end_auth_comp_id 
_struct_conf.end_auth_asym_id 
_struct_conf.end_auth_seq_id 
_struct_conf.pdbx_PDB_helix_class 
_struct_conf.details 
_struct_conf.pdbx_PDB_helix_length 
HELX_P HELX_P1 AA1 ASN A 19  ? ARG A 38  ? ASN D 132 ARG D 151 1 ? 20 
HELX_P HELX_P2 AA2 LEU A 42  ? SER A 45  ? LEU D 155 SER D 158 5 ? 4  
HELX_P HELX_P3 AA3 LYS A 60  ? ALA A 74  ? LYS D 173 ALA D 187 1 ? 15 
HELX_P HELX_P4 AA4 SER A 83  ? ASP A 86  ? SER D 196 ASP D 199 5 ? 4  
HELX_P HELX_P5 AA5 VAL A 114 ? PHE A 118 ? VAL D 227 PHE D 231 5 ? 5  
# 
_struct_conf_type.id          HELX_P 
_struct_conf_type.criteria    ? 
_struct_conf_type.reference   ? 
# 
_struct_sheet.id               AA1 
_struct_sheet.type             ? 
_struct_sheet.number_strands   6 
_struct_sheet.details          ? 
# 
loop_
_struct_sheet_order.sheet_id 
_struct_sheet_order.range_id_1 
_struct_sheet_order.range_id_2 
_struct_sheet_order.offset 
_struct_sheet_order.sense 
AA1 1 2 ? anti-parallel 
AA1 2 3 ? parallel      
AA1 3 4 ? anti-parallel 
AA1 4 5 ? anti-parallel 
AA1 5 6 ? anti-parallel 
# 
loop_
_struct_sheet_range.sheet_id 
_struct_sheet_range.id 
_struct_sheet_range.beg_label_comp_id 
_struct_sheet_range.beg_label_asym_id 
_struct_sheet_range.beg_label_seq_id 
_struct_sheet_range.pdbx_beg_PDB_ins_code 
_struct_sheet_range.end_label_comp_id 
_struct_sheet_range.end_label_asym_id 
_struct_sheet_range.end_label_seq_id 
_struct_sheet_range.pdbx_end_PDB_ins_code 
_struct_sheet_range.beg_auth_comp_id 
_struct_sheet_range.beg_auth_asym_id 
_struct_sheet_range.beg_auth_seq_id 
_struct_sheet_range.end_auth_comp_id 
_struct_sheet_range.end_auth_asym_id 
_struct_sheet_range.end_auth_seq_id 
AA1 1 GLN A 56  ? SER A 59  ? GLN D 169 SER D 172 
AA1 2 ILE A 47  ? VAL A 53  ? ILE D 160 VAL D 166 
AA1 3 TRP A 137 ? ASN A 143 ? TRP D 250 ASN D 256 
AA1 4 ARG A 124 ? THR A 131 ? ARG D 237 THR D 244 
AA1 5 SER A 102 ? ALA A 109 ? SER D 215 ALA D 222 
AA1 6 TYR A 88  ? ASN A 99  ? TYR D 201 ASN D 212 
# 
loop_
_pdbx_struct_sheet_hbond.sheet_id 
_pdbx_struct_sheet_hbond.range_id_1 
_pdbx_struct_sheet_hbond.range_id_2 
_pdbx_struct_sheet_hbond.range_1_label_atom_id 
_pdbx_struct_sheet_hbond.range_1_label_comp_id 
_pdbx_struct_sheet_hbond.range_1_label_asym_id 
_pdbx_struct_sheet_hbond.range_1_label_seq_id 
_pdbx_struct_sheet_hbond.range_1_PDB_ins_code 
_pdbx_struct_sheet_hbond.range_1_auth_atom_id 
_pdbx_struct_sheet_hbond.range_1_auth_comp_id 
_pdbx_struct_sheet_hbond.range_1_auth_asym_id 
_pdbx_struct_sheet_hbond.range_1_auth_seq_id 
_pdbx_struct_sheet_hbond.range_2_label_atom_id 
_pdbx_struct_sheet_hbond.range_2_label_comp_id 
_pdbx_struct_sheet_hbond.range_2_label_asym_id 
_pdbx_struct_sheet_hbond.range_2_label_seq_id 
_pdbx_struct_sheet_hbond.range_2_PDB_ins_code 
_pdbx_struct_sheet_hbond.range_2_auth_atom_id 
_pdbx_struct_sheet_hbond.range_2_auth_comp_id 
_pdbx_struct_sheet_hbond.range_2_auth_asym_id 
_pdbx_struct_sheet_hbond.range_2_auth_seq_id 
AA1 1 2 O GLN A 56  ? O GLN D 169 N VAL A 53  ? N VAL D 166 
AA1 2 3 N ALA A 48  ? N ALA D 161 O LEU A 139 ? O LEU D 252 
AA1 3 4 O SER A 140 ? O SER D 253 N ILE A 128 ? N ILE D 241 
AA1 4 5 O LEU A 127 ? O LEU D 240 N VAL A 105 ? N VAL D 218 
AA1 5 6 O ALA A 104 ? O ALA D 217 N SER A 96  ? N SER D 209 
# 
_atom_sites.entry_id                    8P33 
_atom_sites.Cartn_transf_matrix[1][1]   ? 
_atom_sites.Cartn_transf_matrix[1][2]   ? 
_atom_sites.Cartn_transf_matrix[1][3]   ? 
_atom_sites.Cartn_transf_matrix[2][1]   ? 
_atom_sites.Cartn_transf_matrix[2][2]   ? 
_atom_sites.Cartn_transf_matrix[2][3]   ? 
_atom_sites.Cartn_transf_matrix[3][1]   ? 
_atom_sites.Cartn_transf_matrix[3][2]   ? 
_atom_sites.Cartn_transf_matrix[3][3]   ? 
_atom_sites.Cartn_transf_vector[1]      ? 
_atom_sites.Cartn_transf_vector[2]      ? 
_atom_sites.Cartn_transf_vector[3]      ? 
_atom_sites.fract_transf_matrix[1][1]   -0.00480295 
_atom_sites.fract_transf_matrix[1][2]   -0.00893705 
_atom_sites.fract_transf_matrix[1][3]   -0.01487053 
_atom_sites.fract_transf_matrix[2][1]   -0.00566123 
_atom_sites.fract_transf_matrix[2][2]   -0.01377796 
_atom_sites.fract_transf_matrix[2][3]   0.01010892 
_atom_sites.fract_transf_matrix[3][1]   -0.00957279 
_atom_sites.fract_transf_matrix[3][2]   0.00430402 
_atom_sites.fract_transf_matrix[3][3]   0.00050518 
_atom_sites.fract_transf_vector[1]      -0.243160 
_atom_sites.fract_transf_vector[2]      -0.045365 
_atom_sites.fract_transf_vector[3]      -0.173129 
_atom_sites.solution_primary            ? 
_atom_sites.solution_secondary          ? 
_atom_sites.solution_hydrogens          ? 
_atom_sites.special_details             ? 
# 
loop_
_atom_type.symbol 
C 
N 
O 
S 
# 
loop_
_atom_site.group_PDB 
_atom_site.id 
_atom_site.type_symbol 
_atom_site.label_atom_id 
_atom_site.label_alt_id 
_atom_site.label_comp_id 
_atom_site.label_asym_id 
_atom_site.label_entity_id 
_atom_site.label_seq_id 
_atom_site.pdbx_PDB_ins_code 
_atom_site.Cartn_x 
_atom_site.Cartn_y 
_atom_site.Cartn_z 
_atom_site.occupancy 
_atom_site.B_iso_or_equiv 
_atom_site.pdbx_formal_charge 
_atom_site.auth_seq_id 
_atom_site.auth_comp_id 
_atom_site.auth_asym_id 
_atom_site.auth_atom_id 
_atom_site.pdbx_PDB_model_num 
ATOM   1    N N   . ASN A 1 19  ? 21.213  4.489   1.831   1.00 77.94  ? 132 ASN D N   1 
ATOM   2    C CA  . ASN A 1 19  ? 20.307  4.251   0.677   1.00 84.96  ? 132 ASN D CA  1 
ATOM   3    C C   . ASN A 1 19  ? 18.921  3.868   1.194   1.00 80.83  ? 132 ASN D C   1 
ATOM   4    O O   . ASN A 1 19  ? 18.540  2.701   1.029   1.00 89.41  ? 132 ASN D O   1 
ATOM   5    C CB  . ASN A 1 19  ? 20.856  3.172   -0.257  1.00 88.34  ? 132 ASN D CB  1 
ATOM   6    C CG  . ASN A 1 19  ? 20.950  1.813   0.401   1.00 92.72  ? 132 ASN D CG  1 
ATOM   7    O OD1 . ASN A 1 19  ? 20.120  1.466   1.237   1.00 88.96  ? 132 ASN D OD1 1 
ATOM   8    N ND2 . ASN A 1 19  ? 21.958  1.041   0.033   1.00 92.73  ? 132 ASN D ND2 1 
ATOM   9    N N   . GLN A 1 20  ? 18.211  4.814   1.806   1.00 78.80  ? 133 GLN D N   1 
ATOM   10   C CA  . GLN A 1 20  ? 16.884  4.510   2.398   1.00 78.15  ? 133 GLN D CA  1 
ATOM   11   C C   . GLN A 1 20  ? 15.890  4.312   1.259   1.00 76.61  ? 133 GLN D C   1 
ATOM   12   O O   . GLN A 1 20  ? 14.830  3.724   1.493   1.00 80.56  ? 133 GLN D O   1 
ATOM   13   C CB  . GLN A 1 20  ? 16.447  5.636   3.328   1.00 79.31  ? 133 GLN D CB  1 
ATOM   14   C CG  . GLN A 1 20  ? 17.344  5.818   4.542   1.00 82.64  ? 133 GLN D CG  1 
ATOM   15   C CD  . GLN A 1 20  ? 17.196  7.194   5.141   1.00 81.17  ? 133 GLN D CD  1 
ATOM   16   O OE1 . GLN A 1 20  ? 17.227  8.205   4.443   1.00 79.22  ? 133 GLN D OE1 1 
ATOM   17   N NE2 . GLN A 1 20  ? 17.033  7.242   6.452   1.00 85.14  ? 133 GLN D NE2 1 
ATOM   18   N N   . ASP A 1 21  ? 16.250  4.766   0.065   1.00 71.93  ? 134 ASP D N   1 
ATOM   19   C CA  . ASP A 1 21  ? 15.376  4.586   -1.114  1.00 74.16  ? 134 ASP D CA  1 
ATOM   20   C C   . ASP A 1 21  ? 15.066  3.095   -1.258  1.00 71.81  ? 134 ASP D C   1 
ATOM   21   O O   . ASP A 1 21  ? 13.915  2.761   -1.548  1.00 69.51  ? 134 ASP D O   1 
ATOM   22   C CB  . ASP A 1 21  ? 16.046  5.229   -2.331  1.00 86.55  ? 134 ASP D CB  1 
ATOM   23   C CG  . ASP A 1 21  ? 15.262  5.153   -3.630  1.00 96.68  ? 134 ASP D CG  1 
ATOM   24   O OD1 . ASP A 1 21  ? 14.176  5.760   -3.705  1.00 108.74 ? 134 ASP D OD1 1 
ATOM   25   O OD2 . ASP A 1 21  ? 15.733  4.457   -4.548  1.00 106.94 ? 134 ASP D OD2 1 
ATOM   26   N N   . LYS A 1 22  ? 16.057  2.235   -1.036  1.00 75.15  ? 135 LYS D N   1 
ATOM   27   C CA  . LYS A 1 22  ? 15.871  0.773   -1.216  1.00 69.68  ? 135 LYS D CA  1 
ATOM   28   C C   . LYS A 1 22  ? 15.009  0.199   -0.092  1.00 61.60  ? 135 LYS D C   1 
ATOM   29   O O   . LYS A 1 22  ? 14.260  -0.744  -0.354  1.00 70.44  ? 135 LYS D O   1 
ATOM   30   C CB  . LYS A 1 22  ? 17.237  0.091   -1.278  1.00 79.99  ? 135 LYS D CB  1 
ATOM   31   C CG  . LYS A 1 22  ? 18.133  0.540   -2.423  1.00 90.77  ? 135 LYS D CG  1 
ATOM   32   C CD  . LYS A 1 22  ? 17.583  0.209   -3.793  1.00 94.83  ? 135 LYS D CD  1 
ATOM   33   C CE  . LYS A 1 22  ? 18.510  0.591   -4.927  1.00 98.57  ? 135 LYS D CE  1 
ATOM   34   N NZ  . LYS A 1 22  ? 17.918  0.269   -6.247  1.00 103.01 ? 135 LYS D NZ  1 
ATOM   35   N N   . ILE A 1 23  ? 15.129  0.738   1.114   1.00 55.33  ? 136 ILE D N   1 
ATOM   36   C CA  . ILE A 1 23  ? 14.260  0.283   2.232   1.00 56.68  ? 136 ILE D CA  1 
ATOM   37   C C   . ILE A 1 23  ? 12.800  0.605   1.892   1.00 54.31  ? 136 ILE D C   1 
ATOM   38   O O   . ILE A 1 23  ? 11.927  -0.209  2.213   1.00 53.06  ? 136 ILE D O   1 
ATOM   39   C CB  . ILE A 1 23  ? 14.702  0.949   3.546   1.00 58.91  ? 136 ILE D CB  1 
ATOM   40   C CG1 . ILE A 1 23  ? 16.223  0.923   3.708   1.00 67.91  ? 136 ILE D CG1 1 
ATOM   41   C CG2 . ILE A 1 23  ? 13.992  0.322   4.734   1.00 61.51  ? 136 ILE D CG2 1 
ATOM   42   C CD1 . ILE A 1 23  ? 16.739  1.858   4.772   1.00 69.60  ? 136 ILE D CD1 1 
ATOM   43   N N   . ILE A 1 24  ? 12.554  1.765   1.288   1.00 53.71  ? 137 ILE D N   1 
ATOM   44   C CA  . ILE A 1 24  ? 11.171  2.192   0.922   1.00 52.63  ? 137 ILE D CA  1 
ATOM   45   C C   . ILE A 1 24  ? 10.649  1.282   -0.187  1.00 47.73  ? 137 ILE D C   1 
ATOM   46   O O   . ILE A 1 24  ? 9.486   0.882   -0.119  1.00 48.35  ? 137 ILE D O   1 
ATOM   47   C CB  . ILE A 1 24  ? 11.167  3.676   0.508   1.00 51.41  ? 137 ILE D CB  1 
ATOM   48   C CG1 . ILE A 1 24  ? 11.787  4.565   1.589   1.00 42.84  ? 137 ILE D CG1 1 
ATOM   49   C CG2 . ILE A 1 24  ? 9.764   4.129   0.145   1.00 50.95  ? 137 ILE D CG2 1 
ATOM   50   C CD1 . ILE A 1 24  ? 10.991  4.620   2.867   1.00 46.48  ? 137 ILE D CD1 1 
ATOM   51   N N   . LYS A 1 25  ? 11.500  0.964   -1.160  1.00 50.39  ? 138 LYS D N   1 
ATOM   52   C CA  . LYS A 1 25  ? 11.107  0.045   -2.253  1.00 56.62  ? 138 LYS D CA  1 
ATOM   53   C C   . LYS A 1 25  ? 10.770  -1.318  -1.646  1.00 54.59  ? 138 LYS D C   1 
ATOM   54   O O   . LYS A 1 25  ? 9.834   -1.954  -2.128  1.00 48.21  ? 138 LYS D O   1 
ATOM   55   C CB  . LYS A 1 25  ? 12.242  -0.061  -3.270  1.00 61.07  ? 138 LYS D CB  1 
ATOM   56   C CG  . LYS A 1 25  ? 11.833  -0.391  -4.696  1.00 65.95  ? 138 LYS D CG  1 
ATOM   57   C CD  . LYS A 1 25  ? 12.879  0.028   -5.703  1.00 74.92  ? 138 LYS D CD  1 
ATOM   58   C CE  . LYS A 1 25  ? 12.901  -0.839  -6.943  1.00 85.02  ? 138 LYS D CE  1 
ATOM   59   N NZ  . LYS A 1 25  ? 12.931  -0.023  -8.180  1.00 91.03  ? 138 LYS D NZ  1 
ATOM   60   N N   . PHE A 1 26  ? 11.518  -1.736  -0.629  1.00 52.36  ? 139 PHE D N   1 
ATOM   61   C CA  . PHE A 1 26  ? 11.243  -3.027  0.047   1.00 54.02  ? 139 PHE D CA  1 
ATOM   62   C C   . PHE A 1 26  ? 9.888   -2.970  0.748   1.00 49.05  ? 139 PHE D C   1 
ATOM   63   O O   . PHE A 1 26  ? 9.117   -3.924  0.625   1.00 54.64  ? 139 PHE D O   1 
ATOM   64   C CB  . PHE A 1 26  ? 12.318  -3.349  1.085   1.00 55.60  ? 139 PHE D CB  1 
ATOM   65   C CG  . PHE A 1 26  ? 12.047  -4.599  1.881   1.00 57.51  ? 139 PHE D CG  1 
ATOM   66   C CD1 . PHE A 1 26  ? 12.418  -5.842  1.397   1.00 62.18  ? 139 PHE D CD1 1 
ATOM   67   C CD2 . PHE A 1 26  ? 11.406  -4.536  3.107   1.00 62.52  ? 139 PHE D CD2 1 
ATOM   68   C CE1 . PHE A 1 26  ? 12.160  -6.992  2.124   1.00 59.29  ? 139 PHE D CE1 1 
ATOM   69   C CE2 . PHE A 1 26  ? 11.148  -5.687  3.832   1.00 65.41  ? 139 PHE D CE2 1 
ATOM   70   C CZ  . PHE A 1 26  ? 11.527  -6.913  3.341   1.00 59.58  ? 139 PHE D CZ  1 
ATOM   71   N N   . GLN A 1 27  ? 9.630   -1.884  1.465   1.00 42.05  ? 140 GLN D N   1 
ATOM   72   C CA  . GLN A 1 27  ? 8.361   -1.744  2.216   1.00 42.27  ? 140 GLN D CA  1 
ATOM   73   C C   . GLN A 1 27  ? 7.193   -1.663  1.225   1.00 38.05  ? 140 GLN D C   1 
ATOM   74   O O   . GLN A 1 27  ? 6.151   -2.255  1.519   1.00 39.83  ? 140 GLN D O   1 
ATOM   75   C CB  . GLN A 1 27  ? 8.467   -0.553  3.167   1.00 48.70  ? 140 GLN D CB  1 
ATOM   76   C CG  . GLN A 1 27  ? 9.391   -0.789  4.352   1.00 55.02  ? 140 GLN D CG  1 
ATOM   77   C CD  . GLN A 1 27  ? 8.852   -1.831  5.301   1.00 53.30  ? 140 GLN D CD  1 
ATOM   78   O OE1 . GLN A 1 27  ? 8.136   -1.524  6.249   1.00 46.28  ? 140 GLN D OE1 1 
ATOM   79   N NE2 . GLN A 1 27  ? 9.197   -3.080  5.048   1.00 63.59  ? 140 GLN D NE2 1 
ATOM   80   N N   . PHE A 1 28  ? 7.375   -0.986  0.092   1.00 40.15  ? 141 PHE D N   1 
ATOM   81   C CA  . PHE A 1 28  ? 6.324   -0.932  -0.956  1.00 40.05  ? 141 PHE D CA  1 
ATOM   82   C C   . PHE A 1 28  ? 6.149   -2.337  -1.522  1.00 44.45  ? 141 PHE D C   1 
ATOM   83   O O   . PHE A 1 28  ? 5.009   -2.777  -1.665  1.00 44.25  ? 141 PHE D O   1 
ATOM   84   C CB  . PHE A 1 28  ? 6.688   0.054   -2.064  1.00 42.10  ? 141 PHE D CB  1 
ATOM   85   C CG  . PHE A 1 28  ? 5.772   0.001   -3.257  1.00 39.42  ? 141 PHE D CG  1 
ATOM   86   C CD1 . PHE A 1 28  ? 4.500   0.545   -3.199  1.00 42.76  ? 141 PHE D CD1 1 
ATOM   87   C CD2 . PHE A 1 28  ? 6.169   -0.612  -4.433  1.00 39.56  ? 141 PHE D CD2 1 
ATOM   88   C CE1 . PHE A 1 28  ? 3.651   0.485   -4.292  1.00 39.22  ? 141 PHE D CE1 1 
ATOM   89   C CE2 . PHE A 1 28  ? 5.320   -0.671  -5.525  1.00 42.88  ? 141 PHE D CE2 1 
ATOM   90   C CZ  . PHE A 1 28  ? 4.062   -0.123  -5.453  1.00 42.06  ? 141 PHE D CZ  1 
ATOM   91   N N   . GLY A 1 29  ? 7.254   -2.982  -1.886  1.00 43.90  ? 142 GLY D N   1 
ATOM   92   C CA  . GLY A 1 29  ? 7.200   -4.392  -2.308  1.00 42.22  ? 142 GLY D CA  1 
ATOM   93   C C   . GLY A 1 29  ? 6.424   -5.259  -1.336  1.00 40.24  ? 142 GLY D C   1 
ATOM   94   O O   . GLY A 1 29  ? 5.639   -6.123  -1.784  1.00 42.51  ? 142 GLY D O   1 
ATOM   95   N N   . LYS A 1 30  ? 6.645   -5.080  -0.037  1.00 40.01  ? 143 LYS D N   1 
ATOM   96   C CA  . LYS A 1 30  ? 5.941   -5.869  1.011   1.00 45.61  ? 143 LYS D CA  1 
ATOM   97   C C   . LYS A 1 30  ? 4.434   -5.571  0.966   1.00 42.94  ? 143 LYS D C   1 
ATOM   98   O O   . LYS A 1 30  ? 3.616   -6.499  1.136   1.00 41.91  ? 143 LYS D O   1 
ATOM   99   C CB  . LYS A 1 30  ? 6.557   -5.562  2.374   1.00 49.86  ? 143 LYS D CB  1 
ATOM   100  C CG  . LYS A 1 30  ? 6.165   -6.539  3.464   1.00 59.50  ? 143 LYS D CG  1 
ATOM   101  C CD  . LYS A 1 30  ? 7.097   -6.542  4.646   1.00 63.92  ? 143 LYS D CD  1 
ATOM   102  C CE  . LYS A 1 30  ? 6.757   -7.680  5.580   1.00 72.90  ? 143 LYS D CE  1 
ATOM   103  N NZ  . LYS A 1 30  ? 7.550   -7.620  6.830   1.00 87.84  ? 143 LYS D NZ  1 
ATOM   104  N N   . PHE A 1 31  ? 4.069   -4.300  0.776   1.00 45.71  ? 144 PHE D N   1 
ATOM   105  C CA  . PHE A 1 31  ? 2.666   -3.845  0.596   1.00 38.65  ? 144 PHE D CA  1 
ATOM   106  C C   . PHE A 1 31  ? 2.071   -4.587  -0.599  1.00 37.34  ? 144 PHE D C   1 
ATOM   107  O O   . PHE A 1 31  ? 1.013   -5.246  -0.463  1.00 42.13  ? 144 PHE D O   1 
ATOM   108  C CB  . PHE A 1 31  ? 2.601   -2.327  0.399   1.00 39.72  ? 144 PHE D CB  1 
ATOM   109  C CG  . PHE A 1 31  ? 1.206   -1.782  0.245   1.00 39.99  ? 144 PHE D CG  1 
ATOM   110  C CD1 . PHE A 1 31  ? 0.432   -1.502  1.362   1.00 44.76  ? 144 PHE D CD1 1 
ATOM   111  C CD2 . PHE A 1 31  ? 0.666   -1.554  -1.002  1.00 43.54  ? 144 PHE D CD2 1 
ATOM   112  C CE1 . PHE A 1 31  ? -0.847  -0.981  1.236   1.00 43.60  ? 144 PHE D CE1 1 
ATOM   113  C CE2 . PHE A 1 31  ? -0.621  -1.045  -1.126  1.00 43.74  ? 144 PHE D CE2 1 
ATOM   114  C CZ  . PHE A 1 31  ? -1.367  -0.747  -0.008  1.00 36.95  ? 144 PHE D CZ  1 
ATOM   115  N N   . ALA A 1 32  ? 2.738   -4.515  -1.746  1.00 35.92  ? 145 ALA D N   1 
ATOM   116  C CA  . ALA A 1 32  ? 2.298   -5.180  -2.999  1.00 36.50  ? 145 ALA D CA  1 
ATOM   117  C C   . ALA A 1 32  ? 2.222   -6.695  -2.822  1.00 46.68  ? 145 ALA D C   1 
ATOM   118  O O   . ALA A 1 32  ? 1.286   -7.316  -3.394  1.00 48.42  ? 145 ALA D O   1 
ATOM   119  C CB  . ALA A 1 32  ? 3.246   -4.855  -4.119  1.00 40.16  ? 145 ALA D CB  1 
ATOM   120  N N   . ARG A 1 33  ? 3.215   -7.311  -2.173  1.00 44.12  ? 146 ARG D N   1 
ATOM   121  C CA  . ARG A 1 33  ? 3.214   -8.795  -2.017  1.00 42.57  ? 146 ARG D CA  1 
ATOM   122  C C   . ARG A 1 33  ? 2.019   -9.207  -1.171  1.00 41.25  ? 146 ARG D C   1 
ATOM   123  O O   . ARG A 1 33  ? 1.389   -10.263 -1.495  1.00 40.43  ? 146 ARG D O   1 
ATOM   124  C CB  . ARG A 1 33  ? 4.530   -9.312  -1.438  1.00 42.82  ? 146 ARG D CB  1 
ATOM   125  C CG  . ARG A 1 33  ? 5.662   -9.269  -2.453  1.00 44.83  ? 146 ARG D CG  1 
ATOM   126  C CD  . ARG A 1 33  ? 6.956   -9.926  -2.015  1.00 47.28  ? 146 ARG D CD  1 
ATOM   127  N NE  . ARG A 1 33  ? 7.763   -9.145  -1.100  1.00 49.01  ? 146 ARG D NE  1 
ATOM   128  C CZ  . ARG A 1 33  ? 7.918   -9.380  0.204   1.00 56.11  ? 146 ARG D CZ  1 
ATOM   129  N NH1 . ARG A 1 33  ? 7.283   -10.378 0.802   1.00 56.95  ? 146 ARG D NH1 1 
ATOM   130  N NH2 . ARG A 1 33  ? 8.726   -8.603  0.912   1.00 52.71  ? 146 ARG D NH2 1 
ATOM   131  N N   . ALA A 1 34  ? 1.701   -8.423  -0.134  1.00 41.99  ? 147 ALA D N   1 
ATOM   132  C CA  . ALA A 1 34  ? 0.508   -8.654  0.716   1.00 41.55  ? 147 ALA D CA  1 
ATOM   133  C C   . ALA A 1 34  ? -0.755  -8.614  -0.135  1.00 39.77  ? 147 ALA D C   1 
ATOM   134  O O   . ALA A 1 34  ? -1.590  -9.538  -0.034  1.00 46.51  ? 147 ALA D O   1 
ATOM   135  C CB  . ALA A 1 34  ? 0.465   -7.656  1.862   1.00 43.61  ? 147 ALA D CB  1 
ATOM   136  N N   . LEU A 1 35  ? -0.903  -7.589  -0.974  1.00 49.29  ? 148 LEU D N   1 
ATOM   137  C CA  . LEU A 1 35  ? -2.046  -7.461  -1.914  1.00 41.43  ? 148 LEU D CA  1 
ATOM   138  C C   . LEU A 1 35  ? -2.187  -8.725  -2.770  1.00 53.14  ? 148 LEU D C   1 
ATOM   139  O O   . LEU A 1 35  ? -3.251  -9.375  -2.725  1.00 49.53  ? 148 LEU D O   1 
ATOM   140  C CB  . LEU A 1 35  ? -1.831  -6.232  -2.802  1.00 50.13  ? 148 LEU D CB  1 
ATOM   141  C CG  . LEU A 1 35  ? -2.371  -4.904  -2.269  1.00 47.06  ? 148 LEU D CG  1 
ATOM   142  C CD1 . LEU A 1 35  ? -2.186  -3.813  -3.305  1.00 52.15  ? 148 LEU D CD1 1 
ATOM   143  C CD2 . LEU A 1 35  ? -3.839  -5.011  -1.892  1.00 43.31  ? 148 LEU D CD2 1 
ATOM   144  N N   . ILE A 1 36  ? -1.141  -9.093  -3.502  1.00 49.54  ? 149 ILE D N   1 
ATOM   145  C CA  . ILE A 1 36  ? -1.209  -10.157 -4.551  1.00 57.92  ? 149 ILE D CA  1 
ATOM   146  C C   . ILE A 1 36  ? -1.439  -11.515 -3.869  1.00 58.24  ? 149 ILE D C   1 
ATOM   147  O O   . ILE A 1 36  ? -2.273  -12.268 -4.349  1.00 60.68  ? 149 ILE D O   1 
ATOM   148  C CB  . ILE A 1 36  ? 0.068   -10.152 -5.421  1.00 60.99  ? 149 ILE D CB  1 
ATOM   149  C CG1 . ILE A 1 36  ? 0.266   -8.815  -6.135  1.00 67.18  ? 149 ILE D CG1 1 
ATOM   150  C CG2 . ILE A 1 36  ? 0.059   -11.298 -6.420  1.00 67.92  ? 149 ILE D CG2 1 
ATOM   151  C CD1 . ILE A 1 36  ? 1.687   -8.593  -6.607  1.00 75.35  ? 149 ILE D CD1 1 
ATOM   152  N N   . SER A 1 37  ? -0.723  -11.784 -2.775  1.00 53.39  ? 150 SER D N   1 
ATOM   153  C CA  . SER A 1 37  ? -0.790  -13.040 -1.987  1.00 50.20  ? 150 SER D CA  1 
ATOM   154  C C   . SER A 1 37  ? -2.092  -13.134 -1.197  1.00 53.79  ? 150 SER D C   1 
ATOM   155  O O   . SER A 1 37  ? -2.364  -14.243 -0.660  1.00 54.49  ? 150 SER D O   1 
ATOM   156  C CB  . SER A 1 37  ? 0.384   -13.147 -1.058  1.00 52.11  ? 150 SER D CB  1 
ATOM   157  O OG  . SER A 1 37  ? 0.267   -12.242 0.030   1.00 61.65  ? 150 SER D OG  1 
ATOM   158  N N   . ARG A 1 38  ? -2.818  -12.019 -1.041  1.00 60.35  ? 151 ARG D N   1 
ATOM   159  C CA  . ARG A 1 38  ? -4.022  -11.935 -0.163  1.00 59.88  ? 151 ARG D CA  1 
ATOM   160  C C   . ARG A 1 38  ? -3.665  -12.427 1.244   1.00 62.82  ? 151 ARG D C   1 
ATOM   161  O O   . ARG A 1 38  ? -4.557  -12.935 1.930   1.00 60.34  ? 151 ARG D O   1 
ATOM   162  C CB  . ARG A 1 38  ? -5.178  -12.757 -0.749  1.00 62.23  ? 151 ARG D CB  1 
ATOM   163  C CG  . ARG A 1 38  ? -5.874  -12.091 -1.928  1.00 66.31  ? 151 ARG D CG  1 
ATOM   164  C CD  . ARG A 1 38  ? -5.994  -12.957 -3.169  1.00 77.08  ? 151 ARG D CD  1 
ATOM   165  N NE  . ARG A 1 38  ? -6.552  -14.280 -2.906  1.00 81.52  ? 151 ARG D NE  1 
ATOM   166  C CZ  . ARG A 1 38  ? -6.749  -15.223 -3.828  1.00 81.58  ? 151 ARG D CZ  1 
ATOM   167  N NH1 . ARG A 1 38  ? -6.418  -15.007 -5.093  1.00 81.22  ? 151 ARG D NH1 1 
ATOM   168  N NH2 . ARG A 1 38  ? -7.268  -16.388 -3.471  1.00 75.05  ? 151 ARG D NH2 1 
ATOM   169  N N   . ASN A 1 39  ? -2.408  -12.302 1.670   1.00 59.72  ? 152 ASN D N   1 
ATOM   170  C CA  . ASN A 1 39  ? -2.038  -12.600 3.074   1.00 65.99  ? 152 ASN D CA  1 
ATOM   171  C C   . ASN A 1 39  ? -1.851  -11.263 3.790   1.00 60.42  ? 152 ASN D C   1 
ATOM   172  O O   . ASN A 1 39  ? -0.806  -10.600 3.602   1.00 57.99  ? 152 ASN D O   1 
ATOM   173  C CB  . ASN A 1 39  ? -0.820  -13.516 3.200   1.00 70.58  ? 152 ASN D CB  1 
ATOM   174  C CG  . ASN A 1 39  ? -0.138  -13.394 4.547   1.00 75.16  ? 152 ASN D CG  1 
ATOM   175  O OD1 . ASN A 1 39  ? -0.748  -13.665 5.589   1.00 71.83  ? 152 ASN D OD1 1 
ATOM   176  N ND2 . ASN A 1 39  ? 1.119   -12.966 4.534   1.00 72.84  ? 152 ASN D ND2 1 
ATOM   177  N N   . PHE A 1 40  ? -2.849  -10.872 4.574   1.00 61.67  ? 153 PHE D N   1 
ATOM   178  C CA  . PHE A 1 40  ? -2.848  -9.517  5.176   1.00 66.43  ? 153 PHE D CA  1 
ATOM   179  C C   . PHE A 1 40  ? -2.101  -9.484  6.504   1.00 64.77  ? 153 PHE D C   1 
ATOM   180  O O   . PHE A 1 40  ? -2.154  -8.461  7.188   1.00 58.15  ? 153 PHE D O   1 
ATOM   181  C CB  . PHE A 1 40  ? -4.301  -9.053  5.302   1.00 71.70  ? 153 PHE D CB  1 
ATOM   182  C CG  . PHE A 1 40  ? -5.064  -9.092  4.003   1.00 70.37  ? 153 PHE D CG  1 
ATOM   183  C CD1 . PHE A 1 40  ? -5.144  -7.973  3.196   1.00 59.99  ? 153 PHE D CD1 1 
ATOM   184  C CD2 . PHE A 1 40  ? -5.681  -10.256 3.576   1.00 75.43  ? 153 PHE D CD2 1 
ATOM   185  C CE1 . PHE A 1 40  ? -5.830  -8.011  1.994   1.00 65.15  ? 153 PHE D CE1 1 
ATOM   186  C CE2 . PHE A 1 40  ? -6.369  -10.294 2.374   1.00 70.99  ? 153 PHE D CE2 1 
ATOM   187  C CZ  . PHE A 1 40  ? -6.442  -9.171  1.586   1.00 74.46  ? 153 PHE D CZ  1 
ATOM   188  N N   . ASP A 1 41  ? -1.409  -10.567 6.827   1.00 65.58  ? 154 ASP D N   1 
ATOM   189  C CA  . ASP A 1 41  ? -0.614  -10.593 8.076   1.00 66.01  ? 154 ASP D CA  1 
ATOM   190  C C   . ASP A 1 41  ? 0.741   -9.936  7.798   1.00 59.31  ? 154 ASP D C   1 
ATOM   191  O O   . ASP A 1 41  ? 1.416   -9.551  8.758   1.00 56.76  ? 154 ASP D O   1 
ATOM   192  C CB  . ASP A 1 41  ? -0.531  -12.023 8.614   1.00 72.64  ? 154 ASP D CB  1 
ATOM   193  C CG  . ASP A 1 41  ? -1.788  -12.473 9.334   1.00 74.88  ? 154 ASP D CG  1 
ATOM   194  O OD1 . ASP A 1 41  ? -2.450  -11.617 9.946   1.00 76.46  ? 154 ASP D OD1 1 
ATOM   195  O OD2 . ASP A 1 41  ? -2.093  -13.677 9.276   1.00 82.94  ? 154 ASP D OD2 1 
ATOM   196  N N   . LEU A 1 42  ? 1.104   -9.807  6.524   1.00 57.57  ? 155 LEU D N   1 
ATOM   197  C CA  . LEU A 1 42  ? 2.382   -9.152  6.146   1.00 67.33  ? 155 LEU D CA  1 
ATOM   198  C C   . LEU A 1 42  ? 2.221   -7.637  6.246   1.00 63.99  ? 155 LEU D C   1 
ATOM   199  O O   . LEU A 1 42  ? 3.242   -6.942  6.231   1.00 55.08  ? 155 LEU D O   1 
ATOM   200  C CB  . LEU A 1 42  ? 2.722   -9.544  4.710   1.00 78.92  ? 155 LEU D CB  1 
ATOM   201  C CG  . LEU A 1 42  ? 3.502   -10.841 4.535   1.00 88.75  ? 155 LEU D CG  1 
ATOM   202  C CD1 . LEU A 1 42  ? 3.470   -11.285 3.083   1.00 95.95  ? 155 LEU D CD1 1 
ATOM   203  C CD2 . LEU A 1 42  ? 4.935   -10.668 5.006   1.00 92.12  ? 155 LEU D CD2 1 
ATOM   204  N N   . PHE A 1 43  ? 0.979   -7.162  6.337   1.00 63.07  ? 156 PHE D N   1 
ATOM   205  C CA  . PHE A 1 43  ? 0.701   -5.710  6.422   1.00 50.22  ? 156 PHE D CA  1 
ATOM   206  C C   . PHE A 1 43  ? 1.069   -5.197  7.812   1.00 54.16  ? 156 PHE D C   1 
ATOM   207  O O   . PHE A 1 43  ? 1.466   -4.035  7.920   1.00 54.85  ? 156 PHE D O   1 
ATOM   208  C CB  . PHE A 1 43  ? -0.773  -5.458  6.111   1.00 50.92  ? 156 PHE D CB  1 
ATOM   209  C CG  . PHE A 1 43  ? -1.145  -5.384  4.654   1.00 48.56  ? 156 PHE D CG  1 
ATOM   210  C CD1 . PHE A 1 43  ? -0.541  -4.470  3.807   1.00 46.73  ? 156 PHE D CD1 1 
ATOM   211  C CD2 . PHE A 1 43  ? -2.124  -6.213  4.131   1.00 49.24  ? 156 PHE D CD2 1 
ATOM   212  C CE1 . PHE A 1 43  ? -0.893  -4.399  2.471   1.00 42.33  ? 156 PHE D CE1 1 
ATOM   213  C CE2 . PHE A 1 43  ? -2.477  -6.140  2.794   1.00 47.19  ? 156 PHE D CE2 1 
ATOM   214  C CZ  . PHE A 1 43  ? -1.859  -5.233  1.966   1.00 48.26  ? 156 PHE D CZ  1 
ATOM   215  N N   . ASP A 1 44  ? 0.974   -6.045  8.834   1.00 52.70  ? 157 ASP D N   1 
ATOM   216  C CA  . ASP A 1 44  ? 1.227   -5.605  10.231  1.00 53.05  ? 157 ASP D CA  1 
ATOM   217  C C   . ASP A 1 44  ? 2.651   -5.068  10.419  1.00 53.64  ? 157 ASP D C   1 
ATOM   218  O O   . ASP A 1 44  ? 2.868   -4.340  11.392  1.00 55.57  ? 157 ASP D O   1 
ATOM   219  C CB  . ASP A 1 44  ? 0.947   -6.733  11.224  1.00 65.66  ? 157 ASP D CB  1 
ATOM   220  C CG  . ASP A 1 44  ? -0.408  -6.610  11.892  1.00 68.72  ? 157 ASP D CG  1 
ATOM   221  O OD1 . ASP A 1 44  ? -0.464  -6.019  12.985  1.00 84.46  ? 157 ASP D OD1 1 
ATOM   222  O OD2 . ASP A 1 44  ? -1.394  -7.099  11.310  1.00 79.40  ? 157 ASP D OD2 1 
ATOM   223  N N   . SER A 1 45  ? 3.579   -5.428  9.538   1.00 43.70  ? 158 SER D N   1 
ATOM   224  C CA  . SER A 1 45  ? 4.973   -4.933  9.626   1.00 47.40  ? 158 SER D CA  1 
ATOM   225  C C   . SER A 1 45  ? 5.172   -3.755  8.675   1.00 49.58  ? 158 SER D C   1 
ATOM   226  O O   . SER A 1 45  ? 6.288   -3.240  8.626   1.00 46.32  ? 158 SER D O   1 
ATOM   227  C CB  . SER A 1 45  ? 5.910   -6.023  9.261   1.00 46.77  ? 158 SER D CB  1 
ATOM   228  O OG  . SER A 1 45  ? 5.479   -6.660  8.074   1.00 53.25  ? 158 SER D OG  1 
ATOM   229  N N   . VAL A 1 46  ? 4.131   -3.365  7.944   1.00 46.91  ? 159 VAL D N   1 
ATOM   230  C CA  . VAL A 1 46  ? 4.294   -2.311  6.902   1.00 50.33  ? 159 VAL D CA  1 
ATOM   231  C C   . VAL A 1 46  ? 3.447   -1.087  7.248   1.00 45.93  ? 159 VAL D C   1 
ATOM   232  O O   . VAL A 1 46  ? 3.918   0.024   7.016   1.00 46.73  ? 159 VAL D O   1 
ATOM   233  C CB  . VAL A 1 46  ? 3.932   -2.877  5.516   1.00 51.38  ? 159 VAL D CB  1 
ATOM   234  C CG1 . VAL A 1 46  ? 3.198   -1.868  4.652   1.00 57.18  ? 159 VAL D CG1 1 
ATOM   235  C CG2 . VAL A 1 46  ? 5.160   -3.403  4.796   1.00 59.67  ? 159 VAL D CG2 1 
ATOM   236  N N   . ILE A 1 47  ? 2.248   -1.298  7.777   1.00 42.63  ? 160 ILE D N   1 
ATOM   237  C CA  . ILE A 1 47  ? 1.322   -0.161  8.033   1.00 49.93  ? 160 ILE D CA  1 
ATOM   238  C C   . ILE A 1 47  ? 1.570   0.408   9.432   1.00 51.91  ? 160 ILE D C   1 
ATOM   239  O O   . ILE A 1 47  ? 1.834   -0.368  10.353  1.00 48.36  ? 160 ILE D O   1 
ATOM   240  C CB  . ILE A 1 47  ? -0.138  -0.599  7.798   1.00 47.36  ? 160 ILE D CB  1 
ATOM   241  C CG1 . ILE A 1 47  ? -0.386  -0.914  6.322   1.00 47.66  ? 160 ILE D CG1 1 
ATOM   242  C CG2 . ILE A 1 47  ? -1.117  0.436   8.326   1.00 45.49  ? 160 ILE D CG2 1 
ATOM   243  C CD1 . ILE A 1 47  ? -1.479  -1.917  6.089   1.00 55.60  ? 160 ILE D CD1 1 
ATOM   244  N N   . ALA A 1 48  ? 1.497   1.727   9.561   1.00 40.14  ? 161 ALA D N   1 
ATOM   245  C CA  . ALA A 1 48  ? 1.702   2.383   10.865  1.00 41.55  ? 161 ALA D CA  1 
ATOM   246  C C   . ALA A 1 48  ? 0.467   2.197   11.738  1.00 45.68  ? 161 ALA D C   1 
ATOM   247  O O   . ALA A 1 48  ? -0.573  1.787   11.215  1.00 39.38  ? 161 ALA D O   1 
ATOM   248  C CB  . ALA A 1 48  ? 2.001   3.841   10.656  1.00 43.21  ? 161 ALA D CB  1 
ATOM   249  N N   . ASP A 1 49  ? 0.593   2.516   13.023  1.00 44.15  ? 162 ASP D N   1 
ATOM   250  C CA  . ASP A 1 49  ? -0.541  2.300   13.971  1.00 49.29  ? 162 ASP D CA  1 
ATOM   251  C C   . ASP A 1 49  ? -1.719  3.188   13.554  1.00 51.62  ? 162 ASP D C   1 
ATOM   252  O O   . ASP A 1 49  ? -2.877  2.798   13.794  1.00 42.10  ? 162 ASP D O   1 
ATOM   253  C CB  . ASP A 1 49  ? -0.139  2.573   15.426  1.00 64.23  ? 162 ASP D CB  1 
ATOM   254  C CG  . ASP A 1 49  ? 1.056   1.754   15.903  1.00 70.41  ? 162 ASP D CG  1 
ATOM   255  O OD1 . ASP A 1 49  ? 1.278   0.653   15.350  1.00 82.15  ? 162 ASP D OD1 1 
ATOM   256  O OD2 . ASP A 1 49  ? 1.763   2.225   16.819  1.00 77.56  ? 162 ASP D OD2 1 
ATOM   257  N N   . LYS A 1 50  ? -1.429  4.330   12.927  1.00 49.43  ? 163 LYS D N   1 
ATOM   258  C CA  . LYS A 1 50  ? -2.444  5.257   12.366  1.00 51.02  ? 163 LYS D CA  1 
ATOM   259  C C   . LYS A 1 50  ? -2.078  5.519   10.907  1.00 45.85  ? 163 LYS D C   1 
ATOM   260  O O   . LYS A 1 50  ? -0.917  5.769   10.620  1.00 45.01  ? 163 LYS D O   1 
ATOM   261  C CB  . LYS A 1 50  ? -2.488  6.592   13.124  1.00 59.33  ? 163 LYS D CB  1 
ATOM   262  C CG  . LYS A 1 50  ? -2.627  6.475   14.632  1.00 71.35  ? 163 LYS D CG  1 
ATOM   263  C CD  . LYS A 1 50  ? -3.937  5.856   15.052  1.00 79.29  ? 163 LYS D CD  1 
ATOM   264  C CE  . LYS A 1 50  ? -3.987  5.484   16.518  1.00 84.97  ? 163 LYS D CE  1 
ATOM   265  N NZ  . LYS A 1 50  ? -5.155  4.614   16.785  1.00 92.18  ? 163 LYS D NZ  1 
ATOM   266  N N   . VAL A 1 51  ? -3.047  5.422   10.018  1.00 43.84  ? 164 VAL D N   1 
ATOM   267  C CA  . VAL A 1 51  ? -2.806  5.663   8.578   1.00 47.63  ? 164 VAL D CA  1 
ATOM   268  C C   . VAL A 1 51  ? -3.890  6.626   8.097   1.00 41.40  ? 164 VAL D C   1 
ATOM   269  O O   . VAL A 1 51  ? -5.083  6.418   8.408   1.00 40.70  ? 164 VAL D O   1 
ATOM   270  C CB  . VAL A 1 51  ? -2.700  4.346   7.780   1.00 43.40  ? 164 VAL D CB  1 
ATOM   271  C CG1 . VAL A 1 51  ? -3.796  3.361   8.141   1.00 43.45  ? 164 VAL D CG1 1 
ATOM   272  C CG2 . VAL A 1 51  ? -2.636  4.591   6.290   1.00 41.60  ? 164 VAL D CG2 1 
ATOM   273  N N   . ASN A 1 52  ? -3.447  7.701   7.455   1.00 44.51  ? 165 ASN D N   1 
ATOM   274  C CA  . ASN A 1 52  ? -4.321  8.752   6.880   1.00 40.23  ? 165 ASN D CA  1 
ATOM   275  C C   . ASN A 1 52  ? -4.786  8.218   5.539   1.00 37.73  ? 165 ASN D C   1 
ATOM   276  O O   . ASN A 1 52  ? -3.983  8.133   4.593   1.00 41.82  ? 165 ASN D O   1 
ATOM   277  C CB  . ASN A 1 52  ? -3.580  10.083  6.799   1.00 47.76  ? 165 ASN D CB  1 
ATOM   278  C CG  . ASN A 1 52  ? -4.448  11.271  6.427   1.00 52.68  ? 165 ASN D CG  1 
ATOM   279  O OD1 . ASN A 1 52  ? -5.658  11.171  6.269   1.00 54.68  ? 165 ASN D OD1 1 
ATOM   280  N ND2 . ASN A 1 52  ? -3.815  12.414  6.260   1.00 60.21  ? 165 ASN D ND2 1 
ATOM   281  N N   . VAL A 1 53  ? -6.024  7.782   5.484   1.00 39.97  ? 166 VAL D N   1 
ATOM   282  C CA  . VAL A 1 53  ? -6.627  7.202   4.263   1.00 42.03  ? 166 VAL D CA  1 
ATOM   283  C C   . VAL A 1 53  ? -7.541  8.281   3.693   1.00 51.38  ? 166 VAL D C   1 
ATOM   284  O O   . VAL A 1 53  ? -8.596  8.530   4.310   1.00 52.67  ? 166 VAL D O   1 
ATOM   285  C CB  . VAL A 1 53  ? -7.378  5.907   4.601   1.00 43.08  ? 166 VAL D CB  1 
ATOM   286  C CG1 . VAL A 1 53  ? -7.917  5.218   3.358   1.00 49.17  ? 166 VAL D CG1 1 
ATOM   287  C CG2 . VAL A 1 53  ? -6.506  4.949   5.390   1.00 43.70  ? 166 VAL D CG2 1 
ATOM   288  N N   . MET A 1 54  ? -7.132  8.907   2.582   1.00 59.52  ? 167 MET D N   1 
ATOM   289  C CA  . MET A 1 54  ? -7.929  9.955   1.898   1.00 64.10  ? 167 MET D CA  1 
ATOM   290  C C   . MET A 1 54  ? -8.319  11.003  2.940   1.00 53.37  ? 167 MET D C   1 
ATOM   291  O O   . MET A 1 54  ? -9.515  11.130  3.203   1.00 63.20  ? 167 MET D O   1 
ATOM   292  C CB  . MET A 1 54  ? -9.219  9.372   1.310   1.00 69.08  ? 167 MET D CB  1 
ATOM   293  C CG  . MET A 1 54  ? -9.035  8.392   0.182   1.00 79.47  ? 167 MET D CG  1 
ATOM   294  S SD  . MET A 1 54  ? -10.674 8.013   -0.530  1.00 87.32  ? 167 MET D SD  1 
ATOM   295  C CE  . MET A 1 54  ? -11.342 6.868   0.682   1.00 81.90  ? 167 MET D CE  1 
ATOM   296  N N   . GLY A 1 55  ? -7.337  11.653  3.570   1.00 57.01  ? 168 GLY D N   1 
ATOM   297  C CA  . GLY A 1 55  ? -7.531  12.797  4.487   1.00 55.78  ? 168 GLY D CA  1 
ATOM   298  C C   . GLY A 1 55  ? -8.131  12.439  5.844   1.00 57.08  ? 168 GLY D C   1 
ATOM   299  O O   . GLY A 1 55  ? -8.260  13.362  6.656   1.00 64.18  ? 168 GLY D O   1 
ATOM   300  N N   . GLN A 1 56  ? -8.398  11.160  6.132   1.00 53.28  ? 169 GLN D N   1 
ATOM   301  C CA  . GLN A 1 56  ? -8.969  10.685  7.419   1.00 59.43  ? 169 GLN D CA  1 
ATOM   302  C C   . GLN A 1 56  ? -8.089  9.606   8.076   1.00 58.48  ? 169 GLN D C   1 
ATOM   303  O O   . GLN A 1 56  ? -7.823  8.585   7.417   1.00 52.38  ? 169 GLN D O   1 
ATOM   304  C CB  . GLN A 1 56  ? -10.349 10.123  7.088   1.00 62.76  ? 169 GLN D CB  1 
ATOM   305  C CG  . GLN A 1 56  ? -11.202 9.882   8.310   1.00 66.68  ? 169 GLN D CG  1 
ATOM   306  C CD  . GLN A 1 56  ? -12.582 10.480  8.192   1.00 66.82  ? 169 GLN D CD  1 
ATOM   307  O OE1 . GLN A 1 56  ? -12.852 11.377  7.389   1.00 71.06  ? 169 GLN D OE1 1 
ATOM   308  N NE2 . GLN A 1 56  ? -13.470 9.990   9.036   1.00 70.86  ? 169 GLN D NE2 1 
ATOM   309  N N   . PHE A 1 57  ? -7.688  9.777   9.342   1.00 45.55  ? 170 PHE D N   1 
ATOM   310  C CA  . PHE A 1 57  ? -6.868  8.790   10.089  1.00 47.06  ? 170 PHE D CA  1 
ATOM   311  C C   . PHE A 1 57  ? -7.722  7.554   10.450  1.00 50.19  ? 170 PHE D C   1 
ATOM   312  O O   . PHE A 1 57  ? -8.887  7.697   10.808  1.00 46.27  ? 170 PHE D O   1 
ATOM   313  C CB  . PHE A 1 57  ? -6.216  9.392   11.336  1.00 44.08  ? 170 PHE D CB  1 
ATOM   314  C CG  . PHE A 1 57  ? -5.103  10.348  11.033  1.00 45.46  ? 170 PHE D CG  1 
ATOM   315  C CD1 . PHE A 1 57  ? -3.880  9.883   10.597  1.00 48.49  ? 170 PHE D CD1 1 
ATOM   316  C CD2 . PHE A 1 57  ? -5.301  11.721  11.123  1.00 52.67  ? 170 PHE D CD2 1 
ATOM   317  C CE1 . PHE A 1 57  ? -2.867  10.768  10.268  1.00 49.87  ? 170 PHE D CE1 1 
ATOM   318  C CE2 . PHE A 1 57  ? -4.292  12.604  10.786  1.00 49.97  ? 170 PHE D CE2 1 
ATOM   319  C CZ  . PHE A 1 57  ? -3.075  12.123  10.365  1.00 52.03  ? 170 PHE D CZ  1 
ATOM   320  N N   . GLU A 1 58  ? -7.137  6.363   10.314  1.00 47.86  ? 171 GLU D N   1 
ATOM   321  C CA  . GLU A 1 58  ? -7.734  5.047   10.672  1.00 45.43  ? 171 GLU D CA  1 
ATOM   322  C C   . GLU A 1 58  ? -6.671  4.272   11.429  1.00 41.73  ? 171 GLU D C   1 
ATOM   323  O O   . GLU A 1 58  ? -5.474  4.435   11.106  1.00 36.26  ? 171 GLU D O   1 
ATOM   324  C CB  . GLU A 1 58  ? -8.142  4.193   9.467   1.00 48.49  ? 171 GLU D CB  1 
ATOM   325  C CG  . GLU A 1 58  ? -9.110  4.851   8.525   1.00 53.45  ? 171 GLU D CG  1 
ATOM   326  C CD  . GLU A 1 58  ? -10.509 5.141   9.041   1.00 62.30  ? 171 GLU D CD  1 
ATOM   327  O OE1 . GLU A 1 58  ? -10.933 4.520   10.030  1.00 64.91  ? 171 GLU D OE1 1 
ATOM   328  O OE2 . GLU A 1 58  ? -11.185 5.978   8.417   1.00 69.03  ? 171 GLU D OE2 1 
ATOM   329  N N   . SER A 1 59  ? -7.091  3.463   12.400  1.00 41.63  ? 172 SER D N   1 
ATOM   330  C CA  . SER A 1 59  ? -6.216  2.470   13.063  1.00 42.52  ? 172 SER D CA  1 
ATOM   331  C C   . SER A 1 59  ? -5.691  1.443   12.040  1.00 35.96  ? 172 SER D C   1 
ATOM   332  O O   . SER A 1 59  ? -6.389  1.109   11.078  1.00 38.23  ? 172 SER D O   1 
ATOM   333  C CB  . SER A 1 59  ? -6.958  1.803   14.200  1.00 47.67  ? 172 SER D CB  1 
ATOM   334  O OG  . SER A 1 59  ? -7.932  0.900   13.687  1.00 54.28  ? 172 SER D OG  1 
ATOM   335  N N   . LYS A 1 60  ? -4.465  0.977   12.214  1.00 39.82  ? 173 LYS D N   1 
ATOM   336  C CA  . LYS A 1 60  ? -3.900  -0.112  11.375  1.00 41.43  ? 173 LYS D CA  1 
ATOM   337  C C   . LYS A 1 60  ? -4.948  -1.208  11.111  1.00 42.87  ? 173 LYS D C   1 
ATOM   338  O O   . LYS A 1 60  ? -5.119  -1.622  9.938   1.00 41.03  ? 173 LYS D O   1 
ATOM   339  C CB  . LYS A 1 60  ? -2.675  -0.684  12.078  1.00 42.75  ? 173 LYS D CB  1 
ATOM   340  C CG  . LYS A 1 60  ? -2.179  -1.986  11.479  1.00 53.78  ? 173 LYS D CG  1 
ATOM   341  C CD  . LYS A 1 60  ? -0.719  -2.234  11.696  1.00 55.44  ? 173 LYS D CD  1 
ATOM   342  C CE  . LYS A 1 60  ? -0.357  -2.393  13.147  1.00 64.21  ? 173 LYS D CE  1 
ATOM   343  N NZ  . LYS A 1 60  ? 0.951   -3.081  13.280  1.00 69.77  ? 173 LYS D NZ  1 
ATOM   344  N N   . ASN A 1 61  ? -5.650  -1.686  12.151  1.00 46.52  ? 174 ASN D N   1 
ATOM   345  C CA  . ASN A 1 61  ? -6.527  -2.882  12.033  1.00 47.34  ? 174 ASN D CA  1 
ATOM   346  C C   . ASN A 1 61  ? -7.746  -2.557  11.200  1.00 42.64  ? 174 ASN D C   1 
ATOM   347  O O   . ASN A 1 61  ? -8.148  -3.394  10.360  1.00 49.53  ? 174 ASN D O   1 
ATOM   348  C CB  . ASN A 1 61  ? -6.915  -3.430  13.408  1.00 47.58  ? 174 ASN D CB  1 
ATOM   349  C CG  . ASN A 1 61  ? -5.747  -4.161  14.015  1.00 46.01  ? 174 ASN D CG  1 
ATOM   350  O OD1 . ASN A 1 61  ? -4.900  -4.681  13.287  1.00 47.33  ? 174 ASN D OD1 1 
ATOM   351  N ND2 . ASN A 1 61  ? -5.716  -4.227  15.331  1.00 59.44  ? 174 ASN D ND2 1 
ATOM   352  N N   . ASP A 1 62  ? -8.324  -1.384  11.414  1.00 47.69  ? 175 ASP D N   1 
ATOM   353  C CA  . ASP A 1 62  ? -9.511  -0.958  10.628  1.00 44.76  ? 175 ASP D CA  1 
ATOM   354  C C   . ASP A 1 62  ? -9.096  -0.819  9.164   1.00 39.45  ? 175 ASP D C   1 
ATOM   355  O O   . ASP A 1 62  ? -9.880  -1.190  8.324   1.00 38.88  ? 175 ASP D O   1 
ATOM   356  C CB  . ASP A 1 62  ? -10.108 0.349   11.146  1.00 52.46  ? 175 ASP D CB  1 
ATOM   357  C CG  . ASP A 1 62  ? -10.554 0.243   12.589  1.00 58.30  ? 175 ASP D CG  1 
ATOM   358  O OD1 . ASP A 1 62  ? -11.056 -0.832  12.974  1.00 59.74  ? 175 ASP D OD1 1 
ATOM   359  O OD2 . ASP A 1 62  ? -10.329 1.213   13.323  1.00 70.19  ? 175 ASP D OD2 1 
ATOM   360  N N   . PHE A 1 63  ? -7.909  -0.271  8.881   1.00 39.14  ? 176 PHE D N   1 
ATOM   361  C CA  . PHE A 1 63  ? -7.416  -0.166  7.484   1.00 38.59  ? 176 PHE D CA  1 
ATOM   362  C C   . PHE A 1 63  ? -7.164  -1.572  6.912   1.00 35.53  ? 176 PHE D C   1 
ATOM   363  O O   . PHE A 1 63  ? -7.575  -1.879  5.800   1.00 36.68  ? 176 PHE D O   1 
ATOM   364  C CB  . PHE A 1 63  ? -6.129  0.660   7.408   1.00 37.86  ? 176 PHE D CB  1 
ATOM   365  C CG  . PHE A 1 63  ? -5.613  0.787   5.989   1.00 41.27  ? 176 PHE D CG  1 
ATOM   366  C CD1 . PHE A 1 63  ? -6.426  1.307   4.985   1.00 42.57  ? 176 PHE D CD1 1 
ATOM   367  C CD2 . PHE A 1 63  ? -4.359  0.310   5.639   1.00 37.80  ? 176 PHE D CD2 1 
ATOM   368  C CE1 . PHE A 1 63  ? -5.947  1.439   3.686   1.00 44.37  ? 176 PHE D CE1 1 
ATOM   369  C CE2 . PHE A 1 63  ? -3.893  0.420   4.336   1.00 42.66  ? 176 PHE D CE2 1 
ATOM   370  C CZ  . PHE A 1 63  ? -4.684  0.995   3.365   1.00 41.98  ? 176 PHE D CZ  1 
ATOM   371  N N   . ILE A 1 64  ? -6.506  -2.466  7.655   1.00 43.05  ? 177 ILE D N   1 
ATOM   372  C CA  . ILE A 1 64  ? -6.253  -3.837  7.117   1.00 38.02  ? 177 ILE D CA  1 
ATOM   373  C C   . ILE A 1 64  ? -7.585  -4.561  6.863   1.00 40.78  ? 177 ILE D C   1 
ATOM   374  O O   . ILE A 1 64  ? -7.730  -5.234  5.795   1.00 38.00  ? 177 ILE D O   1 
ATOM   375  C CB  . ILE A 1 64  ? -5.267  -4.589  8.019   1.00 44.02  ? 177 ILE D CB  1 
ATOM   376  C CG1 . ILE A 1 64  ? -3.922  -3.858  8.031   1.00 39.66  ? 177 ILE D CG1 1 
ATOM   377  C CG2 . ILE A 1 64  ? -5.107  -6.030  7.570   1.00 48.29  ? 177 ILE D CG2 1 
ATOM   378  C CD1 . ILE A 1 64  ? -2.901  -4.453  8.972   1.00 41.70  ? 177 ILE D CD1 1 
ATOM   379  N N   . SER A 1 65  ? -8.578  -4.404  7.740   1.00 39.92  ? 178 SER D N   1 
ATOM   380  C CA  . SER A 1 65  ? -9.888  -5.083  7.574   1.00 43.55  ? 178 SER D CA  1 
ATOM   381  C C   . SER A 1 65  ? -10.658 -4.518  6.376   1.00 45.61  ? 178 SER D C   1 
ATOM   382  O O   . SER A 1 65  ? -11.403 -5.294  5.726   1.00 44.15  ? 178 SER D O   1 
ATOM   383  C CB  . SER A 1 65  ? -10.675 -5.038  8.851   1.00 47.86  ? 178 SER D CB  1 
ATOM   384  O OG  . SER A 1 65  ? -9.968  -5.787  9.836   1.00 60.74  ? 178 SER D OG  1 
ATOM   385  N N   . THR A 1 66  ? -10.486 -3.230  6.056   1.00 46.52  ? 179 THR D N   1 
ATOM   386  C CA  . THR A 1 66  ? -10.962 -2.635  4.771   1.00 43.14  ? 179 THR D CA  1 
ATOM   387  C C   . THR A 1 66  ? -10.360 -3.410  3.601   1.00 38.56  ? 179 THR D C   1 
ATOM   388  O O   . THR A 1 66  ? -11.089 -3.801  2.680   1.00 47.09  ? 179 THR D O   1 
ATOM   389  C CB  . THR A 1 66  ? -10.565 -1.150  4.684   1.00 49.12  ? 179 THR D CB  1 
ATOM   390  O OG1 . THR A 1 66  ? -11.214 -0.484  5.770   1.00 54.17  ? 179 THR D OG1 1 
ATOM   391  C CG2 . THR A 1 66  ? -10.943 -0.503  3.371   1.00 53.28  ? 179 THR D CG2 1 
ATOM   392  N N   . LEU A 1 67  ? -9.048  -3.597  3.623   1.00 41.85  ? 180 LEU D N   1 
ATOM   393  C CA  . LEU A 1 67  ? -8.324  -4.327  2.555   1.00 48.14  ? 180 LEU D CA  1 
ATOM   394  C C   . LEU A 1 67  ? -8.882  -5.757  2.412   1.00 46.63  ? 180 LEU D C   1 
ATOM   395  O O   . LEU A 1 67  ? -9.306  -6.101  1.295   1.00 50.97  ? 180 LEU D O   1 
ATOM   396  C CB  . LEU A 1 67  ? -6.827  -4.308  2.878   1.00 45.58  ? 180 LEU D CB  1 
ATOM   397  C CG  . LEU A 1 67  ? -6.140  -2.938  2.802   1.00 48.91  ? 180 LEU D CG  1 
ATOM   398  C CD1 . LEU A 1 67  ? -4.645  -3.074  2.985   1.00 50.23  ? 180 LEU D CD1 1 
ATOM   399  C CD2 . LEU A 1 67  ? -6.411  -2.214  1.492   1.00 49.68  ? 180 LEU D CD2 1 
ATOM   400  N N   . SER A 1 68  ? -8.892  -6.584  3.467   1.00 48.29  ? 181 SER D N   1 
ATOM   401  C CA  . SER A 1 68  ? -9.344  -8.006  3.350   1.00 46.43  ? 181 SER D CA  1 
ATOM   402  C C   . SER A 1 68  ? -10.817 -8.074  2.943   1.00 43.40  ? 181 SER D C   1 
ATOM   403  O O   . SER A 1 68  ? -11.168 -8.887  2.057   1.00 44.03  ? 181 SER D O   1 
ATOM   404  C CB  . SER A 1 68  ? -9.103  -8.807  4.615   1.00 47.50  ? 181 SER D CB  1 
ATOM   405  O OG  . SER A 1 68  ? -9.636  -8.136  5.722   1.00 52.26  ? 181 SER D OG  1 
ATOM   406  N N   . SER A 1 69  ? -11.658 -7.231  3.534   1.00 40.29  ? 182 SER D N   1 
ATOM   407  C CA  . SER A 1 69  ? -13.110 -7.235  3.263   1.00 47.92  ? 182 SER D CA  1 
ATOM   408  C C   . SER A 1 69  ? -13.375 -6.929  1.784   1.00 52.81  ? 182 SER D C   1 
ATOM   409  O O   . SER A 1 69  ? -14.236 -7.612  1.158   1.00 53.09  ? 182 SER D O   1 
ATOM   410  C CB  . SER A 1 69  ? -13.832 -6.275  4.170   1.00 50.18  ? 182 SER D CB  1 
ATOM   411  O OG  . SER A 1 69  ? -15.230 -6.445  4.001   1.00 67.80  ? 182 SER D OG  1 
ATOM   412  N N   . ALA A 1 70  ? -12.639 -5.958  1.227   1.00 53.76  ? 183 ALA D N   1 
ATOM   413  C CA  . ALA A 1 70  ? -12.751 -5.535  -0.187  1.00 48.76  ? 183 ALA D CA  1 
ATOM   414  C C   . ALA A 1 70  ? -12.254 -6.667  -1.078  1.00 49.67  ? 183 ALA D C   1 
ATOM   415  O O   . ALA A 1 70  ? -12.916 -6.999  -2.089  1.00 52.27  ? 183 ALA D O   1 
ATOM   416  C CB  . ALA A 1 70  ? -11.955 -4.279  -0.387  1.00 59.13  ? 183 ALA D CB  1 
ATOM   417  N N   . SER A 1 71  ? -11.149 -7.267  -0.665  1.00 51.00  ? 184 SER D N   1 
ATOM   418  C CA  . SER A 1 71  ? -10.512 -8.420  -1.334  1.00 54.86  ? 184 SER D CA  1 
ATOM   419  C C   . SER A 1 71  ? -11.563 -9.511  -1.540  1.00 57.20  ? 184 SER D C   1 
ATOM   420  O O   . SER A 1 71  ? -11.690 -9.990  -2.653  1.00 62.94  ? 184 SER D O   1 
ATOM   421  C CB  . SER A 1 71  ? -9.336  -8.905  -0.539  1.00 52.92  ? 184 SER D CB  1 
ATOM   422  O OG  . SER A 1 71  ? -8.631  -9.907  -1.257  1.00 59.06  ? 184 SER D OG  1 
ATOM   423  N N   . SER A 1 72  ? -12.315 -9.855  -0.494  1.00 62.07  ? 185 SER D N   1 
ATOM   424  C CA  . SER A 1 72  ? -13.318 -10.952 -0.518  1.00 59.62  ? 185 SER D CA  1 
ATOM   425  C C   . SER A 1 72  ? -14.570 -10.506 -1.303  1.00 62.26  ? 185 SER D C   1 
ATOM   426  O O   . SER A 1 72  ? -15.190 -11.356 -1.959  1.00 62.16  ? 185 SER D O   1 
ATOM   427  C CB  . SER A 1 72  ? -13.609 -11.436 0.890   1.00 50.11  ? 185 SER D CB  1 
ATOM   428  O OG  . SER A 1 72  ? -14.263 -10.443 1.659   1.00 56.01  ? 185 SER D OG  1 
ATOM   429  N N   . LYS A 1 73  ? -14.889 -9.206  -1.320  1.00 64.09  ? 186 LYS D N   1 
ATOM   430  C CA  . LYS A 1 73  ? -15.987 -8.625  -2.148  1.00 60.71  ? 186 LYS D CA  1 
ATOM   431  C C   . LYS A 1 73  ? -15.788 -8.954  -3.636  1.00 64.44  ? 186 LYS D C   1 
ATOM   432  O O   . LYS A 1 73  ? -16.809 -9.084  -4.325  1.00 61.17  ? 186 LYS D O   1 
ATOM   433  C CB  . LYS A 1 73  ? -16.128 -7.112  -1.938  1.00 64.95  ? 186 LYS D CB  1 
ATOM   434  C CG  . LYS A 1 73  ? -17.381 -6.696  -1.185  1.00 68.33  ? 186 LYS D CG  1 
ATOM   435  C CD  . LYS A 1 73  ? -17.642 -5.202  -1.117  1.00 69.94  ? 186 LYS D CD  1 
ATOM   436  C CE  . LYS A 1 73  ? -16.634 -4.446  -0.281  1.00 79.59  ? 186 LYS D CE  1 
ATOM   437  N NZ  . LYS A 1 73  ? -16.482 -5.018  1.080   1.00 83.62  ? 186 LYS D NZ  1 
ATOM   438  N N   . ALA A 1 74  ? -14.545 -9.095  -4.114  1.00 64.15  ? 187 ALA D N   1 
ATOM   439  C CA  . ALA A 1 74  ? -14.212 -9.245  -5.553  1.00 70.23  ? 187 ALA D CA  1 
ATOM   440  C C   . ALA A 1 74  ? -14.603 -10.641 -6.033  1.00 73.01  ? 187 ALA D C   1 
ATOM   441  O O   . ALA A 1 74  ? -14.911 -10.801 -7.248  1.00 65.99  ? 187 ALA D O   1 
ATOM   442  C CB  . ALA A 1 74  ? -12.747 -8.982  -5.786  1.00 76.27  ? 187 ALA D CB  1 
ATOM   443  N N   . ASP A 1 75  ? -14.542 -11.620 -5.125  1.00 81.58  ? 188 ASP D N   1 
ATOM   444  C CA  . ASP A 1 75  ? -15.055 -12.992 -5.359  1.00 91.92  ? 188 ASP D CA  1 
ATOM   445  C C   . ASP A 1 75  ? -14.540 -13.460 -6.732  1.00 99.34  ? 188 ASP D C   1 
ATOM   446  O O   . ASP A 1 75  ? -15.362 -13.907 -7.560  1.00 101.90 ? 188 ASP D O   1 
ATOM   447  C CB  . ASP A 1 75  ? -16.580 -12.979 -5.211  1.00 93.15  ? 188 ASP D CB  1 
ATOM   448  C CG  . ASP A 1 75  ? -17.228 -14.352 -5.259  1.00 95.27  ? 188 ASP D CG  1 
ATOM   449  O OD1 . ASP A 1 75  ? -16.790 -15.222 -4.481  1.00 99.27  ? 188 ASP D OD1 1 
ATOM   450  O OD2 . ASP A 1 75  ? -18.158 -14.542 -6.078  1.00 79.28  ? 188 ASP D OD2 1 
ATOM   451  N N   . ALA A 1 76  ? -13.224 -13.336 -6.968  1.00 99.74  ? 189 ALA D N   1 
ATOM   452  C CA  . ALA A 1 76  ? -12.545 -13.631 -8.254  1.00 92.65  ? 189 ALA D CA  1 
ATOM   453  C C   . ALA A 1 76  ? -12.048 -15.081 -8.272  1.00 85.91  ? 189 ALA D C   1 
ATOM   454  O O   . ALA A 1 76  ? -11.988 -15.701 -7.187  1.00 77.63  ? 189 ALA D O   1 
ATOM   455  C CB  . ALA A 1 76  ? -11.398 -12.671 -8.461  1.00 94.88  ? 189 ALA D CB  1 
ATOM   456  N N   . ASP A 1 77  ? -11.680 -15.581 -9.460  1.00 82.76  ? 190 ASP D N   1 
ATOM   457  C CA  . ASP A 1 77  ? -11.083 -16.931 -9.652  1.00 85.21  ? 190 ASP D CA  1 
ATOM   458  C C   . ASP A 1 77  ? -9.831  -17.044 -8.769  1.00 78.94  ? 190 ASP D C   1 
ATOM   459  O O   . ASP A 1 77  ? -9.119  -16.034 -8.597  1.00 69.46  ? 190 ASP D O   1 
ATOM   460  C CB  . ASP A 1 77  ? -10.756 -17.224 -11.121 1.00 88.19  ? 190 ASP D CB  1 
ATOM   461  C CG  . ASP A 1 77  ? -11.958 -17.346 -12.052 1.00 94.46  ? 190 ASP D CG  1 
ATOM   462  O OD1 . ASP A 1 77  ? -13.087 -17.031 -11.622 1.00 88.41  ? 190 ASP D OD1 1 
ATOM   463  O OD2 . ASP A 1 77  ? -11.754 -17.758 -13.209 1.00 99.84  ? 190 ASP D OD2 1 
ATOM   464  N N   . GLU A 1 78  ? -9.573  -18.245 -8.255  1.00 71.84  ? 191 GLU D N   1 
ATOM   465  C CA  . GLU A 1 78  ? -8.492  -18.560 -7.281  1.00 72.47  ? 191 GLU D CA  1 
ATOM   466  C C   . GLU A 1 78  ? -7.125  -18.142 -7.847  1.00 61.16  ? 191 GLU D C   1 
ATOM   467  O O   . GLU A 1 78  ? -6.219  -17.881 -7.022  1.00 77.55  ? 191 GLU D O   1 
ATOM   468  C CB  . GLU A 1 78  ? -8.493  -20.053 -6.921  1.00 82.05  ? 191 GLU D CB  1 
ATOM   469  C CG  . GLU A 1 78  ? -9.870  -20.713 -6.898  1.00 91.58  ? 191 GLU D CG  1 
ATOM   470  C CD  . GLU A 1 78  ? -10.423 -21.152 -8.252  1.00 104.14 ? 191 GLU D CD  1 
ATOM   471  O OE1 . GLU A 1 78  ? -10.002 -20.580 -9.293  1.00 110.90 ? 191 GLU D OE1 1 
ATOM   472  O OE2 . GLU A 1 78  ? -11.288 -22.055 -8.269  1.00 108.75 ? 191 GLU D OE2 1 
ATOM   473  N N   . LEU A 1 79  ? -6.981  -18.116 -9.184  1.00 57.10  ? 192 LEU D N   1 
ATOM   474  C CA  . LEU A 1 79  ? -5.692  -17.928 -9.916  1.00 59.70  ? 192 LEU D CA  1 
ATOM   475  C C   . LEU A 1 79  ? -5.702  -16.616 -10.703 1.00 59.63  ? 192 LEU D C   1 
ATOM   476  O O   . LEU A 1 79  ? -4.764  -16.387 -11.513 1.00 58.31  ? 192 LEU D O   1 
ATOM   477  C CB  . LEU A 1 79  ? -5.483  -19.119 -10.864 1.00 55.92  ? 192 LEU D CB  1 
ATOM   478  C CG  . LEU A 1 79  ? -5.585  -20.497 -10.212 1.00 57.16  ? 192 LEU D CG  1 
ATOM   479  C CD1 . LEU A 1 79  ? -5.193  -21.575 -11.203 1.00 58.55  ? 192 LEU D CD1 1 
ATOM   480  C CD2 . LEU A 1 79  ? -4.712  -20.567 -8.976  1.00 61.34  ? 192 LEU D CD2 1 
ATOM   481  N N   . GLU A 1 80  ? -6.706  -15.781 -10.460 1.00 64.70  ? 193 GLU D N   1 
ATOM   482  C CA  . GLU A 1 80  ? -6.851  -14.438 -11.072 1.00 70.51  ? 193 GLU D CA  1 
ATOM   483  C C   . GLU A 1 80  ? -6.094  -13.426 -10.201 1.00 63.81  ? 193 GLU D C   1 
ATOM   484  O O   . GLU A 1 80  ? -6.167  -13.552 -8.975  1.00 59.74  ? 193 GLU D O   1 
ATOM   485  C CB  . GLU A 1 80  ? -8.341  -14.108 -11.162 1.00 79.56  ? 193 GLU D CB  1 
ATOM   486  C CG  . GLU A 1 80  ? -8.731  -13.330 -12.397 1.00 90.01  ? 193 GLU D CG  1 
ATOM   487  C CD  . GLU A 1 80  ? -10.204 -13.479 -12.728 1.00 94.69  ? 193 GLU D CD  1 
ATOM   488  O OE1 . GLU A 1 80  ? -11.026 -13.466 -11.785 1.00 90.75  ? 193 GLU D OE1 1 
ATOM   489  O OE2 . GLU A 1 80  ? -10.516 -13.646 -13.919 1.00 97.95  ? 193 GLU D OE2 1 
ATOM   490  N N   . TYR A 1 81  ? -5.385  -12.479 -10.821 1.00 64.46  ? 194 TYR D N   1 
ATOM   491  C CA  . TYR A 1 81  ? -4.791  -11.280 -10.174 1.00 63.91  ? 194 TYR D CA  1 
ATOM   492  C C   . TYR A 1 81  ? -3.637  -11.718 -9.266  1.00 63.66  ? 194 TYR D C   1 
ATOM   493  O O   . TYR A 1 81  ? -3.474  -11.176 -8.151  1.00 59.64  ? 194 TYR D O   1 
ATOM   494  C CB  . TYR A 1 81  ? -5.859  -10.485 -9.410  1.00 64.38  ? 194 TYR D CB  1 
ATOM   495  C CG  . TYR A 1 81  ? -7.058  -10.055 -10.224 1.00 73.61  ? 194 TYR D CG  1 
ATOM   496  C CD1 . TYR A 1 81  ? -6.908  -9.463  -11.469 1.00 74.15  ? 194 TYR D CD1 1 
ATOM   497  C CD2 . TYR A 1 81  ? -8.346  -10.180 -9.726  1.00 79.83  ? 194 TYR D CD2 1 
ATOM   498  C CE1 . TYR A 1 81  ? -8.003  -9.047  -12.210 1.00 80.12  ? 194 TYR D CE1 1 
ATOM   499  C CE2 . TYR A 1 81  ? -9.452  -9.770  -10.454 1.00 85.16  ? 194 TYR D CE2 1 
ATOM   500  C CZ  . TYR A 1 81  ? -9.280  -9.205  -11.705 1.00 84.46  ? 194 TYR D CZ  1 
ATOM   501  O OH  . TYR A 1 81  ? -10.359 -8.804  -12.439 1.00 90.79  ? 194 TYR D OH  1 
ATOM   502  N N   . LEU A 1 82  ? -2.827  -12.668 -9.737  1.00 61.82  ? 195 LEU D N   1 
ATOM   503  C CA  . LEU A 1 82  ? -1.587  -13.093 -9.031  1.00 58.05  ? 195 LEU D CA  1 
ATOM   504  C C   . LEU A 1 82  ? -0.369  -12.432 -9.691  1.00 58.96  ? 195 LEU D C   1 
ATOM   505  O O   . LEU A 1 82  ? 0.702   -13.059 -9.737  1.00 58.45  ? 195 LEU D O   1 
ATOM   506  C CB  . LEU A 1 82  ? -1.528  -14.623 -9.040  1.00 57.04  ? 195 LEU D CB  1 
ATOM   507  C CG  . LEU A 1 82  ? -2.728  -15.311 -8.391  1.00 59.05  ? 195 LEU D CG  1 
ATOM   508  C CD1 . LEU A 1 82  ? -2.483  -16.807 -8.240  1.00 62.81  ? 195 LEU D CD1 1 
ATOM   509  C CD2 . LEU A 1 82  ? -3.061  -14.689 -7.038  1.00 61.22  ? 195 LEU D CD2 1 
ATOM   510  N N   . SER A 1 83  ? -0.527  -11.192 -10.170 1.00 59.86  ? 196 SER D N   1 
ATOM   511  C CA  . SER A 1 83  ? 0.567   -10.372 -10.746 1.00 60.07  ? 196 SER D CA  1 
ATOM   512  C C   . SER A 1 83  ? 0.529   -8.942  -10.182 1.00 55.27  ? 196 SER D C   1 
ATOM   513  O O   . SER A 1 83  ? -0.551  -8.346  -10.082 1.00 46.75  ? 196 SER D O   1 
ATOM   514  C CB  . SER A 1 83  ? 0.506   -10.368 -12.231 1.00 61.29  ? 196 SER D CB  1 
ATOM   515  O OG  . SER A 1 83  ? 1.676   -9.752  -12.746 1.00 74.99  ? 196 SER D OG  1 
ATOM   516  N N   . VAL A 1 84  ? 1.687   -8.410  -9.816  1.00 56.98  ? 197 VAL D N   1 
ATOM   517  C CA  . VAL A 1 84  ? 1.856   -6.995  -9.376  1.00 54.78  ? 197 VAL D CA  1 
ATOM   518  C C   . VAL A 1 84  ? 1.368   -6.111  -10.519 1.00 53.02  ? 197 VAL D C   1 
ATOM   519  O O   . VAL A 1 84  ? 0.746   -5.059  -10.280 1.00 51.41  ? 197 VAL D O   1 
ATOM   520  C CB  . VAL A 1 84  ? 3.321   -6.740  -8.997  1.00 56.31  ? 197 VAL D CB  1 
ATOM   521  C CG1 . VAL A 1 84  ? 4.235   -6.817  -10.216 1.00 57.54  ? 197 VAL D CG1 1 
ATOM   522  C CG2 . VAL A 1 84  ? 3.491   -5.431  -8.242  1.00 54.83  ? 197 VAL D CG2 1 
ATOM   523  N N   . ASP A 1 85  ? 1.548   -6.615  -11.729 1.00 58.50  ? 198 ASP D N   1 
ATOM   524  C CA  . ASP A 1 85  ? 1.092   -6.012  -12.998 1.00 57.73  ? 198 ASP D CA  1 
ATOM   525  C C   . ASP A 1 85  ? -0.413  -5.736  -12.943 1.00 56.27  ? 198 ASP D C   1 
ATOM   526  O O   . ASP A 1 85  ? -0.848  -4.817  -13.651 1.00 59.46  ? 198 ASP D O   1 
ATOM   527  C CB  . ASP A 1 85  ? 1.431   -6.950  -14.158 1.00 70.29  ? 198 ASP D CB  1 
ATOM   528  C CG  . ASP A 1 85  ? 1.868   -6.222  -15.400 1.00 76.13  ? 198 ASP D CG  1 
ATOM   529  O OD1 . ASP A 1 85  ? 1.889   -4.981  -15.352 1.00 78.01  ? 198 ASP D OD1 1 
ATOM   530  O OD2 . ASP A 1 85  ? 2.201   -6.911  -16.392 1.00 92.54  ? 198 ASP D OD2 1 
ATOM   531  N N   . ASP A 1 86  ? -1.183  -6.522  -12.182 1.00 50.17  ? 199 ASP D N   1 
ATOM   532  C CA  . ASP A 1 86  ? -2.656  -6.357  -12.061 1.00 50.70  ? 199 ASP D CA  1 
ATOM   533  C C   . ASP A 1 86  ? -3.016  -5.207  -11.114 1.00 49.81  ? 199 ASP D C   1 
ATOM   534  O O   . ASP A 1 86  ? -4.184  -4.800  -11.101 1.00 46.45  ? 199 ASP D O   1 
ATOM   535  C CB  . ASP A 1 86  ? -3.316  -7.649  -11.587 1.00 56.07  ? 199 ASP D CB  1 
ATOM   536  C CG  . ASP A 1 86  ? -3.147  -8.754  -12.612 1.00 62.01  ? 199 ASP D CG  1 
ATOM   537  O OD1 . ASP A 1 86  ? -3.413  -8.465  -13.785 1.00 63.70  ? 199 ASP D OD1 1 
ATOM   538  O OD2 . ASP A 1 86  ? -2.704  -9.858  -12.233 1.00 56.13  ? 199 ASP D OD2 1 
ATOM   539  N N   . TYR A 1 87  ? -2.080  -4.728  -10.301 1.00 49.31  ? 200 TYR D N   1 
ATOM   540  C CA  . TYR A 1 87  ? -2.371  -3.664  -9.308  1.00 45.59  ? 200 TYR D CA  1 
ATOM   541  C C   . TYR A 1 87  ? -1.659  -2.361  -9.702  1.00 48.81  ? 200 TYR D C   1 
ATOM   542  O O   . TYR A 1 87  ? -2.254  -1.287  -9.447  1.00 45.84  ? 200 TYR D O   1 
ATOM   543  C CB  . TYR A 1 87  ? -2.018  -4.156  -7.908  1.00 45.08  ? 200 TYR D CB  1 
ATOM   544  C CG  . TYR A 1 87  ? -2.918  -5.247  -7.370  1.00 47.47  ? 200 TYR D CG  1 
ATOM   545  C CD1 . TYR A 1 87  ? -2.743  -6.578  -7.733  1.00 48.87  ? 200 TYR D CD1 1 
ATOM   546  C CD2 . TYR A 1 87  ? -3.940  -4.948  -6.486  1.00 45.89  ? 200 TYR D CD2 1 
ATOM   547  C CE1 . TYR A 1 87  ? -3.544  -7.581  -7.203  1.00 48.33  ? 200 TYR D CE1 1 
ATOM   548  C CE2 . TYR A 1 87  ? -4.767  -5.935  -5.970  1.00 48.43  ? 200 TYR D CE2 1 
ATOM   549  C CZ  . TYR A 1 87  ? -4.569  -7.252  -6.333  1.00 47.62  ? 200 TYR D CZ  1 
ATOM   550  O OH  . TYR A 1 87  ? -5.381  -8.211  -5.814  1.00 50.19  ? 200 TYR D OH  1 
ATOM   551  N N   . TYR A 1 88  ? -0.458  -2.435  -10.296 1.00 44.08  ? 201 TYR D N   1 
ATOM   552  C CA  . TYR A 1 88  ? 0.449   -1.270  -10.448 1.00 47.80  ? 201 TYR D CA  1 
ATOM   553  C C   . TYR A 1 88  ? 1.244   -1.324  -11.755 1.00 53.55  ? 201 TYR D C   1 
ATOM   554  O O   . TYR A 1 88  ? 1.617   -2.403  -12.221 1.00 52.75  ? 201 TYR D O   1 
ATOM   555  C CB  . TYR A 1 88  ? 1.477   -1.215  -9.327  1.00 45.25  ? 201 TYR D CB  1 
ATOM   556  C CG  . TYR A 1 88  ? 0.950   -0.911  -7.951  1.00 48.10  ? 201 TYR D CG  1 
ATOM   557  C CD1 . TYR A 1 88  ? 0.644   0.383   -7.572  1.00 42.48  ? 201 TYR D CD1 1 
ATOM   558  C CD2 . TYR A 1 88  ? 0.847   -1.910  -6.991  1.00 44.98  ? 201 TYR D CD2 1 
ATOM   559  C CE1 . TYR A 1 88  ? 0.153   0.668   -6.308  1.00 46.60  ? 201 TYR D CE1 1 
ATOM   560  C CE2 . TYR A 1 88  ? 0.374   -1.639  -5.714  1.00 42.97  ? 201 TYR D CE2 1 
ATOM   561  C CZ  . TYR A 1 88  ? 0.052   -0.349  -5.362  1.00 42.98  ? 201 TYR D CZ  1 
ATOM   562  O OH  . TYR A 1 88  ? -0.349  -0.065  -4.100  1.00 48.34  ? 201 TYR D OH  1 
ATOM   563  N N   . ASP A 1 89  ? 1.517   -0.150  -12.317 1.00 59.37  ? 202 ASP D N   1 
ATOM   564  C CA  . ASP A 1 89  ? 2.515   0.017   -13.406 1.00 52.94  ? 202 ASP D CA  1 
ATOM   565  C C   . ASP A 1 89  ? 3.849   0.311   -12.742 1.00 52.83  ? 202 ASP D C   1 
ATOM   566  O O   . ASP A 1 89  ? 4.063   1.493   -12.363 1.00 50.35  ? 202 ASP D O   1 
ATOM   567  C CB  . ASP A 1 89  ? 2.148   1.151   -14.358 1.00 56.33  ? 202 ASP D CB  1 
ATOM   568  C CG  . ASP A 1 89  ? 3.228   1.424   -15.397 1.00 62.66  ? 202 ASP D CG  1 
ATOM   569  O OD1 . ASP A 1 89  ? 4.029   0.506   -15.702 1.00 65.97  ? 202 ASP D OD1 1 
ATOM   570  O OD2 . ASP A 1 89  ? 3.278   2.552   -15.870 1.00 64.12  ? 202 ASP D OD2 1 
ATOM   571  N N   . LEU A 1 90  ? 4.689   -0.714  -12.561 1.00 52.47  ? 203 LEU D N   1 
ATOM   572  C CA  . LEU A 1 90  ? 5.929   -0.582  -11.761 1.00 55.15  ? 203 LEU D CA  1 
ATOM   573  C C   . LEU A 1 90  ? 6.913   0.349   -12.460 1.00 51.39  ? 203 LEU D C   1 
ATOM   574  O O   . LEU A 1 90  ? 7.774   0.873   -11.771 1.00 50.39  ? 203 LEU D O   1 
ATOM   575  C CB  . LEU A 1 90  ? 6.549   -1.955  -11.529 1.00 58.55  ? 203 LEU D CB  1 
ATOM   576  C CG  . LEU A 1 90  ? 5.893   -2.787  -10.433 1.00 61.09  ? 203 LEU D CG  1 
ATOM   577  C CD1 . LEU A 1 90  ? 6.749   -4.011  -10.139 1.00 63.85  ? 203 LEU D CD1 1 
ATOM   578  C CD2 . LEU A 1 90  ? 5.680   -1.960  -9.163  1.00 58.39  ? 203 LEU D CD2 1 
ATOM   579  N N   . LYS A 1 91  ? 6.791   0.523   -13.770 1.00 57.10  ? 204 LYS D N   1 
ATOM   580  C CA  . LYS A 1 91  ? 7.636   1.457   -14.557 1.00 63.31  ? 204 LYS D CA  1 
ATOM   581  C C   . LYS A 1 91  ? 7.314   2.902   -14.166 1.00 66.72  ? 204 LYS D C   1 
ATOM   582  O O   . LYS A 1 91  ? 8.125   3.771   -14.507 1.00 61.59  ? 204 LYS D O   1 
ATOM   583  C CB  . LYS A 1 91  ? 7.385   1.311   -16.063 1.00 67.73  ? 204 LYS D CB  1 
ATOM   584  C CG  . LYS A 1 91  ? 7.744   -0.032  -16.680 1.00 79.54  ? 204 LYS D CG  1 
ATOM   585  C CD  . LYS A 1 91  ? 7.072   -0.263  -18.030 1.00 91.18  ? 204 LYS D CD  1 
ATOM   586  C CE  . LYS A 1 91  ? 7.128   -1.708  -18.491 1.00 97.65  ? 204 LYS D CE  1 
ATOM   587  N NZ  . LYS A 1 91  ? 6.151   -1.976  -19.575 1.00 106.54 ? 204 LYS D NZ  1 
ATOM   588  N N   . SER A 1 92  ? 6.152   3.156   -13.537 1.00 58.12  ? 205 SER D N   1 
ATOM   589  C CA  . SER A 1 92  ? 5.669   4.513   -13.147 1.00 56.73  ? 205 SER D CA  1 
ATOM   590  C C   . SER A 1 92  ? 6.235   4.876   -11.779 1.00 51.56  ? 205 SER D C   1 
ATOM   591  O O   . SER A 1 92  ? 6.120   6.040   -11.355 1.00 53.03  ? 205 SER D O   1 
ATOM   592  C CB  . SER A 1 92  ? 4.153   4.577   -13.150 1.00 60.34  ? 205 SER D CB  1 
ATOM   593  O OG  . SER A 1 92  ? 3.618   4.153   -11.899 1.00 54.63  ? 205 SER D OG  1 
ATOM   594  N N   . LEU A 1 93  ? 6.799   3.894   -11.091 1.00 50.12  ? 206 LEU D N   1 
ATOM   595  C CA  . LEU A 1 93  ? 7.117   4.012   -9.648  1.00 53.53  ? 206 LEU D CA  1 
ATOM   596  C C   . LEU A 1 93  ? 8.141   5.126   -9.475  1.00 52.99  ? 206 LEU D C   1 
ATOM   597  O O   . LEU A 1 93  ? 9.125   5.096   -10.187 1.00 58.19  ? 206 LEU D O   1 
ATOM   598  C CB  . LEU A 1 93  ? 7.638   2.664   -9.134  1.00 53.19  ? 206 LEU D CB  1 
ATOM   599  C CG  . LEU A 1 93  ? 8.137   2.641   -7.688  1.00 50.98  ? 206 LEU D CG  1 
ATOM   600  C CD1 . LEU A 1 93  ? 7.020   2.895   -6.699  1.00 50.87  ? 206 LEU D CD1 1 
ATOM   601  C CD2 . LEU A 1 93  ? 8.787   1.300   -7.375  1.00 55.90  ? 206 LEU D CD2 1 
ATOM   602  N N   . LYS A 1 94  ? 7.910   6.046   -8.541  1.00 52.46  ? 207 LYS D N   1 
ATOM   603  C CA  . LYS A 1 94  ? 8.854   7.128   -8.195  1.00 48.81  ? 207 LYS D CA  1 
ATOM   604  C C   . LYS A 1 94  ? 8.968   7.196   -6.666  1.00 47.28  ? 207 LYS D C   1 
ATOM   605  O O   . LYS A 1 94  ? 7.949   7.131   -5.955  1.00 50.74  ? 207 LYS D O   1 
ATOM   606  C CB  . LYS A 1 94  ? 8.357   8.423   -8.854  1.00 54.22  ? 207 LYS D CB  1 
ATOM   607  C CG  . LYS A 1 94  ? 9.186   9.651   -8.516  1.00 66.44  ? 207 LYS D CG  1 
ATOM   608  C CD  . LYS A 1 94  ? 9.116   10.775  -9.539  1.00 74.13  ? 207 LYS D CD  1 
ATOM   609  C CE  . LYS A 1 94  ? 7.829   11.569  -9.481  1.00 72.74  ? 207 LYS D CE  1 
ATOM   610  N NZ  . LYS A 1 94  ? 7.638   12.200  -8.154  1.00 82.04  ? 207 LYS D NZ  1 
ATOM   611  N N   . ILE A 1 95  ? 10.181  7.245   -6.152  1.00 48.77  ? 208 ILE D N   1 
ATOM   612  C CA  . ILE A 1 95  ? 10.473  7.349   -4.699  1.00 50.41  ? 208 ILE D CA  1 
ATOM   613  C C   . ILE A 1 95  ? 11.258  8.637   -4.506  1.00 53.67  ? 208 ILE D C   1 
ATOM   614  O O   . ILE A 1 95  ? 12.169  8.861   -5.294  1.00 58.00  ? 208 ILE D O   1 
ATOM   615  C CB  . ILE A 1 95  ? 11.211  6.096   -4.198  1.00 50.37  ? 208 ILE D CB  1 
ATOM   616  C CG1 . ILE A 1 95  ? 10.427  4.829   -4.566  1.00 56.24  ? 208 ILE D CG1 1 
ATOM   617  C CG2 . ILE A 1 95  ? 11.489  6.190   -2.708  1.00 48.64  ? 208 ILE D CG2 1 
ATOM   618  C CD1 . ILE A 1 95  ? 11.136  3.524   -4.238  1.00 61.04  ? 208 ILE D CD1 1 
ATOM   619  N N   . SER A 1 96  ? 10.884  9.436   -3.505  1.00 56.20  ? 209 SER D N   1 
ATOM   620  C CA  . SER A 1 96  ? 11.336  10.831  -3.309  1.00 54.06  ? 209 SER D CA  1 
ATOM   621  C C   . SER A 1 96  ? 11.363  11.125  -1.812  1.00 52.71  ? 209 SER D C   1 
ATOM   622  O O   . SER A 1 96  ? 10.305  10.988  -1.168  1.00 53.85  ? 209 SER D O   1 
ATOM   623  C CB  . SER A 1 96  ? 10.418  11.764  -4.074  1.00 56.90  ? 209 SER D CB  1 
ATOM   624  O OG  . SER A 1 96  ? 10.316  13.022  -3.431  1.00 61.75  ? 209 SER D OG  1 
ATOM   625  N N   . LYS A 1 97  ? 12.541  11.454  -1.264  1.00 58.08  ? 210 LYS D N   1 
ATOM   626  C CA  . LYS A 1 97  ? 12.704  11.871  0.154   1.00 60.74  ? 210 LYS D CA  1 
ATOM   627  C C   . LYS A 1 97  ? 12.101  13.262  0.325   1.00 58.72  ? 210 LYS D C   1 
ATOM   628  O O   . LYS A 1 97  ? 12.512  14.167  -0.407  1.00 66.54  ? 210 LYS D O   1 
ATOM   629  C CB  . LYS A 1 97  ? 14.173  11.924  0.571   1.00 63.63  ? 210 LYS D CB  1 
ATOM   630  C CG  . LYS A 1 97  ? 14.389  12.279  2.036   1.00 68.41  ? 210 LYS D CG  1 
ATOM   631  C CD  . LYS A 1 97  ? 15.746  11.847  2.559   1.00 77.95  ? 210 LYS D CD  1 
ATOM   632  C CE  . LYS A 1 97  ? 15.857  11.863  4.071   1.00 82.99  ? 210 LYS D CE  1 
ATOM   633  N NZ  . LYS A 1 97  ? 17.149  11.297  4.531   1.00 84.12  ? 210 LYS D NZ  1 
ATOM   634  N N   . SER A 1 98  ? 11.156  13.413  1.240   1.00 64.16  ? 211 SER D N   1 
ATOM   635  C CA  . SER A 1 98  ? 10.395  14.663  1.471   1.00 62.67  ? 211 SER D CA  1 
ATOM   636  C C   . SER A 1 98  ? 11.042  15.433  2.629   1.00 69.97  ? 211 SER D C   1 
ATOM   637  O O   . SER A 1 98  ? 11.096  16.673  2.574   1.00 78.20  ? 211 SER D O   1 
ATOM   638  C CB  . SER A 1 98  ? 8.944   14.351  1.699   1.00 64.01  ? 211 SER D CB  1 
ATOM   639  O OG  . SER A 1 98  ? 8.370   13.784  0.518   1.00 68.66  ? 211 SER D OG  1 
ATOM   640  N N   . ASN A 1 99  ? 11.547  14.714  3.623   1.00 66.48  ? 212 ASN D N   1 
ATOM   641  C CA  . ASN A 1 99  ? 12.357  15.272  4.732   1.00 70.70  ? 212 ASN D CA  1 
ATOM   642  C C   . ASN A 1 99  ? 13.021  14.103  5.460   1.00 73.92  ? 212 ASN D C   1 
ATOM   643  O O   . ASN A 1 99  ? 12.980  12.986  4.920   1.00 67.54  ? 212 ASN D O   1 
ATOM   644  C CB  . ASN A 1 99  ? 11.503  16.127  5.660   1.00 75.49  ? 212 ASN D CB  1 
ATOM   645  C CG  . ASN A 1 99  ? 10.463  15.312  6.396   1.00 80.36  ? 212 ASN D CG  1 
ATOM   646  O OD1 . ASN A 1 99  ? 10.710  14.169  6.773   1.00 87.50  ? 212 ASN D OD1 1 
ATOM   647  N ND2 . ASN A 1 99  ? 9.305   15.899  6.624   1.00 70.99  ? 212 ASN D ND2 1 
ATOM   648  N N   . ASP A 1 100 ? 13.560  14.337  6.656   1.00 69.30  ? 213 ASP D N   1 
ATOM   649  C CA  . ASP A 1 100 ? 14.491  13.394  7.327   1.00 79.88  ? 213 ASP D CA  1 
ATOM   650  C C   . ASP A 1 100 ? 13.732  12.126  7.726   1.00 74.13  ? 213 ASP D C   1 
ATOM   651  O O   . ASP A 1 100 ? 14.350  11.058  7.759   1.00 65.24  ? 213 ASP D O   1 
ATOM   652  C CB  . ASP A 1 100 ? 15.161  14.044  8.544   1.00 84.29  ? 213 ASP D CB  1 
ATOM   653  C CG  . ASP A 1 100 ? 16.017  15.246  8.183   1.00 89.61  ? 213 ASP D CG  1 
ATOM   654  O OD1 . ASP A 1 100 ? 15.450  16.242  7.674   1.00 93.08  ? 213 ASP D OD1 1 
ATOM   655  O OD2 . ASP A 1 100 ? 17.239  15.175  8.392   1.00 87.66  ? 213 ASP D OD2 1 
ATOM   656  N N   . THR A 1 101 ? 12.440  12.252  8.016   1.00 65.20  ? 214 THR D N   1 
ATOM   657  C CA  . THR A 1 101 ? 11.604  11.175  8.600   1.00 59.23  ? 214 THR D CA  1 
ATOM   658  C C   . THR A 1 101 ? 10.461  10.804  7.637   1.00 58.45  ? 214 THR D C   1 
ATOM   659  O O   . THR A 1 101 ? 9.481   10.187  8.109   1.00 62.13  ? 214 THR D O   1 
ATOM   660  C CB  . THR A 1 101 ? 11.097  11.626  9.973   1.00 57.41  ? 214 THR D CB  1 
ATOM   661  O OG1 . THR A 1 101 ? 10.339  12.822  9.790   1.00 64.85  ? 214 THR D OG1 1 
ATOM   662  C CG2 . THR A 1 101 ? 12.207  11.888  10.967  1.00 58.59  ? 214 THR D CG2 1 
ATOM   663  N N   . SER A 1 102 ? 10.573  11.125  6.342   1.00 60.52  ? 215 SER D N   1 
ATOM   664  C CA  . SER A 1 102 ? 9.427   11.078  5.399   1.00 54.53  ? 215 SER D CA  1 
ATOM   665  C C   . SER A 1 102 ? 9.862   10.830  3.959   1.00 56.61  ? 215 SER D C   1 
ATOM   666  O O   . SER A 1 102 ? 10.775  11.503  3.475   1.00 64.02  ? 215 SER D O   1 
ATOM   667  C CB  . SER A 1 102 ? 8.610   12.315  5.505   1.00 62.82  ? 215 SER D CB  1 
ATOM   668  O OG  . SER A 1 102 ? 7.408   12.159  4.780   1.00 63.97  ? 215 SER D OG  1 
ATOM   669  N N   . PHE A 1 103 ? 9.202   9.877   3.299   1.00 51.39  ? 216 PHE D N   1 
ATOM   670  C CA  . PHE A 1 103 ? 9.378   9.569   1.862   1.00 50.31  ? 216 PHE D CA  1 
ATOM   671  C C   . PHE A 1 103 ? 8.005   9.526   1.196   1.00 49.14  ? 216 PHE D C   1 
ATOM   672  O O   . PHE A 1 103 ? 7.046   9.056   1.815   1.00 52.02  ? 216 PHE D O   1 
ATOM   673  C CB  . PHE A 1 103 ? 10.074  8.224   1.661   1.00 56.12  ? 216 PHE D CB  1 
ATOM   674  C CG  . PHE A 1 103 ? 11.572  8.275   1.679   1.00 56.54  ? 216 PHE D CG  1 
ATOM   675  C CD1 . PHE A 1 103 ? 12.261  8.328   2.877   1.00 59.98  ? 216 PHE D CD1 1 
ATOM   676  C CD2 . PHE A 1 103 ? 12.283  8.285   0.497   1.00 54.79  ? 216 PHE D CD2 1 
ATOM   677  C CE1 . PHE A 1 103 ? 13.644  8.361   2.888   1.00 63.86  ? 216 PHE D CE1 1 
ATOM   678  C CE2 . PHE A 1 103 ? 13.666  8.329   0.510   1.00 60.84  ? 216 PHE D CE2 1 
ATOM   679  C CZ  . PHE A 1 103 ? 14.341  8.376   1.703   1.00 61.08  ? 216 PHE D CZ  1 
ATOM   680  N N   . ALA A 1 104 ? 7.946   9.949   -0.058  1.00 47.38  ? 217 ALA D N   1 
ATOM   681  C CA  . ALA A 1 104 ? 6.735   9.899   -0.885  1.00 46.04  ? 217 ALA D CA  1 
ATOM   682  C C   . ALA A 1 104 ? 6.956   8.875   -1.988  1.00 52.13  ? 217 ALA D C   1 
ATOM   683  O O   . ALA A 1 104 ? 7.970   8.962   -2.697  1.00 55.04  ? 217 ALA D O   1 
ATOM   684  C CB  . ALA A 1 104 ? 6.442   11.276  -1.420  1.00 49.94  ? 217 ALA D CB  1 
ATOM   685  N N   . VAL A 1 105 ? 6.064   7.895   -2.089  1.00 44.39  ? 218 VAL D N   1 
ATOM   686  C CA  . VAL A 1 105 ? 6.047   6.956   -3.242  1.00 42.13  ? 218 VAL D CA  1 
ATOM   687  C C   . VAL A 1 105 ? 4.851   7.331   -4.108  1.00 47.23  ? 218 VAL D C   1 
ATOM   688  O O   . VAL A 1 105 ? 3.711   7.399   -3.566  1.00 45.74  ? 218 VAL D O   1 
ATOM   689  C CB  . VAL A 1 105 ? 6.006   5.491   -2.762  1.00 42.69  ? 218 VAL D CB  1 
ATOM   690  C CG1 . VAL A 1 105 ? 5.963   4.495   -3.911  1.00 47.68  ? 218 VAL D CG1 1 
ATOM   691  C CG2 . VAL A 1 105 ? 7.185   5.203   -1.827  1.00 44.97  ? 218 VAL D CG2 1 
ATOM   692  N N   . ASN A 1 106 ? 5.112   7.527   -5.394  1.00 41.54  ? 219 ASN D N   1 
ATOM   693  C CA  . ASN A 1 106 ? 4.104   7.893   -6.404  1.00 40.27  ? 219 ASN D CA  1 
ATOM   694  C C   . ASN A 1 106 ? 4.114   6.784   -7.433  1.00 42.95  ? 219 ASN D C   1 
ATOM   695  O O   . ASN A 1 106 ? 5.193   6.363   -7.878  1.00 42.82  ? 219 ASN D O   1 
ATOM   696  C CB  . ASN A 1 106 ? 4.377   9.287   -7.004  1.00 39.63  ? 219 ASN D CB  1 
ATOM   697  C CG  . ASN A 1 106 ? 3.904   10.396  -6.086  1.00 44.09  ? 219 ASN D CG  1 
ATOM   698  O OD1 . ASN A 1 106 ? 2.697   10.654  -5.982  1.00 48.35  ? 219 ASN D OD1 1 
ATOM   699  N ND2 . ASN A 1 106 ? 4.835   11.029  -5.380  1.00 45.24  ? 219 ASN D ND2 1 
ATOM   700  N N   . VAL A 1 107 ? 2.943   6.293   -7.790  1.00 38.20  ? 220 VAL D N   1 
ATOM   701  C CA  . VAL A 1 107 ? 2.884   5.151   -8.733  1.00 40.47  ? 220 VAL D CA  1 
ATOM   702  C C   . VAL A 1 107 ? 1.508   5.215   -9.352  1.00 34.36  ? 220 VAL D C   1 
ATOM   703  O O   . VAL A 1 107 ? 0.577   5.735   -8.662  1.00 41.32  ? 220 VAL D O   1 
ATOM   704  C CB  . VAL A 1 107 ? 3.208   3.807   -8.037  1.00 48.00  ? 220 VAL D CB  1 
ATOM   705  C CG1 . VAL A 1 107 ? 2.118   3.396   -7.061  1.00 48.46  ? 220 VAL D CG1 1 
ATOM   706  C CG2 . VAL A 1 107 ? 3.457   2.705   -9.057  1.00 47.02  ? 220 VAL D CG2 1 
ATOM   707  N N   . ASN A 1 108 ? 1.418   4.747   -10.591 1.00 36.41  ? 221 ASN D N   1 
ATOM   708  C CA  . ASN A 1 108 ? 0.151   4.585   -11.330 1.00 41.39  ? 221 ASN D CA  1 
ATOM   709  C C   . ASN A 1 108 ? -0.397  3.179   -11.034 1.00 45.40  ? 221 ASN D C   1 
ATOM   710  O O   . ASN A 1 108 ? 0.304   2.159   -11.228 1.00 42.69  ? 221 ASN D O   1 
ATOM   711  C CB  . ASN A 1 108 ? 0.330   4.969   -12.799 1.00 49.02  ? 221 ASN D CB  1 
ATOM   712  C CG  . ASN A 1 108 ? 0.982   6.335   -12.990 1.00 49.29  ? 221 ASN D CG  1 
ATOM   713  O OD1 . ASN A 1 108 ? 0.994   7.199   -12.107 1.00 52.14  ? 221 ASN D OD1 1 
ATOM   714  N ND2 . ASN A 1 108 ? 1.595   6.515   -14.137 1.00 57.29  ? 221 ASN D ND2 1 
ATOM   715  N N   . ALA A 1 109 ? -1.593  3.187   -10.457 1.00 42.75  ? 222 ALA D N   1 
ATOM   716  C CA  . ALA A 1 109 ? -2.248  1.942   -10.028 1.00 44.48  ? 222 ALA D CA  1 
ATOM   717  C C   . ALA A 1 109 ? -3.374  1.608   -10.997 1.00 47.37  ? 222 ALA D C   1 
ATOM   718  O O   . ALA A 1 109 ? -3.809  2.497   -11.735 1.00 44.57  ? 222 ALA D O   1 
ATOM   719  C CB  . ALA A 1 109 ? -2.757  2.158   -8.638  1.00 42.17  ? 222 ALA D CB  1 
ATOM   720  N N   . LYS A 1 110 ? -3.846  0.369   -10.960 1.00 50.28  ? 223 LYS D N   1 
ATOM   721  C CA  . LYS A 1 110 ? -4.833  -0.058  -11.974 1.00 50.19  ? 223 LYS D CA  1 
ATOM   722  C C   . LYS A 1 110 ? -6.166  -0.390  -11.316 1.00 50.64  ? 223 LYS D C   1 
ATOM   723  O O   . LYS A 1 110 ? -6.186  -0.739  -10.136 1.00 52.28  ? 223 LYS D O   1 
ATOM   724  C CB  . LYS A 1 110 ? -4.268  -1.255  -12.739 1.00 50.42  ? 223 LYS D CB  1 
ATOM   725  C CG  . LYS A 1 110 ? -2.758  -1.254  -12.919 1.00 59.56  ? 223 LYS D CG  1 
ATOM   726  C CD  . LYS A 1 110 ? -2.328  -1.706  -14.293 1.00 60.22  ? 223 LYS D CD  1 
ATOM   727  C CE  . LYS A 1 110 ? -0.839  -1.574  -14.520 1.00 65.26  ? 223 LYS D CE  1 
ATOM   728  N NZ  . LYS A 1 110 ? -0.311  -2.699  -15.325 1.00 73.85  ? 223 LYS D NZ  1 
ATOM   729  N N   . LYS A 1 111 ? -7.234  -0.287  -12.092 1.00 55.27  ? 224 LYS D N   1 
ATOM   730  C CA  . LYS A 1 111 ? -8.566  -0.635  -11.564 1.00 65.89  ? 224 LYS D CA  1 
ATOM   731  C C   . LYS A 1 111 ? -8.892  -2.077  -11.951 1.00 67.98  ? 224 LYS D C   1 
ATOM   732  O O   . LYS A 1 111 ? -9.050  -2.340  -13.149 1.00 73.26  ? 224 LYS D O   1 
ATOM   733  C CB  . LYS A 1 111 ? -9.608  0.345   -12.098 1.00 72.09  ? 224 LYS D CB  1 
ATOM   734  C CG  . LYS A 1 111 ? -9.441  1.785   -11.637 1.00 83.96  ? 224 LYS D CG  1 
ATOM   735  C CD  . LYS A 1 111 ? -10.494 2.719   -12.188 1.00 83.86  ? 224 LYS D CD  1 
ATOM   736  C CE  . LYS A 1 111 ? -10.275 4.150   -11.753 1.00 83.10  ? 224 LYS D CE  1 
ATOM   737  N NZ  . LYS A 1 111 ? -10.383 4.285   -10.282 1.00 81.28  ? 224 LYS D NZ  1 
ATOM   738  N N   . ASN A 1 112 ? -8.937  -2.973  -10.969 1.00 67.52  ? 225 ASN D N   1 
ATOM   739  C CA  . ASN A 1 112 ? -9.321  -4.383  -11.224 1.00 66.00  ? 225 ASN D CA  1 
ATOM   740  C C   . ASN A 1 112 ? -10.561 -4.675  -10.381 1.00 64.02  ? 225 ASN D C   1 
ATOM   741  O O   . ASN A 1 112 ? -11.029 -3.757  -9.698  1.00 66.76  ? 225 ASN D O   1 
ATOM   742  C CB  . ASN A 1 112 ? -8.165  -5.346  -10.951 1.00 66.23  ? 225 ASN D CB  1 
ATOM   743  C CG  . ASN A 1 112 ? -7.645  -5.309  -9.532  1.00 65.71  ? 225 ASN D CG  1 
ATOM   744  O OD1 . ASN A 1 112 ? -8.418  -5.264  -8.583  1.00 61.65  ? 225 ASN D OD1 1 
ATOM   745  N ND2 . ASN A 1 112 ? -6.333  -5.347  -9.383  1.00 71.05  ? 225 ASN D ND2 1 
ATOM   746  N N   . ASP A 1 113 ? -11.046 -5.913  -10.411 1.00 60.79  ? 226 ASP D N   1 
ATOM   747  C CA  . ASP A 1 113 ? -12.290 -6.248  -9.679  1.00 60.66  ? 226 ASP D CA  1 
ATOM   748  C C   . ASP A 1 113 ? -12.026 -6.202  -8.180  1.00 63.59  ? 226 ASP D C   1 
ATOM   749  O O   . ASP A 1 113 ? -12.997 -6.224  -7.424  1.00 63.47  ? 226 ASP D O   1 
ATOM   750  C CB  . ASP A 1 113 ? -12.849 -7.598  -10.113 1.00 75.35  ? 226 ASP D CB  1 
ATOM   751  C CG  . ASP A 1 113 ? -13.255 -7.633  -11.574 1.00 77.71  ? 226 ASP D CG  1 
ATOM   752  O OD1 . ASP A 1 113 ? -13.175 -6.576  -12.228 1.00 87.14  ? 226 ASP D OD1 1 
ATOM   753  O OD2 . ASP A 1 113 ? -13.645 -8.715  -12.046 1.00 86.15  ? 226 ASP D OD2 1 
ATOM   754  N N   . VAL A 1 114 ? -10.760 -6.122  -7.774  1.00 61.43  ? 227 VAL D N   1 
ATOM   755  C CA  . VAL A 1 114 ? -10.455 -5.979  -6.324  1.00 59.60  ? 227 VAL D CA  1 
ATOM   756  C C   . VAL A 1 114 ? -10.264 -4.500  -6.015  1.00 52.56  ? 227 VAL D C   1 
ATOM   757  O O   . VAL A 1 114 ? -10.871 -4.025  -5.056  1.00 52.04  ? 227 VAL D O   1 
ATOM   758  C CB  . VAL A 1 114 ? -9.209  -6.795  -5.931  1.00 62.85  ? 227 VAL D CB  1 
ATOM   759  C CG1 . VAL A 1 114 ? -8.939  -6.734  -4.437  1.00 61.07  ? 227 VAL D CG1 1 
ATOM   760  C CG2 . VAL A 1 114 ? -9.288  -8.230  -6.418  1.00 63.86  ? 227 VAL D CG2 1 
ATOM   761  N N   . THR A 1 115 ? -9.457  -3.807  -6.816  1.00 53.33  ? 228 THR D N   1 
ATOM   762  C CA  . THR A 1 115 ? -9.119  -2.383  -6.541  1.00 49.41  ? 228 THR D CA  1 
ATOM   763  C C   . THR A 1 115 ? -10.383 -1.519  -6.539  1.00 38.65  ? 228 THR D C   1 
ATOM   764  O O   . THR A 1 115 ? -10.437 -0.578  -5.749  1.00 43.23  ? 228 THR D O   1 
ATOM   765  C CB  . THR A 1 115 ? -8.042  -1.913  -7.522  1.00 43.38  ? 228 THR D CB  1 
ATOM   766  O OG1 . THR A 1 115 ? -8.582  -1.987  -8.835  1.00 45.95  ? 228 THR D OG1 1 
ATOM   767  C CG2 . THR A 1 115 ? -6.776  -2.733  -7.433  1.00 46.41  ? 228 THR D CG2 1 
ATOM   768  N N   . LYS A 1 116 ? -11.353 -1.846  -7.386  1.00 41.14  ? 229 LYS D N   1 
ATOM   769  C CA  . LYS A 1 116 ? -12.614 -1.064  -7.473  1.00 49.97  ? 229 LYS D CA  1 
ATOM   770  C C   . LYS A 1 116 ? -13.343 -1.138  -6.135  1.00 49.32  ? 229 LYS D C   1 
ATOM   771  O O   . LYS A 1 116 ? -14.108 -0.219  -5.834  1.00 51.38  ? 229 LYS D O   1 
ATOM   772  C CB  . LYS A 1 116 ? -13.484 -1.595  -8.612  1.00 56.50  ? 229 LYS D CB  1 
ATOM   773  C CG  . LYS A 1 116 ? -13.912 -3.048  -8.483  1.00 67.86  ? 229 LYS D CG  1 
ATOM   774  C CD  . LYS A 1 116 ? -14.471 -3.606  -9.769  1.00 75.59  ? 229 LYS D CD  1 
ATOM   775  C CE  . LYS A 1 116 ? -15.652 -4.526  -9.546  1.00 81.15  ? 229 LYS D CE  1 
ATOM   776  N NZ  . LYS A 1 116 ? -16.924 -3.769  -9.482  1.00 91.90  ? 229 LYS D NZ  1 
ATOM   777  N N   . ASN A 1 117 ? -13.110 -2.198  -5.377  1.00 47.51  ? 230 ASN D N   1 
ATOM   778  C CA  . ASN A 1 117 ? -13.707 -2.354  -4.021  1.00 53.11  ? 230 ASN D CA  1 
ATOM   779  C C   . ASN A 1 117 ? -12.951 -1.506  -2.992  1.00 58.67  ? 230 ASN D C   1 
ATOM   780  O O   . ASN A 1 117 ? -13.518 -1.315  -1.908  1.00 56.28  ? 230 ASN D O   1 
ATOM   781  C CB  . ASN A 1 117 ? -13.782 -3.831  -3.606  1.00 53.98  ? 230 ASN D CB  1 
ATOM   782  C CG  . ASN A 1 117 ? -14.667 -4.625  -4.543  1.00 56.47  ? 230 ASN D CG  1 
ATOM   783  O OD1 . ASN A 1 117 ? -15.834 -4.295  -4.710  1.00 67.12  ? 230 ASN D OD1 1 
ATOM   784  N ND2 . ASN A 1 117 ? -14.127 -5.636  -5.197  1.00 62.78  ? 230 ASN D ND2 1 
ATOM   785  N N   . PHE A 1 118 ? -11.729 -1.025  -3.286  1.00 52.89  ? 231 PHE D N   1 
ATOM   786  C CA  . PHE A 1 118 ? -10.947 -0.175  -2.347  1.00 55.21  ? 231 PHE D CA  1 
ATOM   787  C C   . PHE A 1 118 ? -11.296 1.289   -2.569  1.00 52.54  ? 231 PHE D C   1 
ATOM   788  O O   . PHE A 1 118 ? -10.942 1.834   -3.600  1.00 54.59  ? 231 PHE D O   1 
ATOM   789  C CB  . PHE A 1 118 ? -9.441  -0.320  -2.561  1.00 60.28  ? 231 PHE D CB  1 
ATOM   790  C CG  . PHE A 1 118 ? -8.856  -1.696  -2.392  1.00 60.77  ? 231 PHE D CG  1 
ATOM   791  C CD1 . PHE A 1 118 ? -9.413  -2.624  -1.528  1.00 68.68  ? 231 PHE D CD1 1 
ATOM   792  C CD2 . PHE A 1 118 ? -7.701  -2.041  -3.067  1.00 63.62  ? 231 PHE D CD2 1 
ATOM   793  C CE1 . PHE A 1 118 ? -8.836  -3.875  -1.376  1.00 70.36  ? 231 PHE D CE1 1 
ATOM   794  C CE2 . PHE A 1 118 ? -7.130  -3.295  -2.913  1.00 71.63  ? 231 PHE D CE2 1 
ATOM   795  C CZ  . PHE A 1 118 ? -7.700  -4.212  -2.066  1.00 61.55  ? 231 PHE D CZ  1 
ATOM   796  N N   . PRO A 1 119 ? -11.947 1.997   -1.620  1.00 59.46  ? 232 PRO D N   1 
ATOM   797  C CA  . PRO A 1 119 ? -12.494 3.325   -1.903  1.00 53.99  ? 232 PRO D CA  1 
ATOM   798  C C   . PRO A 1 119 ? -11.375 4.358   -2.060  1.00 50.21  ? 232 PRO D C   1 
ATOM   799  O O   . PRO A 1 119 ? -11.526 5.309   -2.781  1.00 60.13  ? 232 PRO D O   1 
ATOM   800  C CB  . PRO A 1 119 ? -13.348 3.672   -0.672  1.00 57.70  ? 232 PRO D CB  1 
ATOM   801  C CG  . PRO A 1 119 ? -13.403 2.384   0.148   1.00 58.91  ? 232 PRO D CG  1 
ATOM   802  C CD  . PRO A 1 119 ? -12.168 1.596   -0.222  1.00 62.54  ? 232 PRO D CD  1 
ATOM   803  N N   . PHE A 1 120 ? -10.278 4.138   -1.340  1.00 44.63  ? 233 PHE D N   1 
ATOM   804  C CA  . PHE A 1 120 ? -9.065  4.992   -1.333  1.00 45.13  ? 233 PHE D CA  1 
ATOM   805  C C   . PHE A 1 120 ? -8.239  4.781   -2.616  1.00 45.20  ? 233 PHE D C   1 
ATOM   806  O O   . PHE A 1 120 ? -7.205  5.504   -2.779  1.00 47.18  ? 233 PHE D O   1 
ATOM   807  C CB  . PHE A 1 120 ? -8.255  4.679   -0.074  1.00 47.54  ? 233 PHE D CB  1 
ATOM   808  C CG  . PHE A 1 120 ? -7.715  3.277   -0.079  1.00 45.93  ? 233 PHE D CG  1 
ATOM   809  C CD1 . PHE A 1 120 ? -6.537  2.985   -0.744  1.00 58.44  ? 233 PHE D CD1 1 
ATOM   810  C CD2 . PHE A 1 120 ? -8.396  2.250   0.551   1.00 59.49  ? 233 PHE D CD2 1 
ATOM   811  C CE1 . PHE A 1 120 ? -6.046  1.691   -0.783  1.00 57.74  ? 233 PHE D CE1 1 
ATOM   812  C CE2 . PHE A 1 120 ? -7.902  0.957   0.514   1.00 59.43  ? 233 PHE D CE2 1 
ATOM   813  C CZ  . PHE A 1 120 ? -6.731  0.686   -0.156  1.00 54.51  ? 233 PHE D CZ  1 
ATOM   814  N N   . TRP A 1 121 ? -8.617  3.832   -3.480  1.00 41.03  ? 234 TRP D N   1 
ATOM   815  C CA  . TRP A 1 121 ? -7.771  3.411   -4.627  1.00 45.06  ? 234 TRP D CA  1 
ATOM   816  C C   . TRP A 1 121 ? -7.902  4.421   -5.763  1.00 45.67  ? 234 TRP D C   1 
ATOM   817  O O   . TRP A 1 121 ? -8.990  4.545   -6.299  1.00 47.81  ? 234 TRP D O   1 
ATOM   818  C CB  . TRP A 1 121 ? -8.143  2.032   -5.149  1.00 42.87  ? 234 TRP D CB  1 
ATOM   819  C CG  . TRP A 1 121 ? -7.085  1.411   -6.011  1.00 42.52  ? 234 TRP D CG  1 
ATOM   820  C CD1 . TRP A 1 121 ? -7.047  1.351   -7.382  1.00 43.81  ? 234 TRP D CD1 1 
ATOM   821  C CD2 . TRP A 1 121 ? -5.897  0.746   -5.551  1.00 38.31  ? 234 TRP D CD2 1 
ATOM   822  N NE1 . TRP A 1 121 ? -5.911  0.697   -7.795  1.00 40.76  ? 234 TRP D NE1 1 
ATOM   823  C CE2 . TRP A 1 121 ? -5.216  0.276   -6.692  1.00 40.22  ? 234 TRP D CE2 1 
ATOM   824  C CE3 . TRP A 1 121 ? -5.371  0.455   -4.287  1.00 42.38  ? 234 TRP D CE3 1 
ATOM   825  C CZ2 . TRP A 1 121 ? -4.007  -0.416  -6.600  1.00 45.58  ? 234 TRP D CZ2 1 
ATOM   826  C CZ3 . TRP A 1 121 ? -4.187  -0.243  -4.199  1.00 43.33  ? 234 TRP D CZ3 1 
ATOM   827  C CH2 . TRP A 1 121 ? -3.521  -0.683  -5.340  1.00 41.83  ? 234 TRP D CH2 1 
ATOM   828  N N   . LYS A 1 122 ? -6.806  5.043   -6.148  1.00 49.28  ? 235 LYS D N   1 
ATOM   829  C CA  . LYS A 1 122 ? -6.754  6.053   -7.234  1.00 52.57  ? 235 LYS D CA  1 
ATOM   830  C C   . LYS A 1 122 ? -5.776  5.576   -8.299  1.00 51.84  ? 235 LYS D C   1 
ATOM   831  O O   . LYS A 1 122 ? -4.763  5.001   -7.911  1.00 44.69  ? 235 LYS D O   1 
ATOM   832  C CB  . LYS A 1 122 ? -6.162  7.369   -6.737  1.00 49.00  ? 235 LYS D CB  1 
ATOM   833  C CG  . LYS A 1 122 ? -7.073  8.248   -5.910  1.00 60.61  ? 235 LYS D CG  1 
ATOM   834  C CD  . LYS A 1 122 ? -6.349  9.506   -5.499  1.00 61.34  ? 235 LYS D CD  1 
ATOM   835  C CE  . LYS A 1 122 ? -6.720  9.947   -4.108  1.00 72.62  ? 235 LYS D CE  1 
ATOM   836  N NZ  . LYS A 1 122 ? -6.547  11.409  -3.948  1.00 76.10  ? 235 LYS D NZ  1 
ATOM   837  N N   . GLU A 1 123 ? -6.007  5.943   -9.558  1.00 43.07  ? 236 GLU D N   1 
ATOM   838  C CA  . GLU A 1 123 ? -5.053  5.726   -10.682 1.00 47.20  ? 236 GLU D CA  1 
ATOM   839  C C   . GLU A 1 123 ? -3.690  6.365   -10.372 1.00 41.59  ? 236 GLU D C   1 
ATOM   840  O O   . GLU A 1 123 ? -2.669  5.788   -10.704 1.00 50.65  ? 236 GLU D O   1 
ATOM   841  C CB  . GLU A 1 123 ? -5.633  6.368   -11.936 1.00 48.69  ? 236 GLU D CB  1 
ATOM   842  C CG  . GLU A 1 123 ? -4.777  6.202   -13.163 1.00 60.95  ? 236 GLU D CG  1 
ATOM   843  C CD  . GLU A 1 123 ? -5.395  6.945   -14.325 1.00 62.59  ? 236 GLU D CD  1 
ATOM   844  O OE1 . GLU A 1 123 ? -6.490  6.554   -14.742 1.00 72.73  ? 236 GLU D OE1 1 
ATOM   845  O OE2 . GLU A 1 123 ? -4.812  7.948   -14.742 1.00 64.72  ? 236 GLU D OE2 1 
ATOM   846  N N   . ARG A 1 124 ? -3.676  7.572   -9.823  1.00 43.08  ? 237 ARG D N   1 
ATOM   847  C CA  . ARG A 1 124 ? -2.425  8.255   -9.432  1.00 46.52  ? 237 ARG D CA  1 
ATOM   848  C C   . ARG A 1 124 ? -2.304  8.164   -7.917  1.00 42.10  ? 237 ARG D C   1 
ATOM   849  O O   . ARG A 1 124 ? -2.934  8.968   -7.196  1.00 42.66  ? 237 ARG D O   1 
ATOM   850  C CB  . ARG A 1 124 ? -2.424  9.683   -9.987  1.00 49.23  ? 237 ARG D CB  1 
ATOM   851  C CG  . ARG A 1 124 ? -1.060  10.338  -9.982  1.00 54.47  ? 237 ARG D CG  1 
ATOM   852  C CD  . ARG A 1 124 ? -1.180  11.816  -10.296 1.00 60.78  ? 237 ARG D CD  1 
ATOM   853  N NE  . ARG A 1 124 ? -1.708  12.576  -9.169  1.00 66.35  ? 237 ARG D NE  1 
ATOM   854  C CZ  . ARG A 1 124 ? -1.037  12.877  -8.047  1.00 55.64  ? 237 ARG D CZ  1 
ATOM   855  N NH1 . ARG A 1 124 ? 0.221   12.493  -7.872  1.00 55.07  ? 237 ARG D NH1 1 
ATOM   856  N NH2 . ARG A 1 124 ? -1.644  13.573  -7.099  1.00 58.30  ? 237 ARG D NH2 1 
ATOM   857  N N   . GLN A 1 125 ? -1.458  7.253   -7.450  1.00 39.36  ? 238 GLN D N   1 
ATOM   858  C CA  . GLN A 1 125 ? -1.393  6.873   -6.026  1.00 40.99  ? 238 GLN D CA  1 
ATOM   859  C C   . GLN A 1 125 ? -0.206  7.567   -5.365  1.00 37.66  ? 238 GLN D C   1 
ATOM   860  O O   . GLN A 1 125 ? 0.920   7.521   -5.899  1.00 43.44  ? 238 GLN D O   1 
ATOM   861  C CB  . GLN A 1 125 ? -1.357  5.346   -5.904  1.00 43.58  ? 238 GLN D CB  1 
ATOM   862  C CG  . GLN A 1 125 ? -2.076  4.857   -4.668  1.00 52.69  ? 238 GLN D CG  1 
ATOM   863  C CD  . GLN A 1 125 ? -2.205  3.361   -4.612  1.00 47.20  ? 238 GLN D CD  1 
ATOM   864  O OE1 . GLN A 1 125 ? -3.243  2.800   -4.963  1.00 61.62  ? 238 GLN D OE1 1 
ATOM   865  N NE2 . GLN A 1 125 ? -1.121  2.722   -4.217  1.00 46.51  ? 238 GLN D NE2 1 
ATOM   866  N N   . THR A 1 126 ? -0.446  8.159   -4.207  1.00 37.50  ? 239 THR D N   1 
ATOM   867  C CA  . THR A 1 126 ? 0.596   8.700   -3.314  1.00 38.34  ? 239 THR D CA  1 
ATOM   868  C C   . THR A 1 126 ? 0.591   7.904   -2.008  1.00 44.65  ? 239 THR D C   1 
ATOM   869  O O   . THR A 1 126 ? -0.432  7.925   -1.324  1.00 51.11  ? 239 THR D O   1 
ATOM   870  C CB  . THR A 1 126 ? 0.371   10.193  -3.072  1.00 43.99  ? 239 THR D CB  1 
ATOM   871  O OG1 . THR A 1 126 ? 0.293   10.810  -4.358  1.00 43.93  ? 239 THR D OG1 1 
ATOM   872  C CG2 . THR A 1 126 ? 1.447   10.839  -2.233  1.00 46.02  ? 239 THR D CG2 1 
ATOM   873  N N   . LEU A 1 127 ? 1.728   7.298   -1.657  1.00 44.66  ? 240 LEU D N   1 
ATOM   874  C CA  . LEU A 1 127 ? 1.950   6.583   -0.379  1.00 42.89  ? 240 LEU D CA  1 
ATOM   875  C C   . LEU A 1 127 ? 3.049   7.287   0.413   1.00 41.88  ? 240 LEU D C   1 
ATOM   876  O O   . LEU A 1 127 ? 4.165   7.372   -0.090  1.00 43.32  ? 240 LEU D O   1 
ATOM   877  C CB  . LEU A 1 127 ? 2.379   5.145   -0.687  1.00 44.35  ? 240 LEU D CB  1 
ATOM   878  C CG  . LEU A 1 127 ? 1.431   4.271   -1.497  1.00 45.53  ? 240 LEU D CG  1 
ATOM   879  C CD1 . LEU A 1 127 ? 1.779   2.798   -1.340  1.00 48.19  ? 240 LEU D CD1 1 
ATOM   880  C CD2 . LEU A 1 127 ? -0.006  4.458   -1.098  1.00 50.95  ? 240 LEU D CD2 1 
ATOM   881  N N   . ILE A 1 128 ? 2.778   7.708   1.638   1.00 39.69  ? 241 ILE D N   1 
ATOM   882  C CA  . ILE A 1 128 ? 3.832   8.285   2.521   1.00 43.27  ? 241 ILE D CA  1 
ATOM   883  C C   . ILE A 1 128 ? 4.301   7.211   3.524   1.00 44.60  ? 241 ILE D C   1 
ATOM   884  O O   . ILE A 1 128 ? 3.444   6.601   4.193   1.00 43.33  ? 241 ILE D O   1 
ATOM   885  C CB  . ILE A 1 128 ? 3.310   9.571   3.182   1.00 44.08  ? 241 ILE D CB  1 
ATOM   886  C CG1 . ILE A 1 128 ? 3.053   10.666  2.133   1.00 51.19  ? 241 ILE D CG1 1 
ATOM   887  C CG2 . ILE A 1 128 ? 4.260   10.086  4.236   1.00 46.64  ? 241 ILE D CG2 1 
ATOM   888  C CD1 . ILE A 1 128 ? 1.662   10.710  1.629   1.00 57.79  ? 241 ILE D CD1 1 
ATOM   889  N N   . PHE A 1 129 ? 5.614   6.973   3.562   1.00 41.75  ? 242 PHE D N   1 
ATOM   890  C CA  . PHE A 1 129 ? 6.358   6.162   4.557   1.00 46.96  ? 242 PHE D CA  1 
ATOM   891  C C   . PHE A 1 129 ? 7.112   7.088   5.516   1.00 48.01  ? 242 PHE D C   1 
ATOM   892  O O   . PHE A 1 129 ? 7.930   7.936   5.092   1.00 55.19  ? 242 PHE D O   1 
ATOM   893  C CB  . PHE A 1 129 ? 7.295   5.204   3.834   1.00 43.70  ? 242 PHE D CB  1 
ATOM   894  C CG  . PHE A 1 129 ? 6.570   4.128   3.070   1.00 47.03  ? 242 PHE D CG  1 
ATOM   895  C CD1 . PHE A 1 129 ? 6.154   4.339   1.767   1.00 45.61  ? 242 PHE D CD1 1 
ATOM   896  C CD2 . PHE A 1 129 ? 6.278   2.908   3.669   1.00 43.49  ? 242 PHE D CD2 1 
ATOM   897  C CE1 . PHE A 1 129 ? 5.509   3.333   1.062   1.00 45.18  ? 242 PHE D CE1 1 
ATOM   898  C CE2 . PHE A 1 129 ? 5.640   1.908   2.959   1.00 38.82  ? 242 PHE D CE2 1 
ATOM   899  C CZ  . PHE A 1 129 ? 5.211   2.132   1.675   1.00 41.79  ? 242 PHE D CZ  1 
ATOM   900  N N   . THR A 1 130 ? 6.806   6.935   6.791   1.00 46.62  ? 243 THR D N   1 
ATOM   901  C CA  . THR A 1 130 ? 7.295   7.765   7.913   1.00 51.94  ? 243 THR D CA  1 
ATOM   902  C C   . THR A 1 130 ? 8.028   6.873   8.918   1.00 57.60  ? 243 THR D C   1 
ATOM   903  O O   . THR A 1 130 ? 7.547   5.738   9.203   1.00 52.94  ? 243 THR D O   1 
ATOM   904  C CB  . THR A 1 130 ? 6.096   8.481   8.538   1.00 57.52  ? 243 THR D CB  1 
ATOM   905  O OG1 . THR A 1 130 ? 5.653   9.422   7.554   1.00 65.23  ? 243 THR D OG1 1 
ATOM   906  C CG2 . THR A 1 130 ? 6.416   9.198   9.829   1.00 69.42  ? 243 THR D CG2 1 
ATOM   907  N N   . THR A 1 131 ? 9.131   7.362   9.477   1.00 61.88  ? 244 THR D N   1 
ATOM   908  C CA  . THR A 1 131 ? 9.829   6.681   10.597  1.00 59.29  ? 244 THR D CA  1 
ATOM   909  C C   . THR A 1 131 ? 9.733   7.559   11.842  1.00 66.39  ? 244 THR D C   1 
ATOM   910  O O   . THR A 1 131 ? 9.802   8.802   11.704  1.00 71.40  ? 244 THR D O   1 
ATOM   911  C CB  . THR A 1 131 ? 11.250  6.263   10.213  1.00 55.66  ? 244 THR D CB  1 
ATOM   912  O OG1 . THR A 1 131 ? 11.734  5.554   11.354  1.00 58.85  ? 244 THR D OG1 1 
ATOM   913  C CG2 . THR A 1 131 ? 12.154  7.420   9.856   1.00 60.34  ? 244 THR D CG2 1 
ATOM   914  N N   . GLU A 1 132 ? 9.518   6.919   12.994  1.00 66.35  ? 245 GLU D N   1 
ATOM   915  C CA  . GLU A 1 132 ? 9.466   7.549   14.336  1.00 68.34  ? 245 GLU D CA  1 
ATOM   916  C C   . GLU A 1 132 ? 10.639  7.079   15.206  1.00 67.60  ? 245 GLU D C   1 
ATOM   917  O O   . GLU A 1 132 ? 10.874  7.700   16.247  1.00 74.98  ? 245 GLU D O   1 
ATOM   918  C CB  . GLU A 1 132 ? 8.103   7.231   14.931  1.00 76.50  ? 245 GLU D CB  1 
ATOM   919  C CG  . GLU A 1 132 ? 7.007   7.523   13.927  1.00 87.13  ? 245 GLU D CG  1 
ATOM   920  C CD  . GLU A 1 132 ? 5.625   7.647   14.530  1.00 94.47  ? 245 GLU D CD  1 
ATOM   921  O OE1 . GLU A 1 132 ? 5.171   6.656   15.146  1.00 91.19  ? 245 GLU D OE1 1 
ATOM   922  O OE2 . GLU A 1 132 ? 5.017   8.735   14.392  1.00 95.20  ? 245 GLU D OE2 1 
ATOM   923  N N   . ASP A 1 133 ? 11.382  6.055   14.779  1.00 70.35  ? 246 ASP D N   1 
ATOM   924  C CA  . ASP A 1 133 ? 12.570  5.522   15.503  1.00 66.18  ? 246 ASP D CA  1 
ATOM   925  C C   . ASP A 1 133 ? 13.808  5.543   14.592  1.00 64.71  ? 246 ASP D C   1 
ATOM   926  O O   . ASP A 1 133 ? 14.848  5.027   15.010  1.00 76.60  ? 246 ASP D O   1 
ATOM   927  C CB  . ASP A 1 133 ? 12.288  4.115   16.032  1.00 66.81  ? 246 ASP D CB  1 
ATOM   928  C CG  . ASP A 1 133 ? 11.829  3.112   14.978  1.00 62.52  ? 246 ASP D CG  1 
ATOM   929  O OD1 . ASP A 1 133 ? 11.970  3.392   13.763  1.00 56.68  ? 246 ASP D OD1 1 
ATOM   930  O OD2 . ASP A 1 133 ? 11.328  2.061   15.379  1.00 61.88  ? 246 ASP D OD2 1 
ATOM   931  N N   . ASP A 1 134 ? 13.694  6.102   13.387  1.00 64.95  ? 247 ASP D N   1 
ATOM   932  C CA  . ASP A 1 134 ? 14.746  6.107   12.332  1.00 73.00  ? 247 ASP D CA  1 
ATOM   933  C C   . ASP A 1 134 ? 15.211  4.679   11.995  1.00 71.37  ? 247 ASP D C   1 
ATOM   934  O O   . ASP A 1 134 ? 16.253  4.558   11.331  1.00 71.33  ? 247 ASP D O   1 
ATOM   935  C CB  . ASP A 1 134 ? 15.914  7.016   12.729  1.00 79.02  ? 247 ASP D CB  1 
ATOM   936  C CG  . ASP A 1 134 ? 15.460  8.358   13.283  1.00 81.38  ? 247 ASP D CG  1 
ATOM   937  O OD1 . ASP A 1 134 ? 14.863  9.151   12.506  1.00 75.18  ? 247 ASP D OD1 1 
ATOM   938  O OD2 . ASP A 1 134 ? 15.655  8.578   14.502  1.00 77.88  ? 247 ASP D OD2 1 
ATOM   939  N N   . ASN A 1 135 ? 14.434  3.647   12.353  1.00 73.64  ? 248 ASN D N   1 
ATOM   940  C CA  . ASN A 1 135 ? 14.711  2.218   12.025  1.00 69.58  ? 248 ASN D CA  1 
ATOM   941  C C   . ASN A 1 135 ? 13.634  1.674   11.082  1.00 60.01  ? 248 ASN D C   1 
ATOM   942  O O   . ASN A 1 135 ? 13.967  1.062   10.046  1.00 57.45  ? 248 ASN D O   1 
ATOM   943  C CB  . ASN A 1 135 ? 14.720  1.328   13.272  1.00 71.57  ? 248 ASN D CB  1 
ATOM   944  C CG  . ASN A 1 135 ? 15.833  1.655   14.247  1.00 82.01  ? 248 ASN D CG  1 
ATOM   945  O OD1 . ASN A 1 135 ? 15.622  1.614   15.459  1.00 76.05  ? 248 ASN D OD1 1 
ATOM   946  N ND2 . ASN A 1 135 ? 17.016  1.966   13.730  1.00 76.80  ? 248 ASN D ND2 1 
ATOM   947  N N   . ASN A 1 136 ? 12.384  1.881   11.471  1.00 53.59  ? 249 ASN D N   1 
ATOM   948  C CA  . ASN A 1 136 ? 11.187  1.299   10.821  1.00 54.61  ? 249 ASN D CA  1 
ATOM   949  C C   . ASN A 1 136 ? 10.435  2.373   10.051  1.00 53.04  ? 249 ASN D C   1 
ATOM   950  O O   . ASN A 1 136 ? 9.997   3.340   10.683  1.00 53.68  ? 249 ASN D O   1 
ATOM   951  C CB  . ASN A 1 136 ? 10.305  0.649   11.875  1.00 51.93  ? 249 ASN D CB  1 
ATOM   952  C CG  . ASN A 1 136 ? 11.019  -0.567  12.412  1.00 52.85  ? 249 ASN D CG  1 
ATOM   953  O OD1 . ASN A 1 136 ? 11.504  -0.571  13.539  1.00 53.27  ? 249 ASN D OD1 1 
ATOM   954  N ND2 . ASN A 1 136 ? 11.227  -1.520  11.534  1.00 43.47  ? 249 ASN D ND2 1 
ATOM   955  N N   . TRP A 1 137 ? 10.282  2.144   8.748   1.00 49.69  ? 250 TRP D N   1 
ATOM   956  C CA  . TRP A 1 137 ? 9.506   2.991   7.813   1.00 49.53  ? 250 TRP D CA  1 
ATOM   957  C C   . TRP A 1 137 ? 8.169   2.309   7.527   1.00 47.59  ? 250 TRP D C   1 
ATOM   958  O O   . TRP A 1 137 ? 8.148   1.288   6.837   1.00 46.17  ? 250 TRP D O   1 
ATOM   959  C CB  . TRP A 1 137 ? 10.306  3.222   6.541   1.00 47.52  ? 250 TRP D CB  1 
ATOM   960  C CG  . TRP A 1 137 ? 11.575  3.967   6.777   1.00 54.91  ? 250 TRP D CG  1 
ATOM   961  C CD1 . TRP A 1 137 ? 12.788  3.448   7.123   1.00 62.47  ? 250 TRP D CD1 1 
ATOM   962  C CD2 . TRP A 1 137 ? 11.761  5.387   6.655   1.00 68.00  ? 250 TRP D CD2 1 
ATOM   963  N NE1 . TRP A 1 137 ? 13.720  4.447   7.214   1.00 69.15  ? 250 TRP D NE1 1 
ATOM   964  C CE2 . TRP A 1 137 ? 13.122  5.645   6.921   1.00 70.55  ? 250 TRP D CE2 1 
ATOM   965  C CE3 . TRP A 1 137 ? 10.918  6.453   6.318   1.00 70.08  ? 250 TRP D CE3 1 
ATOM   966  C CZ2 . TRP A 1 137 ? 13.650  6.934   6.879   1.00 69.59  ? 250 TRP D CZ2 1 
ATOM   967  C CZ3 . TRP A 1 137 ? 11.443  7.724   6.274   1.00 70.95  ? 250 TRP D CZ3 1 
ATOM   968  C CH2 . TRP A 1 137 ? 12.791  7.959   6.553   1.00 68.50  ? 250 TRP D CH2 1 
ATOM   969  N N   . PHE A 1 138 ? 7.113   2.861   8.090   1.00 43.22  ? 251 PHE D N   1 
ATOM   970  C CA  . PHE A 1 138 ? 5.728   2.363   7.966   1.00 46.61  ? 251 PHE D CA  1 
ATOM   971  C C   . PHE A 1 138 ? 4.917   3.295   7.056   1.00 46.71  ? 251 PHE D C   1 
ATOM   972  O O   . PHE A 1 138 ? 5.172   4.487   7.057   1.00 48.00  ? 251 PHE D O   1 
ATOM   973  C CB  . PHE A 1 138 ? 5.103   2.322   9.353   1.00 45.29  ? 251 PHE D CB  1 
ATOM   974  C CG  . PHE A 1 138 ? 5.722   1.338   10.313  1.00 47.39  ? 251 PHE D CG  1 
ATOM   975  C CD1 . PHE A 1 138 ? 5.835   -0.001  9.990   1.00 53.30  ? 251 PHE D CD1 1 
ATOM   976  C CD2 . PHE A 1 138 ? 6.184   1.754   11.545  1.00 45.09  ? 251 PHE D CD2 1 
ATOM   977  C CE1 . PHE A 1 138 ? 6.385   -0.905  10.892  1.00 62.88  ? 251 PHE D CE1 1 
ATOM   978  C CE2 . PHE A 1 138 ? 6.722   0.848   12.449  1.00 49.49  ? 251 PHE D CE2 1 
ATOM   979  C CZ  . PHE A 1 138 ? 6.796   -0.481  12.134  1.00 46.57  ? 251 PHE D CZ  1 
ATOM   980  N N   . LEU A 1 139 ? 3.894   2.754   6.405   1.00 46.91  ? 252 LEU D N   1 
ATOM   981  C CA  . LEU A 1 139 ? 2.895   3.502   5.610   1.00 43.10  ? 252 LEU D CA  1 
ATOM   982  C C   . LEU A 1 139 ? 1.976   4.253   6.577   1.00 44.80  ? 252 LEU D C   1 
ATOM   983  O O   . LEU A 1 139 ? 1.278   3.629   7.457   1.00 39.51  ? 252 LEU D O   1 
ATOM   984  C CB  . LEU A 1 139 ? 2.165   2.518   4.691   1.00 41.23  ? 252 LEU D CB  1 
ATOM   985  C CG  . LEU A 1 139 ? 1.152   3.134   3.738   1.00 41.62  ? 252 LEU D CG  1 
ATOM   986  C CD1 . LEU A 1 139 ? 1.849   3.844   2.592   1.00 43.96  ? 252 LEU D CD1 1 
ATOM   987  C CD2 . LEU A 1 139 ? 0.193   2.089   3.228   1.00 38.42  ? 252 LEU D CD2 1 
ATOM   988  N N   . SER A 1 140 ? 2.027   5.580   6.482   1.00 38.73  ? 253 SER D N   1 
ATOM   989  C CA  . SER A 1 140 ? 1.282   6.529   7.347   1.00 39.48  ? 253 SER D CA  1 
ATOM   990  C C   . SER A 1 140 ? 0.232   7.299   6.535   1.00 35.54  ? 253 SER D C   1 
ATOM   991  O O   . SER A 1 140 ? -0.672  7.894   7.139   1.00 40.15  ? 253 SER D O   1 
ATOM   992  C CB  . SER A 1 140 ? 2.238   7.469   8.035   1.00 42.77  ? 253 SER D CB  1 
ATOM   993  O OG  . SER A 1 140 ? 3.301   7.818   7.160   1.00 46.71  ? 253 SER D OG  1 
ATOM   994  N N   . SER A 1 141 ? 0.292   7.277   5.216   1.00 38.05  ? 254 SER D N   1 
ATOM   995  C CA  . SER A 1 141 ? -0.749  7.939   4.393   1.00 41.49  ? 254 SER D CA  1 
ATOM   996  C C   . SER A 1 141 ? -0.849  7.277   3.018   1.00 40.61  ? 254 SER D C   1 
ATOM   997  O O   . SER A 1 141 ? 0.189   6.869   2.460   1.00 40.71  ? 254 SER D O   1 
ATOM   998  C CB  . SER A 1 141 ? -0.499  9.446   4.304   1.00 44.72  ? 254 SER D CB  1 
ATOM   999  O OG  . SER A 1 141 ? -1.385  10.014  3.336   1.00 55.96  ? 254 SER D OG  1 
ATOM   1000 N N   . ILE A 1 142 ? -2.076  7.162   2.525   1.00 37.43  ? 255 ILE D N   1 
ATOM   1001 C CA  . ILE A 1 142 ? -2.437  6.589   1.203   1.00 45.10  ? 255 ILE D CA  1 
ATOM   1002 C C   . ILE A 1 142 ? -3.525  7.472   0.590   1.00 49.57  ? 255 ILE D C   1 
ATOM   1003 O O   . ILE A 1 142 ? -4.560  7.726   1.263   1.00 42.46  ? 255 ILE D O   1 
ATOM   1004 C CB  . ILE A 1 142 ? -2.864  5.109   1.256   1.00 48.52  ? 255 ILE D CB  1 
ATOM   1005 C CG1 . ILE A 1 142 ? -3.245  4.630   -0.148  1.00 54.59  ? 255 ILE D CG1 1 
ATOM   1006 C CG2 . ILE A 1 142 ? -3.989  4.865   2.244   1.00 52.57  ? 255 ILE D CG2 1 
ATOM   1007 C CD1 . ILE A 1 142 ? -3.099  3.144   -0.372  1.00 58.88  ? 255 ILE D CD1 1 
ATOM   1008 N N   . ASN A 1 143 ? -3.274  7.925   -0.642  1.00 50.87  ? 256 ASN D N   1 
ATOM   1009 C CA  . ASN A 1 143 ? -4.119  8.900   -1.372  1.00 58.81  ? 256 ASN D CA  1 
ATOM   1010 C C   . ASN A 1 143 ? -3.584  9.071   -2.800  1.00 51.50  ? 256 ASN D C   1 
ATOM   1011 O O   . ASN A 1 143 ? -3.233  8.013   -3.375  1.00 50.30  ? 256 ASN D O   1 
ATOM   1012 C CB  . ASN A 1 143 ? -4.179  10.225  -0.603  1.00 60.53  ? 256 ASN D CB  1 
ATOM   1013 C CG  . ASN A 1 143 ? -5.491  10.945  -0.821  1.00 73.55  ? 256 ASN D CG  1 
ATOM   1014 O OD1 . ASN A 1 143 ? -6.453  10.355  -1.311  1.00 69.36  ? 256 ASN D OD1 1 
ATOM   1015 N ND2 . ASN A 1 143 ? -5.538  12.222  -0.483  1.00 81.06  ? 256 ASN D ND2 1 
HETATM 1016 O O   . HOH B 2 .   ? 6.145   5.360   11.144  1.00 68.19  ? 301 HOH D O   1 
HETATM 1017 O O   . HOH B 2 .   ? -4.535  -10.566 -6.008  1.00 53.99  ? 302 HOH D O   1 
HETATM 1018 O O   . HOH B 2 .   ? -8.898  -0.093  15.738  1.00 67.42  ? 303 HOH D O   1 
HETATM 1019 O O   . HOH B 2 .   ? 3.994   12.822  -3.810  1.00 47.77  ? 304 HOH D O   1 
HETATM 1020 O O   . HOH B 2 .   ? -11.824 2.663   -5.832  1.00 67.49  ? 305 HOH D O   1 
HETATM 1021 O O   . HOH B 2 .   ? 2.994   2.971   13.718  1.00 60.53  ? 306 HOH D O   1 
HETATM 1022 O O   . HOH B 2 .   ? 9.828   -2.241  9.525   1.00 50.24  ? 307 HOH D O   1 
HETATM 1023 O O   . HOH B 2 .   ? -12.308 -1.732  8.903   1.00 61.34  ? 308 HOH D O   1 
HETATM 1024 O O   . HOH B 2 .   ? -10.851 -6.088  12.216  1.00 48.81  ? 309 HOH D O   1 
HETATM 1025 O O   . HOH B 2 .   ? 5.217   -1.772  -15.619 1.00 75.02  ? 310 HOH D O   1 
HETATM 1026 O O   . HOH B 2 .   ? -13.975 -11.399 -9.612  1.00 75.35  ? 311 HOH D O   1 
HETATM 1027 O O   . HOH B 2 .   ? 8.576   4.151   12.722  1.00 54.07  ? 312 HOH D O   1 
HETATM 1028 O O   . HOH B 2 .   ? -2.161  10.566  -5.228  1.00 39.45  ? 313 HOH D O   1 
HETATM 1029 O O   . HOH B 2 .   ? -4.766  5.804   -3.709  1.00 49.10  ? 314 HOH D O   1 
HETATM 1030 O O   . HOH B 2 .   ? -0.220  13.454  -4.310  1.00 50.04  ? 315 HOH D O   1 
HETATM 1031 O O   . HOH B 2 .   ? -1.041  9.787   0.665   1.00 54.01  ? 316 HOH D O   1 
HETATM 1032 O O   . HOH B 2 .   ? -2.947  -14.480 -12.170 1.00 58.96  ? 317 HOH D O   1 
HETATM 1033 O O   . HOH B 2 .   ? 0.660   5.496   14.217  1.00 61.81  ? 318 HOH D O   1 
HETATM 1034 O O   . HOH B 2 .   ? 4.520   8.276   -11.339 1.00 54.33  ? 319 HOH D O   1 
HETATM 1035 O O   . HOH B 2 .   ? 7.474   10.231  -5.567  1.00 46.55  ? 320 HOH D O   1 
HETATM 1036 O O   . HOH B 2 .   ? 9.478   -6.579  -0.851  1.00 54.98  ? 321 HOH D O   1 
HETATM 1037 O O   . HOH B 2 .   ? 3.624   0.286   17.623  1.00 69.07  ? 322 HOH D O   1 
HETATM 1038 O O   . HOH B 2 .   ? 2.498   -0.579  13.133  1.00 66.47  ? 323 HOH D O   1 
HETATM 1039 O O   . HOH B 2 .   ? 11.440  -0.190  7.643   1.00 56.21  ? 324 HOH D O   1 
HETATM 1040 O O   . HOH B 2 .   ? -4.641  10.662  2.958   1.00 56.04  ? 325 HOH D O   1 
HETATM 1041 O O   . HOH B 2 .   ? -7.907  8.074   -16.905 1.00 72.27  ? 326 HOH D O   1 
HETATM 1042 O O   . HOH B 2 .   ? -6.022  9.528   -9.802  1.00 48.32  ? 327 HOH D O   1 
HETATM 1043 O O   . HOH B 2 .   ? -9.874  2.222   6.526   1.00 63.86  ? 328 HOH D O   1 
HETATM 1044 O O   . HOH B 2 .   ? -4.798  -1.055  15.078  1.00 46.06  ? 329 HOH D O   1 
HETATM 1045 O O   . HOH B 2 .   ? 24.154  5.021   -3.500  1.00 67.79  ? 330 HOH D O   1 
# 
loop_
_pdbx_poly_seq_scheme.asym_id 
_pdbx_poly_seq_scheme.entity_id 
_pdbx_poly_seq_scheme.seq_id 
_pdbx_poly_seq_scheme.mon_id 
_pdbx_poly_seq_scheme.ndb_seq_num 
_pdbx_poly_seq_scheme.pdb_seq_num 
_pdbx_poly_seq_scheme.auth_seq_num 
_pdbx_poly_seq_scheme.pdb_mon_id 
_pdbx_poly_seq_scheme.auth_mon_id 
_pdbx_poly_seq_scheme.pdb_strand_id 
_pdbx_poly_seq_scheme.pdb_ins_code 
_pdbx_poly_seq_scheme.hetero 
A 1 1   GLY 1   114 ?   ?   ?   D . n 
A 1 2   ALA 2   115 ?   ?   ?   D . n 
A 1 3   MET 3   116 ?   ?   ?   D . n 
A 1 4   GLY 4   117 ?   ?   ?   D . n 
A 1 5   ALA 5   118 ?   ?   ?   D . n 
A 1 6   PRO 6   119 ?   ?   ?   D . n 
A 1 7   LYS 7   120 ?   ?   ?   D . n 
A 1 8   ILE 8   121 ?   ?   ?   D . n 
A 1 9   GLU 9   122 ?   ?   ?   D . n 
A 1 10  TYR 10  123 ?   ?   ?   D . n 
A 1 11  ILE 11  124 ?   ?   ?   D . n 
A 1 12  ALA 12  125 ?   ?   ?   D . n 
A 1 13  GLN 13  126 ?   ?   ?   D . n 
A 1 14  ARG 14  127 ?   ?   ?   D . n 
A 1 15  GLU 15  128 ?   ?   ?   D . n 
A 1 16  ARG 16  129 ?   ?   ?   D . n 
A 1 17  SER 17  130 ?   ?   ?   D . n 
A 1 18  LYS 18  131 ?   ?   ?   D . n 
A 1 19  ASN 19  132 132 ASN ASN D . n 
A 1 20  GLN 20  133 133 GLN GLN D . n 
A 1 21  ASP 21  134 134 ASP ASP D . n 
A 1 22  LYS 22  135 135 LYS LYS D . n 
A 1 23  ILE 23  136 136 ILE ILE D . n 
A 1 24  ILE 24  137 137 ILE ILE D . n 
A 1 25  LYS 25  138 138 LYS LYS D . n 
A 1 26  PHE 26  139 139 PHE PHE D . n 
A 1 27  GLN 27  140 140 GLN GLN D . n 
A 1 28  PHE 28  141 141 PHE PHE D . n 
A 1 29  GLY 29  142 142 GLY GLY D . n 
A 1 30  LYS 30  143 143 LYS LYS D . n 
A 1 31  PHE 31  144 144 PHE PHE D . n 
A 1 32  ALA 32  145 145 ALA ALA D . n 
A 1 33  ARG 33  146 146 ARG ARG D . n 
A 1 34  ALA 34  147 147 ALA ALA D . n 
A 1 35  LEU 35  148 148 LEU LEU D . n 
A 1 36  ILE 36  149 149 ILE ILE D . n 
A 1 37  SER 37  150 150 SER SER D . n 
A 1 38  ARG 38  151 151 ARG ARG D . n 
A 1 39  ASN 39  152 152 ASN ASN D . n 
A 1 40  PHE 40  153 153 PHE PHE D . n 
A 1 41  ASP 41  154 154 ASP ASP D . n 
A 1 42  LEU 42  155 155 LEU LEU D . n 
A 1 43  PHE 43  156 156 PHE PHE D . n 
A 1 44  ASP 44  157 157 ASP ASP D . n 
A 1 45  SER 45  158 158 SER SER D . n 
A 1 46  VAL 46  159 159 VAL VAL D . n 
A 1 47  ILE 47  160 160 ILE ILE D . n 
A 1 48  ALA 48  161 161 ALA ALA D . n 
A 1 49  ASP 49  162 162 ASP ASP D . n 
A 1 50  LYS 50  163 163 LYS LYS D . n 
A 1 51  VAL 51  164 164 VAL VAL D . n 
A 1 52  ASN 52  165 165 ASN ASN D . n 
A 1 53  VAL 53  166 166 VAL VAL D . n 
A 1 54  MET 54  167 167 MET MET D . n 
A 1 55  GLY 55  168 168 GLY GLY D . n 
A 1 56  GLN 56  169 169 GLN GLN D . n 
A 1 57  PHE 57  170 170 PHE PHE D . n 
A 1 58  GLU 58  171 171 GLU GLU D . n 
A 1 59  SER 59  172 172 SER SER D . n 
A 1 60  LYS 60  173 173 LYS LYS D . n 
A 1 61  ASN 61  174 174 ASN ASN D . n 
A 1 62  ASP 62  175 175 ASP ASP D . n 
A 1 63  PHE 63  176 176 PHE PHE D . n 
A 1 64  ILE 64  177 177 ILE ILE D . n 
A 1 65  SER 65  178 178 SER SER D . n 
A 1 66  THR 66  179 179 THR THR D . n 
A 1 67  LEU 67  180 180 LEU LEU D . n 
A 1 68  SER 68  181 181 SER SER D . n 
A 1 69  SER 69  182 182 SER SER D . n 
A 1 70  ALA 70  183 183 ALA ALA D . n 
A 1 71  SER 71  184 184 SER SER D . n 
A 1 72  SER 72  185 185 SER SER D . n 
A 1 73  LYS 73  186 186 LYS LYS D . n 
A 1 74  ALA 74  187 187 ALA ALA D . n 
A 1 75  ASP 75  188 188 ASP ASP D . n 
A 1 76  ALA 76  189 189 ALA ALA D . n 
A 1 77  ASP 77  190 190 ASP ASP D . n 
A 1 78  GLU 78  191 191 GLU GLU D . n 
A 1 79  LEU 79  192 192 LEU LEU D . n 
A 1 80  GLU 80  193 193 GLU GLU D . n 
A 1 81  TYR 81  194 194 TYR TYR D . n 
A 1 82  LEU 82  195 195 LEU LEU D . n 
A 1 83  SER 83  196 196 SER SER D . n 
A 1 84  VAL 84  197 197 VAL VAL D . n 
A 1 85  ASP 85  198 198 ASP ASP D . n 
A 1 86  ASP 86  199 199 ASP ASP D . n 
A 1 87  TYR 87  200 200 TYR TYR D . n 
A 1 88  TYR 88  201 201 TYR TYR D . n 
A 1 89  ASP 89  202 202 ASP ASP D . n 
A 1 90  LEU 90  203 203 LEU LEU D . n 
A 1 91  LYS 91  204 204 LYS LYS D . n 
A 1 92  SER 92  205 205 SER SER D . n 
A 1 93  LEU 93  206 206 LEU LEU D . n 
A 1 94  LYS 94  207 207 LYS LYS D . n 
A 1 95  ILE 95  208 208 ILE ILE D . n 
A 1 96  SER 96  209 209 SER SER D . n 
A 1 97  LYS 97  210 210 LYS LYS D . n 
A 1 98  SER 98  211 211 SER SER D . n 
A 1 99  ASN 99  212 212 ASN ASN D . n 
A 1 100 ASP 100 213 213 ASP ASP D . n 
A 1 101 THR 101 214 214 THR THR D . n 
A 1 102 SER 102 215 215 SER SER D . n 
A 1 103 PHE 103 216 216 PHE PHE D . n 
A 1 104 ALA 104 217 217 ALA ALA D . n 
A 1 105 VAL 105 218 218 VAL VAL D . n 
A 1 106 ASN 106 219 219 ASN ASN D . n 
A 1 107 VAL 107 220 220 VAL VAL D . n 
A 1 108 ASN 108 221 221 ASN ASN D . n 
A 1 109 ALA 109 222 222 ALA ALA D . n 
A 1 110 LYS 110 223 223 LYS LYS D . n 
A 1 111 LYS 111 224 224 LYS LYS D . n 
A 1 112 ASN 112 225 225 ASN ASN D . n 
A 1 113 ASP 113 226 226 ASP ASP D . n 
A 1 114 VAL 114 227 227 VAL VAL D . n 
A 1 115 THR 115 228 228 THR THR D . n 
A 1 116 LYS 116 229 229 LYS LYS D . n 
A 1 117 ASN 117 230 230 ASN ASN D . n 
A 1 118 PHE 118 231 231 PHE PHE D . n 
A 1 119 PRO 119 232 232 PRO PRO D . n 
A 1 120 PHE 120 233 233 PHE PHE D . n 
A 1 121 TRP 121 234 234 TRP TRP D . n 
A 1 122 LYS 122 235 235 LYS LYS D . n 
A 1 123 GLU 123 236 236 GLU GLU D . n 
A 1 124 ARG 124 237 237 ARG ARG D . n 
A 1 125 GLN 125 238 238 GLN GLN D . n 
A 1 126 THR 126 239 239 THR THR D . n 
A 1 127 LEU 127 240 240 LEU LEU D . n 
A 1 128 ILE 128 241 241 ILE ILE D . n 
A 1 129 PHE 129 242 242 PHE PHE D . n 
A 1 130 THR 130 243 243 THR THR D . n 
A 1 131 THR 131 244 244 THR THR D . n 
A 1 132 GLU 132 245 245 GLU GLU D . n 
A 1 133 ASP 133 246 246 ASP ASP D . n 
A 1 134 ASP 134 247 247 ASP ASP D . n 
A 1 135 ASN 135 248 248 ASN ASN D . n 
A 1 136 ASN 136 249 249 ASN ASN D . n 
A 1 137 TRP 137 250 250 TRP TRP D . n 
A 1 138 PHE 138 251 251 PHE PHE D . n 
A 1 139 LEU 139 252 252 LEU LEU D . n 
A 1 140 SER 140 253 253 SER SER D . n 
A 1 141 SER 141 254 254 SER SER D . n 
A 1 142 ILE 142 255 255 ILE ILE D . n 
A 1 143 ASN 143 256 256 ASN ASN D . n 
# 
_pdbx_contact_author.id                 2 
_pdbx_contact_author.email              kalvis@biomed.lu.lv 
_pdbx_contact_author.name_first         Kalvis 
_pdbx_contact_author.name_last          Brangulis 
_pdbx_contact_author.name_mi            ? 
_pdbx_contact_author.role               'principal investigator/group leader' 
_pdbx_contact_author.identifier_ORCID   0000-0003-0757-7462 
# 
loop_
_pdbx_nonpoly_scheme.asym_id 
_pdbx_nonpoly_scheme.entity_id 
_pdbx_nonpoly_scheme.mon_id 
_pdbx_nonpoly_scheme.ndb_seq_num 
_pdbx_nonpoly_scheme.pdb_seq_num 
_pdbx_nonpoly_scheme.auth_seq_num 
_pdbx_nonpoly_scheme.pdb_mon_id 
_pdbx_nonpoly_scheme.auth_mon_id 
_pdbx_nonpoly_scheme.pdb_strand_id 
_pdbx_nonpoly_scheme.pdb_ins_code 
B 2 HOH 1  301 301 HOH HOH D . 
B 2 HOH 2  302 302 HOH HOH D . 
B 2 HOH 3  303 303 HOH HOH D . 
B 2 HOH 4  304 304 HOH HOH D . 
B 2 HOH 5  305 305 HOH HOH D . 
B 2 HOH 6  306 306 HOH HOH D . 
B 2 HOH 7  307 307 HOH HOH D . 
B 2 HOH 8  308 308 HOH HOH D . 
B 2 HOH 9  309 309 HOH HOH D . 
B 2 HOH 10 310 310 HOH HOH D . 
B 2 HOH 11 311 311 HOH HOH D . 
B 2 HOH 12 312 312 HOH HOH D . 
B 2 HOH 13 313 313 HOH HOH D . 
B 2 HOH 14 314 314 HOH HOH D . 
B 2 HOH 15 315 315 HOH HOH D . 
B 2 HOH 16 316 316 HOH HOH D . 
B 2 HOH 17 317 317 HOH HOH D . 
B 2 HOH 18 318 318 HOH HOH D . 
B 2 HOH 19 319 319 HOH HOH D . 
B 2 HOH 20 320 320 HOH HOH D . 
B 2 HOH 21 321 321 HOH HOH D . 
B 2 HOH 22 322 322 HOH HOH D . 
B 2 HOH 23 323 323 HOH HOH D . 
B 2 HOH 24 324 324 HOH HOH D . 
B 2 HOH 25 325 325 HOH HOH D . 
B 2 HOH 26 326 326 HOH HOH D . 
B 2 HOH 27 327 327 HOH HOH D . 
B 2 HOH 28 328 328 HOH HOH D . 
B 2 HOH 29 329 329 HOH HOH D . 
B 2 HOH 30 330 330 HOH HOH D . 
# 
_pdbx_struct_assembly.id                   1 
_pdbx_struct_assembly.details              software_defined_assembly 
_pdbx_struct_assembly.method_details       PISA 
_pdbx_struct_assembly.oligomeric_details   dimeric 
_pdbx_struct_assembly.oligomeric_count     2 
# 
_pdbx_struct_assembly_gen.assembly_id       1 
_pdbx_struct_assembly_gen.oper_expression   1,2 
_pdbx_struct_assembly_gen.asym_id_list      A,B 
# 
loop_
_pdbx_struct_assembly_prop.biol_id 
_pdbx_struct_assembly_prop.type 
_pdbx_struct_assembly_prop.value 
_pdbx_struct_assembly_prop.details 
1 'ABSA (A^2)' 1660  ? 
1 MORE         -12   ? 
1 'SSA (A^2)'  12250 ? 
# 
loop_
_pdbx_struct_oper_list.id 
_pdbx_struct_oper_list.type 
_pdbx_struct_oper_list.name 
_pdbx_struct_oper_list.symmetry_operation 
_pdbx_struct_oper_list.matrix[1][1] 
_pdbx_struct_oper_list.matrix[1][2] 
_pdbx_struct_oper_list.matrix[1][3] 
_pdbx_struct_oper_list.vector[1] 
_pdbx_struct_oper_list.matrix[2][1] 
_pdbx_struct_oper_list.matrix[2][2] 
_pdbx_struct_oper_list.matrix[2][3] 
_pdbx_struct_oper_list.vector[2] 
_pdbx_struct_oper_list.matrix[3][1] 
_pdbx_struct_oper_list.matrix[3][2] 
_pdbx_struct_oper_list.matrix[3][3] 
_pdbx_struct_oper_list.vector[3] 
1 'identity operation'         1_555 x,y,z        1.0000000000  0.0000000000 0.0000000000  0.0000000000 0.0000000000 1.0000000000  0.0000000000  0.0000000000   0.0000000000  0.0000000000  1.0000000000 0.0000000000  
2 'crystal symmetry operation' 8_554 -y,-x,-z-1/2 -0.9977269072 0.0128207886 -0.0661562250 4.0116399539 0.0128207886 -0.9276876787 -0.3731369698 -26.2158161510 -0.0661562250 -0.3731369698 0.9254145858 -4.9426732888 
# 
loop_
_pdbx_audit_revision_history.ordinal 
_pdbx_audit_revision_history.data_content_type 
_pdbx_audit_revision_history.major_revision 
_pdbx_audit_revision_history.minor_revision 
_pdbx_audit_revision_history.revision_date 
1 'Structure model' 1 0 2023-10-11 
2 'Structure model' 1 1 2023-11-01 
3 'Structure model' 1 2 2023-11-08 
4 'Structure model' 1 3 2023-11-29 
# 
_pdbx_audit_revision_details.ordinal             1 
_pdbx_audit_revision_details.revision_ordinal    1 
_pdbx_audit_revision_details.data_content_type   'Structure model' 
_pdbx_audit_revision_details.provider            repository 
_pdbx_audit_revision_details.type                'Initial release' 
_pdbx_audit_revision_details.description         ? 
_pdbx_audit_revision_details.details             ? 
# 
loop_
_pdbx_audit_revision_group.ordinal 
_pdbx_audit_revision_group.revision_ordinal 
_pdbx_audit_revision_group.data_content_type 
_pdbx_audit_revision_group.group 
1 2 'Structure model' 'Database references' 
2 3 'Structure model' 'Database references' 
3 4 'Structure model' 'Database references' 
# 
loop_
_pdbx_audit_revision_category.ordinal 
_pdbx_audit_revision_category.revision_ordinal 
_pdbx_audit_revision_category.data_content_type 
_pdbx_audit_revision_category.category 
1 2 'Structure model' citation        
2 2 'Structure model' citation_author 
3 3 'Structure model' citation        
4 3 'Structure model' citation_author 
5 4 'Structure model' citation        
# 
loop_
_pdbx_audit_revision_item.ordinal 
_pdbx_audit_revision_item.revision_ordinal 
_pdbx_audit_revision_item.data_content_type 
_pdbx_audit_revision_item.item 
1  2 'Structure model' '_citation.country'                 
2  2 'Structure model' '_citation.journal_abbrev'          
3  2 'Structure model' '_citation.journal_id_CSD'          
4  2 'Structure model' '_citation.journal_id_ISSN'         
5  2 'Structure model' '_citation.pdbx_database_id_DOI'    
6  2 'Structure model' '_citation.title'                   
7  2 'Structure model' '_citation.year'                    
8  3 'Structure model' '_citation.page_first'              
9  3 'Structure model' '_citation.page_last'               
10 3 'Structure model' '_citation.pdbx_database_id_PubMed' 
11 3 'Structure model' '_citation.title'                   
12 3 'Structure model' '_citation_author.identifier_ORCID' 
13 4 'Structure model' '_citation.journal_volume'          
# 
loop_
_software.citation_id 
_software.classification 
_software.compiler_name 
_software.compiler_version 
_software.contact_author 
_software.contact_author_email 
_software.date 
_software.description 
_software.dependencies 
_software.hardware 
_software.language 
_software.location 
_software.mods 
_software.name 
_software.os 
_software.os_version 
_software.type 
_software.version 
_software.pdbx_ordinal 
? refinement        ? ? ? ? ? ? ? ? ? ? ? REFMAC      ? ? ? 5.8.0267 1 
? 'data extraction' ? ? ? ? ? ? ? ? ? ? ? PDB_EXTRACT ? ? ? 3.27     2 
? 'data reduction'  ? ? ? ? ? ? ? ? ? ? ? XDS         ? ? ? .        3 
? 'data scaling'    ? ? ? ? ? ? ? ? ? ? ? Aimless     ? ? ? .        4 
? phasing           ? ? ? ? ? ? ? ? ? ? ? PHASER      ? ? ? .        5 
# 
loop_
_pdbx_validate_torsion.id 
_pdbx_validate_torsion.PDB_model_num 
_pdbx_validate_torsion.auth_comp_id 
_pdbx_validate_torsion.auth_asym_id 
_pdbx_validate_torsion.auth_seq_id 
_pdbx_validate_torsion.PDB_ins_code 
_pdbx_validate_torsion.label_alt_id 
_pdbx_validate_torsion.phi 
_pdbx_validate_torsion.psi 
1 1 ASN D 212 ? ? -166.37 -165.83 
2 1 ASP D 247 ? ? 55.54   17.96   
# 
loop_
_pdbx_unobs_or_zero_occ_residues.id 
_pdbx_unobs_or_zero_occ_residues.PDB_model_num 
_pdbx_unobs_or_zero_occ_residues.polymer_flag 
_pdbx_unobs_or_zero_occ_residues.occupancy_flag 
_pdbx_unobs_or_zero_occ_residues.auth_asym_id 
_pdbx_unobs_or_zero_occ_residues.auth_comp_id 
_pdbx_unobs_or_zero_occ_residues.auth_seq_id 
_pdbx_unobs_or_zero_occ_residues.PDB_ins_code 
_pdbx_unobs_or_zero_occ_residues.label_asym_id 
_pdbx_unobs_or_zero_occ_residues.label_comp_id 
_pdbx_unobs_or_zero_occ_residues.label_seq_id 
1  1 Y 1 D GLY 114 ? A GLY 1  
2  1 Y 1 D ALA 115 ? A ALA 2  
3  1 Y 1 D MET 116 ? A MET 3  
4  1 Y 1 D GLY 117 ? A GLY 4  
5  1 Y 1 D ALA 118 ? A ALA 5  
6  1 Y 1 D PRO 119 ? A PRO 6  
7  1 Y 1 D LYS 120 ? A LYS 7  
8  1 Y 1 D ILE 121 ? A ILE 8  
9  1 Y 1 D GLU 122 ? A GLU 9  
10 1 Y 1 D TYR 123 ? A TYR 10 
11 1 Y 1 D ILE 124 ? A ILE 11 
12 1 Y 1 D ALA 125 ? A ALA 12 
13 1 Y 1 D GLN 126 ? A GLN 13 
14 1 Y 1 D ARG 127 ? A ARG 14 
15 1 Y 1 D GLU 128 ? A GLU 15 
16 1 Y 1 D ARG 129 ? A ARG 16 
17 1 Y 1 D SER 130 ? A SER 17 
18 1 Y 1 D LYS 131 ? A LYS 18 
# 
loop_
_chem_comp_atom.comp_id 
_chem_comp_atom.atom_id 
_chem_comp_atom.type_symbol 
_chem_comp_atom.pdbx_aromatic_flag 
_chem_comp_atom.pdbx_stereo_config 
_chem_comp_atom.pdbx_ordinal 
ALA N    N N N 1   
ALA CA   C N S 2   
ALA C    C N N 3   
ALA O    O N N 4   
ALA CB   C N N 5   
ALA OXT  O N N 6   
ALA H    H N N 7   
ALA H2   H N N 8   
ALA HA   H N N 9   
ALA HB1  H N N 10  
ALA HB2  H N N 11  
ALA HB3  H N N 12  
ALA HXT  H N N 13  
ARG N    N N N 14  
ARG CA   C N S 15  
ARG C    C N N 16  
ARG O    O N N 17  
ARG CB   C N N 18  
ARG CG   C N N 19  
ARG CD   C N N 20  
ARG NE   N N N 21  
ARG CZ   C N N 22  
ARG NH1  N N N 23  
ARG NH2  N N N 24  
ARG OXT  O N N 25  
ARG H    H N N 26  
ARG H2   H N N 27  
ARG HA   H N N 28  
ARG HB2  H N N 29  
ARG HB3  H N N 30  
ARG HG2  H N N 31  
ARG HG3  H N N 32  
ARG HD2  H N N 33  
ARG HD3  H N N 34  
ARG HE   H N N 35  
ARG HH11 H N N 36  
ARG HH12 H N N 37  
ARG HH21 H N N 38  
ARG HH22 H N N 39  
ARG HXT  H N N 40  
ASN N    N N N 41  
ASN CA   C N S 42  
ASN C    C N N 43  
ASN O    O N N 44  
ASN CB   C N N 45  
ASN CG   C N N 46  
ASN OD1  O N N 47  
ASN ND2  N N N 48  
ASN OXT  O N N 49  
ASN H    H N N 50  
ASN H2   H N N 51  
ASN HA   H N N 52  
ASN HB2  H N N 53  
ASN HB3  H N N 54  
ASN HD21 H N N 55  
ASN HD22 H N N 56  
ASN HXT  H N N 57  
ASP N    N N N 58  
ASP CA   C N S 59  
ASP C    C N N 60  
ASP O    O N N 61  
ASP CB   C N N 62  
ASP CG   C N N 63  
ASP OD1  O N N 64  
ASP OD2  O N N 65  
ASP OXT  O N N 66  
ASP H    H N N 67  
ASP H2   H N N 68  
ASP HA   H N N 69  
ASP HB2  H N N 70  
ASP HB3  H N N 71  
ASP HD2  H N N 72  
ASP HXT  H N N 73  
GLN N    N N N 74  
GLN CA   C N S 75  
GLN C    C N N 76  
GLN O    O N N 77  
GLN CB   C N N 78  
GLN CG   C N N 79  
GLN CD   C N N 80  
GLN OE1  O N N 81  
GLN NE2  N N N 82  
GLN OXT  O N N 83  
GLN H    H N N 84  
GLN H2   H N N 85  
GLN HA   H N N 86  
GLN HB2  H N N 87  
GLN HB3  H N N 88  
GLN HG2  H N N 89  
GLN HG3  H N N 90  
GLN HE21 H N N 91  
GLN HE22 H N N 92  
GLN HXT  H N N 93  
GLU N    N N N 94  
GLU CA   C N S 95  
GLU C    C N N 96  
GLU O    O N N 97  
GLU CB   C N N 98  
GLU CG   C N N 99  
GLU CD   C N N 100 
GLU OE1  O N N 101 
GLU OE2  O N N 102 
GLU OXT  O N N 103 
GLU H    H N N 104 
GLU H2   H N N 105 
GLU HA   H N N 106 
GLU HB2  H N N 107 
GLU HB3  H N N 108 
GLU HG2  H N N 109 
GLU HG3  H N N 110 
GLU HE2  H N N 111 
GLU HXT  H N N 112 
GLY N    N N N 113 
GLY CA   C N N 114 
GLY C    C N N 115 
GLY O    O N N 116 
GLY OXT  O N N 117 
GLY H    H N N 118 
GLY H2   H N N 119 
GLY HA2  H N N 120 
GLY HA3  H N N 121 
GLY HXT  H N N 122 
HOH O    O N N 123 
HOH H1   H N N 124 
HOH H2   H N N 125 
ILE N    N N N 126 
ILE CA   C N S 127 
ILE C    C N N 128 
ILE O    O N N 129 
ILE CB   C N S 130 
ILE CG1  C N N 131 
ILE CG2  C N N 132 
ILE CD1  C N N 133 
ILE OXT  O N N 134 
ILE H    H N N 135 
ILE H2   H N N 136 
ILE HA   H N N 137 
ILE HB   H N N 138 
ILE HG12 H N N 139 
ILE HG13 H N N 140 
ILE HG21 H N N 141 
ILE HG22 H N N 142 
ILE HG23 H N N 143 
ILE HD11 H N N 144 
ILE HD12 H N N 145 
ILE HD13 H N N 146 
ILE HXT  H N N 147 
LEU N    N N N 148 
LEU CA   C N S 149 
LEU C    C N N 150 
LEU O    O N N 151 
LEU CB   C N N 152 
LEU CG   C N N 153 
LEU CD1  C N N 154 
LEU CD2  C N N 155 
LEU OXT  O N N 156 
LEU H    H N N 157 
LEU H2   H N N 158 
LEU HA   H N N 159 
LEU HB2  H N N 160 
LEU HB3  H N N 161 
LEU HG   H N N 162 
LEU HD11 H N N 163 
LEU HD12 H N N 164 
LEU HD13 H N N 165 
LEU HD21 H N N 166 
LEU HD22 H N N 167 
LEU HD23 H N N 168 
LEU HXT  H N N 169 
LYS N    N N N 170 
LYS CA   C N S 171 
LYS C    C N N 172 
LYS O    O N N 173 
LYS CB   C N N 174 
LYS CG   C N N 175 
LYS CD   C N N 176 
LYS CE   C N N 177 
LYS NZ   N N N 178 
LYS OXT  O N N 179 
LYS H    H N N 180 
LYS H2   H N N 181 
LYS HA   H N N 182 
LYS HB2  H N N 183 
LYS HB3  H N N 184 
LYS HG2  H N N 185 
LYS HG3  H N N 186 
LYS HD2  H N N 187 
LYS HD3  H N N 188 
LYS HE2  H N N 189 
LYS HE3  H N N 190 
LYS HZ1  H N N 191 
LYS HZ2  H N N 192 
LYS HZ3  H N N 193 
LYS HXT  H N N 194 
MET N    N N N 195 
MET CA   C N S 196 
MET C    C N N 197 
MET O    O N N 198 
MET CB   C N N 199 
MET CG   C N N 200 
MET SD   S N N 201 
MET CE   C N N 202 
MET OXT  O N N 203 
MET H    H N N 204 
MET H2   H N N 205 
MET HA   H N N 206 
MET HB2  H N N 207 
MET HB3  H N N 208 
MET HG2  H N N 209 
MET HG3  H N N 210 
MET HE1  H N N 211 
MET HE2  H N N 212 
MET HE3  H N N 213 
MET HXT  H N N 214 
PHE N    N N N 215 
PHE CA   C N S 216 
PHE C    C N N 217 
PHE O    O N N 218 
PHE CB   C N N 219 
PHE CG   C Y N 220 
PHE CD1  C Y N 221 
PHE CD2  C Y N 222 
PHE CE1  C Y N 223 
PHE CE2  C Y N 224 
PHE CZ   C Y N 225 
PHE OXT  O N N 226 
PHE H    H N N 227 
PHE H2   H N N 228 
PHE HA   H N N 229 
PHE HB2  H N N 230 
PHE HB3  H N N 231 
PHE HD1  H N N 232 
PHE HD2  H N N 233 
PHE HE1  H N N 234 
PHE HE2  H N N 235 
PHE HZ   H N N 236 
PHE HXT  H N N 237 
PRO N    N N N 238 
PRO CA   C N S 239 
PRO C    C N N 240 
PRO O    O N N 241 
PRO CB   C N N 242 
PRO CG   C N N 243 
PRO CD   C N N 244 
PRO OXT  O N N 245 
PRO H    H N N 246 
PRO HA   H N N 247 
PRO HB2  H N N 248 
PRO HB3  H N N 249 
PRO HG2  H N N 250 
PRO HG3  H N N 251 
PRO HD2  H N N 252 
PRO HD3  H N N 253 
PRO HXT  H N N 254 
SER N    N N N 255 
SER CA   C N S 256 
SER C    C N N 257 
SER O    O N N 258 
SER CB   C N N 259 
SER OG   O N N 260 
SER OXT  O N N 261 
SER H    H N N 262 
SER H2   H N N 263 
SER HA   H N N 264 
SER HB2  H N N 265 
SER HB3  H N N 266 
SER HG   H N N 267 
SER HXT  H N N 268 
THR N    N N N 269 
THR CA   C N S 270 
THR C    C N N 271 
THR O    O N N 272 
THR CB   C N R 273 
THR OG1  O N N 274 
THR CG2  C N N 275 
THR OXT  O N N 276 
THR H    H N N 277 
THR H2   H N N 278 
THR HA   H N N 279 
THR HB   H N N 280 
THR HG1  H N N 281 
THR HG21 H N N 282 
THR HG22 H N N 283 
THR HG23 H N N 284 
THR HXT  H N N 285 
TRP N    N N N 286 
TRP CA   C N S 287 
TRP C    C N N 288 
TRP O    O N N 289 
TRP CB   C N N 290 
TRP CG   C Y N 291 
TRP CD1  C Y N 292 
TRP CD2  C Y N 293 
TRP NE1  N Y N 294 
TRP CE2  C Y N 295 
TRP CE3  C Y N 296 
TRP CZ2  C Y N 297 
TRP CZ3  C Y N 298 
TRP CH2  C Y N 299 
TRP OXT  O N N 300 
TRP H    H N N 301 
TRP H2   H N N 302 
TRP HA   H N N 303 
TRP HB2  H N N 304 
TRP HB3  H N N 305 
TRP HD1  H N N 306 
TRP HE1  H N N 307 
TRP HE3  H N N 308 
TRP HZ2  H N N 309 
TRP HZ3  H N N 310 
TRP HH2  H N N 311 
TRP HXT  H N N 312 
TYR N    N N N 313 
TYR CA   C N S 314 
TYR C    C N N 315 
TYR O    O N N 316 
TYR CB   C N N 317 
TYR CG   C Y N 318 
TYR CD1  C Y N 319 
TYR CD2  C Y N 320 
TYR CE1  C Y N 321 
TYR CE2  C Y N 322 
TYR CZ   C Y N 323 
TYR OH   O N N 324 
TYR OXT  O N N 325 
TYR H    H N N 326 
TYR H2   H N N 327 
TYR HA   H N N 328 
TYR HB2  H N N 329 
TYR HB3  H N N 330 
TYR HD1  H N N 331 
TYR HD2  H N N 332 
TYR HE1  H N N 333 
TYR HE2  H N N 334 
TYR HH   H N N 335 
TYR HXT  H N N 336 
VAL N    N N N 337 
VAL CA   C N S 338 
VAL C    C N N 339 
VAL O    O N N 340 
VAL CB   C N N 341 
VAL CG1  C N N 342 
VAL CG2  C N N 343 
VAL OXT  O N N 344 
VAL H    H N N 345 
VAL H2   H N N 346 
VAL HA   H N N 347 
VAL HB   H N N 348 
VAL HG11 H N N 349 
VAL HG12 H N N 350 
VAL HG13 H N N 351 
VAL HG21 H N N 352 
VAL HG22 H N N 353 
VAL HG23 H N N 354 
VAL HXT  H N N 355 
# 
loop_
_chem_comp_bond.comp_id 
_chem_comp_bond.atom_id_1 
_chem_comp_bond.atom_id_2 
_chem_comp_bond.value_order 
_chem_comp_bond.pdbx_aromatic_flag 
_chem_comp_bond.pdbx_stereo_config 
_chem_comp_bond.pdbx_ordinal 
ALA N   CA   sing N N 1   
ALA N   H    sing N N 2   
ALA N   H2   sing N N 3   
ALA CA  C    sing N N 4   
ALA CA  CB   sing N N 5   
ALA CA  HA   sing N N 6   
ALA C   O    doub N N 7   
ALA C   OXT  sing N N 8   
ALA CB  HB1  sing N N 9   
ALA CB  HB2  sing N N 10  
ALA CB  HB3  sing N N 11  
ALA OXT HXT  sing N N 12  
ARG N   CA   sing N N 13  
ARG N   H    sing N N 14  
ARG N   H2   sing N N 15  
ARG CA  C    sing N N 16  
ARG CA  CB   sing N N 17  
ARG CA  HA   sing N N 18  
ARG C   O    doub N N 19  
ARG C   OXT  sing N N 20  
ARG CB  CG   sing N N 21  
ARG CB  HB2  sing N N 22  
ARG CB  HB3  sing N N 23  
ARG CG  CD   sing N N 24  
ARG CG  HG2  sing N N 25  
ARG CG  HG3  sing N N 26  
ARG CD  NE   sing N N 27  
ARG CD  HD2  sing N N 28  
ARG CD  HD3  sing N N 29  
ARG NE  CZ   sing N N 30  
ARG NE  HE   sing N N 31  
ARG CZ  NH1  sing N N 32  
ARG CZ  NH2  doub N N 33  
ARG NH1 HH11 sing N N 34  
ARG NH1 HH12 sing N N 35  
ARG NH2 HH21 sing N N 36  
ARG NH2 HH22 sing N N 37  
ARG OXT HXT  sing N N 38  
ASN N   CA   sing N N 39  
ASN N   H    sing N N 40  
ASN N   H2   sing N N 41  
ASN CA  C    sing N N 42  
ASN CA  CB   sing N N 43  
ASN CA  HA   sing N N 44  
ASN C   O    doub N N 45  
ASN C   OXT  sing N N 46  
ASN CB  CG   sing N N 47  
ASN CB  HB2  sing N N 48  
ASN CB  HB3  sing N N 49  
ASN CG  OD1  doub N N 50  
ASN CG  ND2  sing N N 51  
ASN ND2 HD21 sing N N 52  
ASN ND2 HD22 sing N N 53  
ASN OXT HXT  sing N N 54  
ASP N   CA   sing N N 55  
ASP N   H    sing N N 56  
ASP N   H2   sing N N 57  
ASP CA  C    sing N N 58  
ASP CA  CB   sing N N 59  
ASP CA  HA   sing N N 60  
ASP C   O    doub N N 61  
ASP C   OXT  sing N N 62  
ASP CB  CG   sing N N 63  
ASP CB  HB2  sing N N 64  
ASP CB  HB3  sing N N 65  
ASP CG  OD1  doub N N 66  
ASP CG  OD2  sing N N 67  
ASP OD2 HD2  sing N N 68  
ASP OXT HXT  sing N N 69  
GLN N   CA   sing N N 70  
GLN N   H    sing N N 71  
GLN N   H2   sing N N 72  
GLN CA  C    sing N N 73  
GLN CA  CB   sing N N 74  
GLN CA  HA   sing N N 75  
GLN C   O    doub N N 76  
GLN C   OXT  sing N N 77  
GLN CB  CG   sing N N 78  
GLN CB  HB2  sing N N 79  
GLN CB  HB3  sing N N 80  
GLN CG  CD   sing N N 81  
GLN CG  HG2  sing N N 82  
GLN CG  HG3  sing N N 83  
GLN CD  OE1  doub N N 84  
GLN CD  NE2  sing N N 85  
GLN NE2 HE21 sing N N 86  
GLN NE2 HE22 sing N N 87  
GLN OXT HXT  sing N N 88  
GLU N   CA   sing N N 89  
GLU N   H    sing N N 90  
GLU N   H2   sing N N 91  
GLU CA  C    sing N N 92  
GLU CA  CB   sing N N 93  
GLU CA  HA   sing N N 94  
GLU C   O    doub N N 95  
GLU C   OXT  sing N N 96  
GLU CB  CG   sing N N 97  
GLU CB  HB2  sing N N 98  
GLU CB  HB3  sing N N 99  
GLU CG  CD   sing N N 100 
GLU CG  HG2  sing N N 101 
GLU CG  HG3  sing N N 102 
GLU CD  OE1  doub N N 103 
GLU CD  OE2  sing N N 104 
GLU OE2 HE2  sing N N 105 
GLU OXT HXT  sing N N 106 
GLY N   CA   sing N N 107 
GLY N   H    sing N N 108 
GLY N   H2   sing N N 109 
GLY CA  C    sing N N 110 
GLY CA  HA2  sing N N 111 
GLY CA  HA3  sing N N 112 
GLY C   O    doub N N 113 
GLY C   OXT  sing N N 114 
GLY OXT HXT  sing N N 115 
HOH O   H1   sing N N 116 
HOH O   H2   sing N N 117 
ILE N   CA   sing N N 118 
ILE N   H    sing N N 119 
ILE N   H2   sing N N 120 
ILE CA  C    sing N N 121 
ILE CA  CB   sing N N 122 
ILE CA  HA   sing N N 123 
ILE C   O    doub N N 124 
ILE C   OXT  sing N N 125 
ILE CB  CG1  sing N N 126 
ILE CB  CG2  sing N N 127 
ILE CB  HB   sing N N 128 
ILE CG1 CD1  sing N N 129 
ILE CG1 HG12 sing N N 130 
ILE CG1 HG13 sing N N 131 
ILE CG2 HG21 sing N N 132 
ILE CG2 HG22 sing N N 133 
ILE CG2 HG23 sing N N 134 
ILE CD1 HD11 sing N N 135 
ILE CD1 HD12 sing N N 136 
ILE CD1 HD13 sing N N 137 
ILE OXT HXT  sing N N 138 
LEU N   CA   sing N N 139 
LEU N   H    sing N N 140 
LEU N   H2   sing N N 141 
LEU CA  C    sing N N 142 
LEU CA  CB   sing N N 143 
LEU CA  HA   sing N N 144 
LEU C   O    doub N N 145 
LEU C   OXT  sing N N 146 
LEU CB  CG   sing N N 147 
LEU CB  HB2  sing N N 148 
LEU CB  HB3  sing N N 149 
LEU CG  CD1  sing N N 150 
LEU CG  CD2  sing N N 151 
LEU CG  HG   sing N N 152 
LEU CD1 HD11 sing N N 153 
LEU CD1 HD12 sing N N 154 
LEU CD1 HD13 sing N N 155 
LEU CD2 HD21 sing N N 156 
LEU CD2 HD22 sing N N 157 
LEU CD2 HD23 sing N N 158 
LEU OXT HXT  sing N N 159 
LYS N   CA   sing N N 160 
LYS N   H    sing N N 161 
LYS N   H2   sing N N 162 
LYS CA  C    sing N N 163 
LYS CA  CB   sing N N 164 
LYS CA  HA   sing N N 165 
LYS C   O    doub N N 166 
LYS C   OXT  sing N N 167 
LYS CB  CG   sing N N 168 
LYS CB  HB2  sing N N 169 
LYS CB  HB3  sing N N 170 
LYS CG  CD   sing N N 171 
LYS CG  HG2  sing N N 172 
LYS CG  HG3  sing N N 173 
LYS CD  CE   sing N N 174 
LYS CD  HD2  sing N N 175 
LYS CD  HD3  sing N N 176 
LYS CE  NZ   sing N N 177 
LYS CE  HE2  sing N N 178 
LYS CE  HE3  sing N N 179 
LYS NZ  HZ1  sing N N 180 
LYS NZ  HZ2  sing N N 181 
LYS NZ  HZ3  sing N N 182 
LYS OXT HXT  sing N N 183 
MET N   CA   sing N N 184 
MET N   H    sing N N 185 
MET N   H2   sing N N 186 
MET CA  C    sing N N 187 
MET CA  CB   sing N N 188 
MET CA  HA   sing N N 189 
MET C   O    doub N N 190 
MET C   OXT  sing N N 191 
MET CB  CG   sing N N 192 
MET CB  HB2  sing N N 193 
MET CB  HB3  sing N N 194 
MET CG  SD   sing N N 195 
MET CG  HG2  sing N N 196 
MET CG  HG3  sing N N 197 
MET SD  CE   sing N N 198 
MET CE  HE1  sing N N 199 
MET CE  HE2  sing N N 200 
MET CE  HE3  sing N N 201 
MET OXT HXT  sing N N 202 
PHE N   CA   sing N N 203 
PHE N   H    sing N N 204 
PHE N   H2   sing N N 205 
PHE CA  C    sing N N 206 
PHE CA  CB   sing N N 207 
PHE CA  HA   sing N N 208 
PHE C   O    doub N N 209 
PHE C   OXT  sing N N 210 
PHE CB  CG   sing N N 211 
PHE CB  HB2  sing N N 212 
PHE CB  HB3  sing N N 213 
PHE CG  CD1  doub Y N 214 
PHE CG  CD2  sing Y N 215 
PHE CD1 CE1  sing Y N 216 
PHE CD1 HD1  sing N N 217 
PHE CD2 CE2  doub Y N 218 
PHE CD2 HD2  sing N N 219 
PHE CE1 CZ   doub Y N 220 
PHE CE1 HE1  sing N N 221 
PHE CE2 CZ   sing Y N 222 
PHE CE2 HE2  sing N N 223 
PHE CZ  HZ   sing N N 224 
PHE OXT HXT  sing N N 225 
PRO N   CA   sing N N 226 
PRO N   CD   sing N N 227 
PRO N   H    sing N N 228 
PRO CA  C    sing N N 229 
PRO CA  CB   sing N N 230 
PRO CA  HA   sing N N 231 
PRO C   O    doub N N 232 
PRO C   OXT  sing N N 233 
PRO CB  CG   sing N N 234 
PRO CB  HB2  sing N N 235 
PRO CB  HB3  sing N N 236 
PRO CG  CD   sing N N 237 
PRO CG  HG2  sing N N 238 
PRO CG  HG3  sing N N 239 
PRO CD  HD2  sing N N 240 
PRO CD  HD3  sing N N 241 
PRO OXT HXT  sing N N 242 
SER N   CA   sing N N 243 
SER N   H    sing N N 244 
SER N   H2   sing N N 245 
SER CA  C    sing N N 246 
SER CA  CB   sing N N 247 
SER CA  HA   sing N N 248 
SER C   O    doub N N 249 
SER C   OXT  sing N N 250 
SER CB  OG   sing N N 251 
SER CB  HB2  sing N N 252 
SER CB  HB3  sing N N 253 
SER OG  HG   sing N N 254 
SER OXT HXT  sing N N 255 
THR N   CA   sing N N 256 
THR N   H    sing N N 257 
THR N   H2   sing N N 258 
THR CA  C    sing N N 259 
THR CA  CB   sing N N 260 
THR CA  HA   sing N N 261 
THR C   O    doub N N 262 
THR C   OXT  sing N N 263 
THR CB  OG1  sing N N 264 
THR CB  CG2  sing N N 265 
THR CB  HB   sing N N 266 
THR OG1 HG1  sing N N 267 
THR CG2 HG21 sing N N 268 
THR CG2 HG22 sing N N 269 
THR CG2 HG23 sing N N 270 
THR OXT HXT  sing N N 271 
TRP N   CA   sing N N 272 
TRP N   H    sing N N 273 
TRP N   H2   sing N N 274 
TRP CA  C    sing N N 275 
TRP CA  CB   sing N N 276 
TRP CA  HA   sing N N 277 
TRP C   O    doub N N 278 
TRP C   OXT  sing N N 279 
TRP CB  CG   sing N N 280 
TRP CB  HB2  sing N N 281 
TRP CB  HB3  sing N N 282 
TRP CG  CD1  doub Y N 283 
TRP CG  CD2  sing Y N 284 
TRP CD1 NE1  sing Y N 285 
TRP CD1 HD1  sing N N 286 
TRP CD2 CE2  doub Y N 287 
TRP CD2 CE3  sing Y N 288 
TRP NE1 CE2  sing Y N 289 
TRP NE1 HE1  sing N N 290 
TRP CE2 CZ2  sing Y N 291 
TRP CE3 CZ3  doub Y N 292 
TRP CE3 HE3  sing N N 293 
TRP CZ2 CH2  doub Y N 294 
TRP CZ2 HZ2  sing N N 295 
TRP CZ3 CH2  sing Y N 296 
TRP CZ3 HZ3  sing N N 297 
TRP CH2 HH2  sing N N 298 
TRP OXT HXT  sing N N 299 
TYR N   CA   sing N N 300 
TYR N   H    sing N N 301 
TYR N   H2   sing N N 302 
TYR CA  C    sing N N 303 
TYR CA  CB   sing N N 304 
TYR CA  HA   sing N N 305 
TYR C   O    doub N N 306 
TYR C   OXT  sing N N 307 
TYR CB  CG   sing N N 308 
TYR CB  HB2  sing N N 309 
TYR CB  HB3  sing N N 310 
TYR CG  CD1  doub Y N 311 
TYR CG  CD2  sing Y N 312 
TYR CD1 CE1  sing Y N 313 
TYR CD1 HD1  sing N N 314 
TYR CD2 CE2  doub Y N 315 
TYR CD2 HD2  sing N N 316 
TYR CE1 CZ   doub Y N 317 
TYR CE1 HE1  sing N N 318 
TYR CE2 CZ   sing Y N 319 
TYR CE2 HE2  sing N N 320 
TYR CZ  OH   sing N N 321 
TYR OH  HH   sing N N 322 
TYR OXT HXT  sing N N 323 
VAL N   CA   sing N N 324 
VAL N   H    sing N N 325 
VAL N   H2   sing N N 326 
VAL CA  C    sing N N 327 
VAL CA  CB   sing N N 328 
VAL CA  HA   sing N N 329 
VAL C   O    doub N N 330 
VAL C   OXT  sing N N 331 
VAL CB  CG1  sing N N 332 
VAL CB  CG2  sing N N 333 
VAL CB  HB   sing N N 334 
VAL CG1 HG11 sing N N 335 
VAL CG1 HG12 sing N N 336 
VAL CG1 HG13 sing N N 337 
VAL CG2 HG21 sing N N 338 
VAL CG2 HG22 sing N N 339 
VAL CG2 HG23 sing N N 340 
VAL OXT HXT  sing N N 341 
# 
_pdbx_audit_support.funding_organization   'Other government' 
_pdbx_audit_support.country                Latvia 
_pdbx_audit_support.grant_number           lzp-2020/2-0378 
_pdbx_audit_support.ordinal                1 
# 
_pdbx_entity_nonpoly.entity_id   2 
_pdbx_entity_nonpoly.name        water 
_pdbx_entity_nonpoly.comp_id     HOH 
# 
_pdbx_initial_refinement_model.id               1 
_pdbx_initial_refinement_model.entity_id_list   ? 
_pdbx_initial_refinement_model.type             'experimental model' 
_pdbx_initial_refinement_model.source_name      PDB 
_pdbx_initial_refinement_model.accession_code   8P32 
_pdbx_initial_refinement_model.details          ? 
# 
_pdbx_struct_assembly_auth_evidence.id                     1 
_pdbx_struct_assembly_auth_evidence.assembly_id            1 
_pdbx_struct_assembly_auth_evidence.experimental_support   'gel filtration' 
_pdbx_struct_assembly_auth_evidence.details                ? 
# 
